data_8DN5
#
_entry.id   8DN5
#
_cell.length_a   1.00
_cell.length_b   1.00
_cell.length_c   1.00
_cell.angle_alpha   90.00
_cell.angle_beta   90.00
_cell.angle_gamma   90.00
#
_symmetry.space_group_name_H-M   'P 1'
#
loop_
_entity.id
_entity.type
_entity.pdbx_description
1 polymer 'Glycine receptor subunit alpha-1'
2 polymer 'Glycine receptor subunit beta,Green fluorescent protein,Glycine receptor beta'
3 non-polymer GLYCINE
4 non-polymer 2-acetamido-2-deoxy-beta-D-glucopyranose
5 non-polymer nonane
6 non-polymer HEPTANE
7 non-polymer HEXANE
8 non-polymer UNDECANE
9 non-polymer N-BUTANE
10 non-polymer DECANE
11 non-polymer N-OCTANE
#
loop_
_entity_poly.entity_id
_entity_poly.type
_entity_poly.pdbx_seq_one_letter_code
_entity_poly.pdbx_strand_id
1 'polypeptide(L)'
;ARSAPKPMSPSDFLDKLMGRTSGYDARIRPNFKGPPVNVSCNIFINSFGSIAETTMDYRVNIFLRQQWNDPRLAYNEYPD
DSLDLDPSMLDSIWKPDLFFANEKGAHFHEITTDNKLLRISRNGNVLYSIRITLTLACPMDLKNFPMDVQTCIMQLESFG
YTMNDLIFEWQEQGAVQVADGLTLPQFILKEEKDLRYCTKHYNTGKFTCIEARFHLERQMGYYLIQMYIPSLLIVILSWI
SFWINMDAAPARVGLGITTVLTMTTQSSGSRASLPKVSYVKAIDIWMAVCLLFVFSALLEYAAVNFVSRQHKELLGSSGE
EMRKLFIQRAKKIDKISRIGFPMAFLIFNMFYWIIYKIVRREDVHNQ
;
D,A,B,C
2 'polypeptide(L)'
;KSSKKGKGKKKQYLCPSQQSAEDLARVPANSTSNILNRLLVSYDPRIRPNFKGIPVDVVVNIFINSFGSIQETTMDYRVN
IFLRQKWNDPRLKLPSDFRGSDALTVDPTMYKCLWKPDLFFANEKSANFHDVTQENILLFIFRDGDVLVSMRLSITLSCP
LDLTLFPMDTQRCKMQLESFGYTTDDLRFIWQSGDPVQLEKIALPQFDIKKEDIEYGNCTKYYKGTGYYTCVEVIFTLRR
QVGFYMMGVYAPTLLIVVLSWLSFWINPDASAARVPLGIFSVLSLASECTTLAAELPKVSYVKALDVWLIACLLFGFASL
VEYAVVQVMLNGGSSAAAVSKGEELFTGVVPILVELDGDVNGHKFSVSGEGEGDATYGKLTLKFICTTGKLPVPWPTLVT
TFSYGVQCFSRYPDHMKQHDFFKSAMPEGYVQERTIFFKDDGNYKTRAEVKFEGDTLVNRIELKGIDFKEDGNILGHKLE
YNYNSHNVYIMADKQKNGIKVNFKIRHNIEDGSVQLADHYQQNTPIGDGPVLLPDNHYLSTQSALSKDPNEKRDHMVLLE
FVTAAGITHGMDELYKSGSGSGVGETRCKKVCTSKSDLRSNDFSIVGSLPRDFELSNYDCYGKPIEVNNGLGKSQAKNNK
KPPPAKPVIPTAAKRIDLYARALFPFCFLFFNVIYWSIYL
;
E
#
loop_
_chem_comp.id
_chem_comp.type
_chem_comp.name
_chem_comp.formula
D10 non-polymer DECANE 'C10 H22'
DD9 non-polymer nonane 'C9 H20'
HEX non-polymer HEXANE 'C6 H14'
HP6 non-polymer HEPTANE 'C7 H16'
NAG D-saccharide, beta linking 2-acetamido-2-deoxy-beta-D-glucopyranose 'C8 H15 N O6'
NBU non-polymer N-BUTANE 'C4 H10'
OCT non-polymer N-OCTANE 'C8 H18'
UND non-polymer UNDECANE 'C11 H24'
#
# COMPACT_ATOMS: atom_id res chain seq x y z
N MET A 8 -3.38 36.62 -44.50
CA MET A 8 -2.57 36.47 -43.30
C MET A 8 -3.38 35.93 -42.14
N SER A 9 -4.48 35.25 -42.46
CA SER A 9 -5.34 34.70 -41.42
C SER A 9 -4.59 33.64 -40.63
N PRO A 10 -4.71 33.63 -39.30
CA PRO A 10 -4.01 32.60 -38.50
C PRO A 10 -4.41 31.18 -38.87
N SER A 11 -5.67 30.95 -39.21
CA SER A 11 -6.10 29.62 -39.59
C SER A 11 -5.42 29.15 -40.87
N ASP A 12 -5.33 30.04 -41.86
CA ASP A 12 -4.68 29.67 -43.12
C ASP A 12 -3.18 29.47 -42.93
N PHE A 13 -2.54 30.33 -42.14
CA PHE A 13 -1.09 30.24 -41.97
C PHE A 13 -0.68 28.95 -41.27
N LEU A 14 -1.43 28.56 -40.24
CA LEU A 14 -1.10 27.33 -39.52
C LEU A 14 -1.24 26.12 -40.44
N ASP A 15 -2.30 26.06 -41.24
CA ASP A 15 -2.48 24.95 -42.17
C ASP A 15 -1.39 24.94 -43.23
N LYS A 16 -1.00 26.12 -43.72
CA LYS A 16 0.06 26.18 -44.72
C LYS A 16 1.40 25.73 -44.14
N LEU A 17 1.68 26.08 -42.88
CA LEU A 17 2.95 25.72 -42.29
C LEU A 17 3.00 24.23 -41.94
N MET A 18 1.90 23.68 -41.42
CA MET A 18 1.81 22.24 -41.22
C MET A 18 0.35 21.81 -41.37
N GLY A 19 0.16 20.56 -41.80
CA GLY A 19 -1.17 19.98 -41.92
C GLY A 19 -1.51 19.61 -43.35
N ARG A 20 -2.77 19.84 -43.72
CA ARG A 20 -3.30 19.40 -45.01
C ARG A 20 -2.58 20.05 -46.18
N THR A 21 -2.71 21.37 -46.31
CA THR A 21 -2.11 22.10 -47.44
C THR A 21 -0.71 22.58 -47.12
N SER A 22 0.14 21.66 -46.69
CA SER A 22 1.51 22.00 -46.32
C SER A 22 2.55 21.13 -47.00
N GLY A 23 2.25 19.85 -47.21
CA GLY A 23 3.28 18.94 -47.69
C GLY A 23 4.28 18.53 -46.65
N TYR A 24 4.00 18.80 -45.37
CA TYR A 24 4.91 18.48 -44.28
C TYR A 24 4.61 17.06 -43.81
N ASP A 25 5.50 16.13 -44.13
CA ASP A 25 5.37 14.75 -43.69
C ASP A 25 6.00 14.62 -42.31
N ALA A 26 5.18 14.46 -41.28
CA ALA A 26 5.68 14.37 -39.92
C ALA A 26 6.14 12.95 -39.60
N ARG A 27 6.96 12.38 -40.48
CA ARG A 27 7.55 11.06 -40.24
C ARG A 27 9.01 10.97 -40.61
N ILE A 28 9.59 11.98 -41.25
CA ILE A 28 11.00 11.99 -41.62
C ILE A 28 11.71 13.06 -40.80
N ARG A 29 12.86 12.71 -40.25
CA ARG A 29 13.58 13.62 -39.39
C ARG A 29 14.10 14.83 -40.18
N PRO A 30 14.31 15.96 -39.53
CA PRO A 30 14.91 17.11 -40.21
C PRO A 30 16.31 16.77 -40.71
N ASN A 31 16.67 17.37 -41.85
CA ASN A 31 17.94 17.09 -42.52
C ASN A 31 18.06 15.60 -42.83
N PHE A 32 17.00 15.04 -43.39
CA PHE A 32 16.97 13.62 -43.72
C PHE A 32 18.01 13.30 -44.79
N LYS A 33 18.57 12.09 -44.70
CA LYS A 33 19.65 11.65 -45.58
C LYS A 33 20.81 12.62 -45.54
N GLY A 34 21.15 13.08 -44.34
CA GLY A 34 22.23 14.02 -44.14
C GLY A 34 22.79 13.97 -42.73
N PRO A 35 23.32 15.10 -42.27
CA PRO A 35 23.87 15.13 -40.92
C PRO A 35 22.78 14.92 -39.89
N PRO A 36 23.11 14.28 -38.73
CA PRO A 36 22.14 14.10 -37.67
C PRO A 36 21.77 15.45 -37.06
N VAL A 37 20.56 15.51 -36.46
CA VAL A 37 20.04 16.78 -35.87
C VAL A 37 20.34 16.84 -34.37
N ASN A 38 21.00 17.90 -33.92
CA ASN A 38 21.30 18.08 -32.48
C ASN A 38 20.00 18.36 -31.73
N VAL A 39 19.88 17.89 -30.48
CA VAL A 39 18.68 18.21 -29.66
C VAL A 39 19.18 18.73 -28.30
N SER A 40 19.38 20.04 -28.17
CA SER A 40 19.93 20.62 -26.96
C SER A 40 18.88 20.54 -25.87
N CYS A 41 19.21 19.88 -24.76
CA CYS A 41 18.26 19.61 -23.69
C CYS A 41 18.68 20.36 -22.43
N ASN A 42 17.68 20.74 -21.62
CA ASN A 42 17.94 21.37 -20.34
C ASN A 42 16.73 21.18 -19.44
N ILE A 43 16.88 20.38 -18.39
CA ILE A 43 15.80 20.05 -17.47
C ILE A 43 15.65 21.16 -16.44
N PHE A 44 14.57 21.11 -15.68
CA PHE A 44 14.31 22.07 -14.60
C PHE A 44 13.61 21.32 -13.48
N ILE A 45 14.30 21.15 -12.35
CA ILE A 45 13.77 20.36 -11.25
C ILE A 45 12.70 21.15 -10.53
N ASN A 46 11.44 20.85 -10.81
CA ASN A 46 10.34 21.60 -10.21
C ASN A 46 10.14 21.21 -8.75
N SER A 47 10.21 19.92 -8.43
CA SER A 47 10.02 19.48 -7.06
C SER A 47 10.73 18.14 -6.88
N PHE A 48 11.78 18.12 -6.08
CA PHE A 48 12.56 16.94 -5.82
C PHE A 48 12.06 16.29 -4.52
N GLY A 49 12.51 15.07 -4.24
CA GLY A 49 12.21 14.46 -2.96
C GLY A 49 11.66 13.06 -3.13
N SER A 50 11.01 12.58 -2.07
CA SER A 50 10.47 11.21 -1.99
C SER A 50 11.58 10.19 -2.24
N ILE A 51 12.66 10.31 -1.46
CA ILE A 51 13.84 9.46 -1.63
C ILE A 51 13.68 8.21 -0.79
N ALA A 52 13.07 7.18 -1.37
CA ALA A 52 12.90 5.92 -0.66
C ALA A 52 14.22 5.16 -0.57
N GLU A 53 14.42 4.50 0.57
CA GLU A 53 15.60 3.68 0.77
C GLU A 53 15.37 2.22 0.41
N THR A 54 14.18 1.68 0.70
CA THR A 54 13.90 0.28 0.45
C THR A 54 13.93 -0.05 -1.03
N THR A 55 13.32 0.80 -1.86
CA THR A 55 13.20 0.54 -3.28
C THR A 55 14.31 1.17 -4.11
N MET A 56 15.26 1.87 -3.47
CA MET A 56 16.41 2.45 -4.15
C MET A 56 15.99 3.40 -5.27
N ASP A 57 14.91 4.15 -5.04
CA ASP A 57 14.37 5.02 -6.07
C ASP A 57 14.02 6.38 -5.47
N TYR A 58 14.00 7.40 -6.33
CA TYR A 58 13.62 8.75 -5.95
C TYR A 58 12.73 9.33 -7.02
N ARG A 59 11.77 10.15 -6.60
CA ARG A 59 10.80 10.75 -7.51
C ARG A 59 11.21 12.18 -7.81
N VAL A 60 11.39 12.48 -9.09
CA VAL A 60 11.72 13.82 -9.55
C VAL A 60 10.62 14.30 -10.48
N ASN A 61 10.27 15.58 -10.36
CA ASN A 61 9.24 16.21 -11.19
C ASN A 61 9.95 17.22 -12.09
N ILE A 62 10.39 16.78 -13.26
CA ILE A 62 11.20 17.67 -14.14
C ILE A 62 10.31 18.60 -14.95
N PHE A 63 10.87 19.23 -15.99
CA PHE A 63 10.12 20.11 -16.92
C PHE A 63 10.91 20.03 -18.22
N LEU A 64 11.28 18.81 -18.62
CA LEU A 64 12.17 18.61 -19.80
C LEU A 64 11.93 19.57 -20.94
N ARG A 65 12.96 20.32 -21.35
CA ARG A 65 12.90 21.13 -22.55
C ARG A 65 13.90 20.61 -23.57
N GLN A 66 13.62 20.87 -24.84
CA GLN A 66 14.56 20.53 -25.91
C GLN A 66 14.25 21.39 -27.12
N GLN A 67 15.30 21.78 -27.85
CA GLN A 67 15.15 22.65 -29.02
C GLN A 67 16.08 22.14 -30.13
N TRP A 68 15.49 21.50 -31.14
CA TRP A 68 16.21 21.04 -32.31
C TRP A 68 16.07 22.08 -33.42
N ASN A 69 16.46 21.72 -34.65
CA ASN A 69 16.40 22.60 -35.80
C ASN A 69 15.73 21.86 -36.95
N ASP A 70 14.51 22.26 -37.28
CA ASP A 70 13.79 21.70 -38.42
C ASP A 70 13.75 22.72 -39.54
N PRO A 71 14.52 22.54 -40.62
CA PRO A 71 14.60 23.58 -41.65
C PRO A 71 13.31 23.79 -42.42
N ARG A 72 12.41 22.80 -42.47
CA ARG A 72 11.18 22.91 -43.25
C ARG A 72 10.02 23.50 -42.45
N LEU A 73 10.32 24.21 -41.36
CA LEU A 73 9.30 24.91 -40.59
C LEU A 73 9.49 26.42 -40.59
N ALA A 74 10.39 26.94 -41.42
CA ALA A 74 10.62 28.37 -41.48
C ALA A 74 9.42 29.09 -42.09
N TYR A 75 9.16 30.30 -41.62
CA TYR A 75 8.05 31.10 -42.10
C TYR A 75 8.54 32.52 -42.37
N ASN A 76 7.81 33.21 -43.27
CA ASN A 76 8.16 34.56 -43.65
C ASN A 76 7.04 35.57 -43.52
N GLU A 77 5.82 35.13 -43.21
CA GLU A 77 4.68 36.05 -43.16
C GLU A 77 4.72 36.90 -41.88
N TYR A 78 4.63 36.24 -40.73
CA TYR A 78 4.61 36.96 -39.46
C TYR A 78 5.97 37.59 -39.19
N PRO A 79 6.01 38.87 -38.82
CA PRO A 79 7.30 39.51 -38.48
C PRO A 79 7.86 39.08 -37.14
N ASP A 80 7.07 38.41 -36.29
CA ASP A 80 7.55 37.97 -35.00
C ASP A 80 8.54 36.82 -35.17
N ASP A 81 9.45 36.69 -34.20
CA ASP A 81 10.47 35.65 -34.20
C ASP A 81 10.09 34.47 -33.32
N SER A 82 9.66 34.73 -32.09
CA SER A 82 9.29 33.67 -31.15
C SER A 82 7.78 33.42 -31.23
N LEU A 83 7.37 32.87 -32.37
CA LEU A 83 5.97 32.52 -32.57
C LEU A 83 5.60 31.36 -31.65
N ASP A 84 4.42 31.45 -31.04
CA ASP A 84 3.93 30.45 -30.11
C ASP A 84 2.82 29.64 -30.76
N LEU A 85 2.86 28.33 -30.56
CA LEU A 85 1.87 27.41 -31.14
C LEU A 85 1.12 26.68 -30.04
N ASP A 86 0.27 25.76 -30.46
CA ASP A 86 -0.79 25.12 -29.69
C ASP A 86 -0.32 23.81 -29.10
N PRO A 87 -0.60 23.53 -27.82
CA PRO A 87 -0.39 22.18 -27.30
C PRO A 87 -1.34 21.14 -27.90
N SER A 88 -2.25 21.55 -28.76
CA SER A 88 -3.10 20.65 -29.52
C SER A 88 -2.59 20.42 -30.94
N MET A 89 -1.46 21.01 -31.31
CA MET A 89 -0.94 20.96 -32.67
C MET A 89 0.33 20.16 -32.81
N LEU A 90 1.15 20.07 -31.77
CA LEU A 90 2.48 19.48 -31.89
C LEU A 90 2.44 17.97 -32.12
N ASP A 91 1.26 17.37 -32.23
CA ASP A 91 1.14 15.97 -32.59
C ASP A 91 1.28 15.74 -34.08
N SER A 92 1.43 16.80 -34.88
CA SER A 92 1.57 16.70 -36.32
C SER A 92 2.95 17.18 -36.79
N ILE A 93 3.93 17.24 -35.90
CA ILE A 93 5.30 17.62 -36.26
C ILE A 93 6.25 16.56 -35.72
N TRP A 94 7.39 16.42 -36.39
CA TRP A 94 8.40 15.46 -35.95
C TRP A 94 9.03 15.92 -34.64
N LYS A 95 9.20 14.98 -33.71
CA LYS A 95 9.77 15.29 -32.41
C LYS A 95 10.79 14.21 -32.04
N PRO A 96 11.82 14.56 -31.28
CA PRO A 96 12.70 13.54 -30.72
C PRO A 96 11.98 12.69 -29.70
N ASP A 97 12.51 11.49 -29.48
CA ASP A 97 11.82 10.50 -28.66
C ASP A 97 12.70 10.04 -27.51
N LEU A 98 13.29 10.98 -26.78
CA LEU A 98 14.15 10.62 -25.66
C LEU A 98 13.36 9.89 -24.58
N PHE A 99 13.95 8.82 -24.06
CA PHE A 99 13.38 8.07 -22.96
C PHE A 99 14.44 7.92 -21.88
N PHE A 100 14.02 7.96 -20.63
CA PHE A 100 14.95 7.84 -19.51
C PHE A 100 15.28 6.38 -19.29
N ALA A 101 16.55 6.03 -19.44
CA ALA A 101 16.98 4.64 -19.41
C ALA A 101 16.76 3.96 -18.07
N ASN A 102 16.54 4.73 -17.00
CA ASN A 102 16.22 4.19 -15.68
C ASN A 102 14.97 4.85 -15.13
N GLU A 103 13.95 4.96 -15.98
CA GLU A 103 12.72 5.66 -15.58
C GLU A 103 11.96 4.87 -14.52
N LYS A 104 11.93 3.55 -14.63
CA LYS A 104 11.26 2.68 -13.65
C LYS A 104 9.81 3.10 -13.44
N GLY A 105 9.18 3.63 -14.48
CA GLY A 105 7.81 4.11 -14.39
C GLY A 105 7.77 5.62 -14.50
N ALA A 106 6.84 6.11 -15.32
CA ALA A 106 6.68 7.54 -15.52
C ALA A 106 5.29 7.79 -16.10
N HIS A 107 4.86 9.05 -16.01
CA HIS A 107 3.56 9.41 -16.55
C HIS A 107 3.57 10.90 -16.90
N PHE A 108 2.73 11.25 -17.87
CA PHE A 108 2.56 12.65 -18.26
C PHE A 108 1.70 13.36 -17.23
N HIS A 109 1.36 14.62 -17.51
CA HIS A 109 0.45 15.39 -16.67
C HIS A 109 -0.56 16.08 -17.56
N GLU A 110 -1.84 15.94 -17.22
CA GLU A 110 -2.92 16.55 -18.00
C GLU A 110 -4.00 17.02 -17.03
N ILE A 111 -3.98 18.30 -16.69
CA ILE A 111 -4.98 18.91 -15.82
C ILE A 111 -5.49 20.17 -16.49
N THR A 112 -6.80 20.17 -16.81
CA THR A 112 -7.53 21.26 -17.46
C THR A 112 -7.14 21.40 -18.92
N THR A 113 -6.06 20.72 -19.32
CA THR A 113 -5.52 20.72 -20.68
C THR A 113 -4.28 19.84 -20.63
N ASP A 114 -3.68 19.52 -21.76
CA ASP A 114 -2.37 18.89 -21.74
C ASP A 114 -1.33 19.86 -21.16
N ASN A 115 -0.11 19.34 -20.99
CA ASN A 115 0.95 20.12 -20.37
C ASN A 115 2.16 20.21 -21.30
N LYS A 116 1.93 20.60 -22.55
CA LYS A 116 2.98 20.71 -23.55
C LYS A 116 3.09 22.16 -24.00
N LEU A 117 4.32 22.58 -24.31
CA LEU A 117 4.58 23.92 -24.82
C LEU A 117 5.33 23.80 -26.14
N LEU A 118 4.87 24.54 -27.15
CA LEU A 118 5.51 24.56 -28.45
C LEU A 118 5.79 26.00 -28.84
N ARG A 119 6.99 26.23 -29.40
CA ARG A 119 7.40 27.59 -29.75
C ARG A 119 8.33 27.49 -30.95
N ILE A 120 7.79 27.73 -32.14
CA ILE A 120 8.56 27.66 -33.38
C ILE A 120 9.21 29.02 -33.62
N SER A 121 10.52 29.02 -33.79
CA SER A 121 11.26 30.26 -34.00
C SER A 121 11.23 30.65 -35.48
N ARG A 122 11.80 31.82 -35.78
CA ARG A 122 11.79 32.33 -37.15
C ARG A 122 12.67 31.48 -38.06
N ASN A 123 13.90 31.20 -37.63
CA ASN A 123 14.83 30.47 -38.48
C ASN A 123 14.47 29.01 -38.62
N GLY A 124 13.87 28.41 -37.59
CA GLY A 124 13.52 27.00 -37.64
C GLY A 124 13.68 26.29 -36.31
N ASN A 125 14.27 26.96 -35.33
CA ASN A 125 14.38 26.37 -34.00
C ASN A 125 13.00 26.16 -33.41
N VAL A 126 12.81 25.03 -32.74
CA VAL A 126 11.51 24.64 -32.20
C VAL A 126 11.71 24.28 -30.74
N LEU A 127 11.25 25.15 -29.85
CA LEU A 127 11.26 24.85 -28.43
C LEU A 127 10.15 23.85 -28.11
N TYR A 128 10.40 23.01 -27.09
CA TYR A 128 9.46 21.94 -26.74
C TYR A 128 9.69 21.60 -25.28
N SER A 129 8.72 21.92 -24.43
CA SER A 129 8.87 21.75 -22.98
C SER A 129 7.64 21.03 -22.44
N ILE A 130 7.84 19.79 -22.01
CA ILE A 130 6.79 19.00 -21.40
C ILE A 130 7.08 18.87 -19.91
N ARG A 131 6.07 18.46 -19.15
CA ARG A 131 6.18 18.33 -17.70
C ARG A 131 6.00 16.86 -17.32
N ILE A 132 7.11 16.19 -17.02
CA ILE A 132 7.08 14.78 -16.67
C ILE A 132 7.30 14.66 -15.17
N THR A 133 6.87 13.53 -14.60
CA THR A 133 7.10 13.20 -13.19
C THR A 133 7.67 11.79 -13.15
N LEU A 134 9.00 11.69 -13.19
CA LEU A 134 9.68 10.40 -13.17
C LEU A 134 9.80 9.90 -11.74
N THR A 135 10.01 8.58 -11.62
CA THR A 135 10.39 7.93 -10.37
C THR A 135 11.63 7.09 -10.66
N LEU A 136 12.78 7.76 -10.62
CA LEU A 136 14.02 7.21 -11.14
C LEU A 136 14.62 6.21 -10.16
N ALA A 137 15.48 5.33 -10.69
CA ALA A 137 16.13 4.30 -9.91
C ALA A 137 17.63 4.55 -9.89
N CYS A 138 18.20 4.59 -8.69
CA CYS A 138 19.65 4.77 -8.52
C CYS A 138 20.12 3.81 -7.43
N PRO A 139 21.08 2.93 -7.72
CA PRO A 139 21.60 2.05 -6.67
C PRO A 139 22.39 2.85 -5.64
N MET A 140 22.21 2.50 -4.37
CA MET A 140 22.85 3.22 -3.28
C MET A 140 23.92 2.36 -2.62
N ASP A 141 25.00 3.02 -2.21
CA ASP A 141 26.09 2.38 -1.46
C ASP A 141 25.93 2.80 -0.01
N LEU A 142 25.41 1.89 0.81
CA LEU A 142 25.10 2.17 2.21
C LEU A 142 26.21 1.76 3.15
N LYS A 143 27.47 1.80 2.70
CA LYS A 143 28.58 1.49 3.60
C LYS A 143 28.65 2.50 4.73
N ASN A 144 28.66 3.78 4.39
CA ASN A 144 28.65 4.85 5.39
C ASN A 144 27.23 5.38 5.57
N PHE A 145 26.34 4.50 6.03
CA PHE A 145 24.91 4.78 5.92
C PHE A 145 24.48 6.08 6.59
N PRO A 146 24.82 6.36 7.86
CA PRO A 146 24.39 7.64 8.45
C PRO A 146 25.12 8.85 7.90
N MET A 147 26.24 8.69 7.20
CA MET A 147 27.02 9.81 6.71
C MET A 147 27.40 9.66 5.24
N ASP A 148 26.58 8.96 4.46
CA ASP A 148 26.89 8.71 3.06
C ASP A 148 26.69 9.97 2.21
N VAL A 149 27.30 9.95 1.03
CA VAL A 149 27.11 10.99 0.02
C VAL A 149 26.61 10.29 -1.23
N GLN A 150 25.29 10.22 -1.39
CA GLN A 150 24.70 9.48 -2.48
C GLN A 150 24.86 10.23 -3.80
N THR A 151 24.80 9.47 -4.89
CA THR A 151 24.88 10.02 -6.25
C THR A 151 23.83 9.33 -7.10
N CYS A 152 22.72 10.02 -7.36
CA CYS A 152 21.64 9.50 -8.16
C CYS A 152 21.58 10.26 -9.49
N ILE A 153 21.33 9.52 -10.58
CA ILE A 153 21.50 10.05 -11.92
C ILE A 153 20.25 9.78 -12.75
N MET A 154 20.11 10.55 -13.82
CA MET A 154 19.12 10.33 -14.86
C MET A 154 19.81 10.32 -16.21
N GLN A 155 19.35 9.45 -17.11
CA GLN A 155 20.00 9.25 -18.41
C GLN A 155 19.00 9.54 -19.52
N LEU A 156 19.12 10.72 -20.12
CA LEU A 156 18.32 11.05 -21.30
C LEU A 156 18.86 10.30 -22.51
N GLU A 157 17.96 9.71 -23.29
CA GLU A 157 18.36 8.87 -24.43
C GLU A 157 17.15 8.56 -25.30
N SER A 158 17.30 8.65 -26.62
CA SER A 158 16.17 8.35 -27.50
C SER A 158 15.98 6.85 -27.58
N PHE A 159 15.08 6.42 -28.47
CA PHE A 159 14.85 4.99 -28.65
C PHE A 159 14.69 4.56 -30.10
N GLY A 160 14.54 5.48 -31.05
CA GLY A 160 14.15 5.10 -32.39
C GLY A 160 15.19 5.23 -33.49
N TYR A 161 16.32 5.87 -33.21
CA TYR A 161 17.29 6.18 -34.26
C TYR A 161 18.67 5.67 -33.88
N THR A 162 19.62 5.91 -34.79
CA THR A 162 21.01 5.49 -34.66
C THR A 162 21.87 6.74 -34.38
N MET A 163 23.14 6.50 -34.02
CA MET A 163 24.05 7.60 -33.71
C MET A 163 24.13 8.63 -34.83
N ASN A 164 24.01 8.21 -36.08
CA ASN A 164 24.17 9.13 -37.20
C ASN A 164 22.88 9.86 -37.56
N ASP A 165 21.81 9.71 -36.76
CA ASP A 165 20.52 10.29 -37.09
C ASP A 165 20.00 11.30 -36.08
N LEU A 166 20.48 11.29 -34.84
CA LEU A 166 19.89 12.14 -33.80
C LEU A 166 20.90 12.32 -32.68
N ILE A 167 21.42 13.54 -32.54
CA ILE A 167 22.47 13.87 -31.57
C ILE A 167 21.87 14.64 -30.40
N PHE A 168 22.16 14.20 -29.18
CA PHE A 168 21.80 14.90 -27.96
C PHE A 168 23.01 15.60 -27.35
N GLU A 169 22.82 16.85 -26.93
CA GLU A 169 23.84 17.61 -26.22
C GLU A 169 23.17 18.43 -25.14
N TRP A 170 23.93 18.78 -24.11
CA TRP A 170 23.45 19.70 -23.09
C TRP A 170 23.70 21.14 -23.51
N GLN A 171 22.93 22.05 -22.93
CA GLN A 171 23.13 23.47 -23.17
C GLN A 171 24.43 23.92 -22.51
N GLU A 172 25.11 24.88 -23.14
CA GLU A 172 26.41 25.32 -22.64
C GLU A 172 26.29 26.01 -21.29
N GLN A 173 25.34 26.94 -21.17
CA GLN A 173 25.16 27.73 -19.96
C GLN A 173 23.81 27.41 -19.33
N GLY A 174 23.82 27.04 -18.04
CA GLY A 174 22.60 26.77 -17.31
C GLY A 174 21.84 25.57 -17.86
N ALA A 175 22.44 24.38 -17.76
CA ALA A 175 21.80 23.20 -18.32
C ALA A 175 20.79 22.58 -17.36
N VAL A 176 21.09 22.55 -16.07
CA VAL A 176 20.22 21.94 -15.08
C VAL A 176 19.86 23.02 -14.07
N GLN A 177 18.66 23.57 -14.20
CA GLN A 177 18.16 24.57 -13.27
C GLN A 177 17.42 23.91 -12.12
N VAL A 178 17.29 24.64 -11.02
CA VAL A 178 16.65 24.13 -9.81
C VAL A 178 15.69 25.19 -9.29
N ALA A 179 14.54 24.74 -8.80
CA ALA A 179 13.57 25.65 -8.19
C ALA A 179 14.19 26.36 -7.00
N ASP A 180 13.80 27.62 -6.81
CA ASP A 180 14.42 28.49 -5.83
C ASP A 180 14.28 27.94 -4.42
N GLY A 181 13.06 27.82 -3.93
CA GLY A 181 12.83 27.40 -2.55
C GLY A 181 12.77 25.90 -2.36
N LEU A 182 13.54 25.15 -3.15
CA LEU A 182 13.55 23.70 -3.04
C LEU A 182 14.19 23.28 -1.72
N THR A 183 13.55 22.32 -1.05
CA THR A 183 14.09 21.78 0.19
C THR A 183 13.72 20.31 0.27
N LEU A 184 14.49 19.58 1.08
CA LEU A 184 14.28 18.14 1.23
C LEU A 184 14.30 17.76 2.70
N PRO A 185 13.54 16.73 3.08
CA PRO A 185 13.82 16.06 4.35
C PRO A 185 15.09 15.24 4.23
N GLN A 186 15.75 15.05 5.38
CA GLN A 186 17.00 14.29 5.41
C GLN A 186 18.05 14.91 4.48
N PHE A 187 18.13 14.39 3.25
CA PHE A 187 19.18 14.77 2.32
C PHE A 187 19.13 16.26 2.01
N ILE A 188 20.27 16.79 1.58
CA ILE A 188 20.38 18.15 1.06
C ILE A 188 21.07 18.10 -0.29
N LEU A 189 20.46 18.76 -1.28
CA LEU A 189 20.94 18.68 -2.65
C LEU A 189 22.03 19.72 -2.87
N LYS A 190 23.14 19.28 -3.48
CA LYS A 190 24.32 20.12 -3.62
C LYS A 190 24.12 21.17 -4.71
N GLU A 191 25.18 21.89 -5.04
CA GLU A 191 25.13 22.93 -6.06
C GLU A 191 25.75 22.48 -7.38
N GLU A 192 26.91 21.82 -7.35
CA GLU A 192 27.54 21.33 -8.57
C GLU A 192 26.84 20.07 -9.04
N LYS A 193 26.54 20.02 -10.34
CA LYS A 193 25.88 18.87 -10.96
C LYS A 193 26.65 18.47 -12.20
N ASP A 194 27.34 17.34 -12.13
CA ASP A 194 28.15 16.87 -13.25
C ASP A 194 27.27 16.50 -14.44
N LEU A 195 27.78 16.74 -15.65
CA LEU A 195 27.06 16.48 -16.89
C LEU A 195 27.97 15.64 -17.78
N ARG A 196 27.93 14.32 -17.59
CA ARG A 196 28.84 13.42 -18.28
C ARG A 196 28.22 12.90 -19.57
N TYR A 197 28.87 11.92 -20.19
CA TYR A 197 28.35 11.23 -21.35
C TYR A 197 28.18 9.75 -21.01
N CYS A 198 27.10 9.16 -21.50
CA CYS A 198 26.68 7.81 -21.14
C CYS A 198 26.30 7.01 -22.37
N THR A 199 26.93 7.31 -23.50
CA THR A 199 26.61 6.73 -24.81
C THR A 199 26.58 5.21 -24.80
N LYS A 200 25.43 4.64 -25.16
CA LYS A 200 25.21 3.20 -25.07
C LYS A 200 25.57 2.50 -26.38
N HIS A 201 26.11 1.29 -26.26
CA HIS A 201 26.42 0.44 -27.41
C HIS A 201 25.59 -0.84 -27.26
N TYR A 202 24.36 -0.81 -27.78
CA TYR A 202 23.51 -1.99 -27.74
C TYR A 202 23.83 -2.90 -28.92
N ASN A 203 23.07 -3.99 -29.02
CA ASN A 203 23.30 -4.97 -30.09
C ASN A 203 22.87 -4.46 -31.45
N THR A 204 22.02 -3.43 -31.51
CA THR A 204 21.46 -2.95 -32.76
C THR A 204 22.10 -1.64 -33.24
N GLY A 205 23.20 -1.23 -32.63
CA GLY A 205 23.91 -0.04 -33.06
C GLY A 205 24.24 0.88 -31.90
N LYS A 206 25.12 1.84 -32.20
CA LYS A 206 25.57 2.79 -31.19
C LYS A 206 24.47 3.81 -30.91
N PHE A 207 24.04 4.00 -29.65
CA PHE A 207 22.90 4.94 -29.39
C PHE A 207 23.35 6.09 -28.47
N THR A 208 22.66 7.23 -28.44
CA THR A 208 23.12 8.43 -27.66
C THR A 208 22.62 8.42 -26.21
N CYS A 209 23.36 9.04 -25.27
CA CYS A 209 22.93 8.96 -23.85
C CYS A 209 23.64 10.07 -23.08
N ILE A 210 22.90 11.07 -22.64
CA ILE A 210 23.36 12.20 -21.85
C ILE A 210 22.76 12.09 -20.46
N GLU A 211 23.59 12.29 -19.44
CA GLU A 211 23.18 12.06 -18.06
C GLU A 211 23.59 13.24 -17.18
N ALA A 212 22.83 13.44 -16.11
CA ALA A 212 23.12 14.45 -15.11
C ALA A 212 23.30 13.77 -13.77
N ARG A 213 24.25 14.27 -12.97
CA ARG A 213 24.56 13.70 -11.67
C ARG A 213 24.16 14.68 -10.58
N PHE A 214 23.33 14.21 -9.64
CA PHE A 214 22.92 15.00 -8.49
C PHE A 214 23.59 14.41 -7.26
N HIS A 215 24.56 15.13 -6.70
CA HIS A 215 25.26 14.66 -5.52
C HIS A 215 24.44 15.00 -4.29
N LEU A 216 24.10 13.98 -3.50
CA LEU A 216 23.18 14.12 -2.38
C LEU A 216 23.88 13.70 -1.09
N GLU A 217 24.05 14.64 -0.18
CA GLU A 217 24.54 14.33 1.16
C GLU A 217 23.35 13.94 2.04
N ARG A 218 23.63 13.43 3.24
CA ARG A 218 22.59 13.02 4.17
C ARG A 218 22.76 13.76 5.48
N GLN A 219 21.72 14.47 5.91
CA GLN A 219 21.76 15.13 7.21
C GLN A 219 21.75 14.11 8.33
N MET A 220 22.47 14.44 9.39
CA MET A 220 22.78 13.47 10.45
C MET A 220 21.86 13.59 11.65
N GLY A 221 20.96 14.58 11.68
CA GLY A 221 20.15 14.85 12.85
C GLY A 221 19.32 13.70 13.39
N TYR A 222 18.36 13.23 12.59
CA TYR A 222 17.43 12.20 13.06
C TYR A 222 18.16 10.92 13.42
N TYR A 223 19.00 10.41 12.50
CA TYR A 223 19.73 9.18 12.77
C TYR A 223 20.58 9.32 14.02
N LEU A 224 21.40 10.36 14.06
CA LEU A 224 22.27 10.63 15.20
C LEU A 224 21.48 10.56 16.51
N ILE A 225 20.49 11.44 16.66
CA ILE A 225 19.75 11.50 17.92
C ILE A 225 19.11 10.14 18.22
N GLN A 226 18.18 9.72 17.37
CA GLN A 226 17.29 8.61 17.70
C GLN A 226 17.95 7.24 17.67
N MET A 227 19.19 7.11 17.21
CA MET A 227 19.85 5.82 17.30
C MET A 227 21.25 5.91 17.90
N TYR A 228 21.64 7.05 18.46
CA TYR A 228 22.87 7.13 19.23
C TYR A 228 22.64 7.57 20.67
N ILE A 229 21.75 8.54 20.91
CA ILE A 229 21.51 8.97 22.29
C ILE A 229 20.99 7.84 23.17
N PRO A 230 20.00 7.05 22.75
CA PRO A 230 19.61 5.89 23.57
C PRO A 230 20.74 4.90 23.80
N SER A 231 21.60 4.68 22.79
CA SER A 231 22.72 3.76 22.98
C SER A 231 23.69 4.29 24.03
N LEU A 232 24.02 5.58 23.95
CA LEU A 232 24.89 6.18 24.96
C LEU A 232 24.26 6.09 26.34
N LEU A 233 22.97 6.34 26.44
CA LEU A 233 22.28 6.27 27.73
C LEU A 233 22.34 4.87 28.30
N ILE A 234 22.14 3.85 27.46
CA ILE A 234 22.15 2.48 27.95
C ILE A 234 23.56 2.06 28.36
N VAL A 235 24.58 2.52 27.62
CA VAL A 235 25.95 2.21 28.03
C VAL A 235 26.28 2.86 29.37
N ILE A 236 25.85 4.11 29.56
CA ILE A 236 26.05 4.75 30.85
C ILE A 236 25.26 4.04 31.94
N LEU A 237 24.10 3.47 31.59
CA LEU A 237 23.34 2.66 32.55
C LEU A 237 24.13 1.42 32.94
N SER A 238 24.82 0.81 31.98
CA SER A 238 25.70 -0.32 32.32
C SER A 238 26.83 0.12 33.23
N TRP A 239 27.38 1.31 33.00
CA TRP A 239 28.43 1.81 33.87
C TRP A 239 27.91 2.04 35.29
N ILE A 240 26.70 2.58 35.42
CA ILE A 240 26.17 2.78 36.77
C ILE A 240 25.77 1.44 37.38
N SER A 241 25.52 0.44 36.53
CA SER A 241 25.41 -0.93 37.04
C SER A 241 26.73 -1.39 37.64
N PHE A 242 27.84 -1.02 37.02
CA PHE A 242 29.14 -1.22 37.66
C PHE A 242 29.17 -0.54 39.02
N TRP A 243 28.73 0.71 39.08
CA TRP A 243 28.81 1.51 40.30
C TRP A 243 27.66 1.18 41.26
N ILE A 244 27.66 -0.05 41.77
CA ILE A 244 26.64 -0.52 42.70
C ILE A 244 27.27 -1.58 43.60
N ASN A 245 26.53 -1.97 44.64
CA ASN A 245 27.01 -2.97 45.59
C ASN A 245 27.22 -4.32 44.92
N MET A 246 28.21 -5.05 45.41
CA MET A 246 28.50 -6.38 44.88
C MET A 246 27.47 -7.41 45.36
N ASP A 247 26.88 -7.19 46.53
CA ASP A 247 25.96 -8.18 47.09
C ASP A 247 24.63 -8.21 46.34
N ALA A 248 24.25 -7.10 45.71
CA ALA A 248 22.95 -7.00 45.03
C ALA A 248 23.00 -7.77 43.71
N ALA A 249 23.14 -9.09 43.85
CA ALA A 249 23.22 -9.95 42.68
C ALA A 249 21.97 -9.90 41.81
N PRO A 250 20.74 -10.04 42.34
CA PRO A 250 19.57 -9.89 41.46
C PRO A 250 19.49 -8.53 40.80
N ALA A 251 19.86 -7.47 41.51
CA ALA A 251 19.80 -6.13 40.93
C ALA A 251 20.77 -5.99 39.75
N ARG A 252 22.02 -6.44 39.94
CA ARG A 252 22.98 -6.34 38.86
C ARG A 252 22.58 -7.21 37.67
N VAL A 253 22.11 -8.43 37.95
CA VAL A 253 21.68 -9.31 36.86
C VAL A 253 20.52 -8.69 36.09
N GLY A 254 19.54 -8.14 36.80
CA GLY A 254 18.41 -7.53 36.13
C GLY A 254 18.80 -6.31 35.31
N LEU A 255 19.69 -5.48 35.85
CA LEU A 255 20.12 -4.30 35.10
C LEU A 255 20.89 -4.71 33.83
N GLY A 256 21.77 -5.70 33.95
CA GLY A 256 22.47 -6.18 32.76
C GLY A 256 21.54 -6.79 31.73
N ILE A 257 20.55 -7.57 32.19
CA ILE A 257 19.58 -8.16 31.28
C ILE A 257 18.79 -7.07 30.56
N THR A 258 18.38 -6.04 31.30
CA THR A 258 17.63 -4.95 30.69
C THR A 258 18.46 -4.21 29.65
N THR A 259 19.73 -3.95 29.96
CA THR A 259 20.59 -3.28 28.98
C THR A 259 20.78 -4.14 27.73
N VAL A 260 20.99 -5.44 27.91
CA VAL A 260 21.15 -6.33 26.76
C VAL A 260 19.89 -6.33 25.90
N LEU A 261 18.73 -6.43 26.55
CA LEU A 261 17.47 -6.45 25.82
C LEU A 261 17.25 -5.13 25.07
N THR A 262 17.57 -4.01 25.71
CA THR A 262 17.39 -2.72 25.06
C THR A 262 18.29 -2.59 23.83
N MET A 263 19.56 -3.02 23.95
CA MET A 263 20.43 -2.97 22.79
C MET A 263 19.95 -3.90 21.68
N THR A 264 19.47 -5.09 22.03
CA THR A 264 18.97 -6.01 21.01
C THR A 264 17.78 -5.41 20.28
N THR A 265 16.83 -4.84 21.03
CA THR A 265 15.65 -4.24 20.40
C THR A 265 16.02 -3.06 19.53
N GLN A 266 16.95 -2.22 20.02
CA GLN A 266 17.35 -1.05 19.24
C GLN A 266 18.08 -1.46 17.96
N SER A 267 18.93 -2.49 18.04
CA SER A 267 19.60 -2.97 16.83
C SER A 267 18.60 -3.52 15.83
N SER A 268 17.62 -4.30 16.31
CA SER A 268 16.59 -4.82 15.43
C SER A 268 15.79 -3.71 14.78
N GLY A 269 15.45 -2.67 15.55
CA GLY A 269 14.73 -1.54 14.98
C GLY A 269 15.54 -0.77 13.96
N SER A 270 16.83 -0.56 14.24
CA SER A 270 17.68 0.16 13.31
C SER A 270 17.86 -0.60 12.01
N ARG A 271 18.00 -1.93 12.09
CA ARG A 271 18.17 -2.73 10.88
C ARG A 271 16.91 -2.79 10.03
N ALA A 272 15.75 -2.45 10.58
CA ALA A 272 14.48 -2.67 9.92
C ALA A 272 14.08 -1.55 8.96
N SER A 273 14.81 -0.45 8.93
CA SER A 273 14.46 0.69 8.09
C SER A 273 15.25 0.74 6.79
N LEU A 274 16.02 -0.28 6.48
CA LEU A 274 16.91 -0.31 5.34
C LEU A 274 16.72 -1.58 4.53
N PRO A 275 17.08 -1.57 3.25
CA PRO A 275 16.97 -2.79 2.44
C PRO A 275 17.89 -3.88 2.96
N LYS A 276 17.52 -5.13 2.67
CA LYS A 276 18.25 -6.28 3.19
C LYS A 276 19.58 -6.43 2.47
N VAL A 277 20.47 -5.47 2.66
CA VAL A 277 21.77 -5.49 1.97
C VAL A 277 22.70 -6.48 2.66
N SER A 278 23.71 -6.93 1.92
CA SER A 278 24.58 -8.00 2.38
C SER A 278 25.73 -7.50 3.27
N TYR A 279 26.42 -6.44 2.86
CA TYR A 279 27.63 -6.03 3.55
C TYR A 279 27.30 -5.41 4.91
N VAL A 280 28.34 -4.97 5.60
CA VAL A 280 28.20 -4.33 6.91
C VAL A 280 28.08 -2.83 6.72
N LYS A 281 27.11 -2.23 7.42
CA LYS A 281 26.86 -0.80 7.30
C LYS A 281 27.77 -0.05 8.29
N ALA A 282 27.55 1.25 8.43
CA ALA A 282 28.29 2.05 9.39
C ALA A 282 27.63 2.07 10.77
N ILE A 283 26.30 2.15 10.81
CA ILE A 283 25.60 2.10 12.09
C ILE A 283 25.59 0.68 12.67
N ASP A 284 25.71 -0.34 11.81
CA ASP A 284 25.74 -1.71 12.32
C ASP A 284 26.96 -1.95 13.18
N ILE A 285 28.11 -1.40 12.79
CA ILE A 285 29.32 -1.52 13.61
C ILE A 285 29.10 -0.88 14.98
N TRP A 286 28.50 0.31 15.00
CA TRP A 286 28.26 0.99 16.27
C TRP A 286 27.33 0.18 17.16
N MET A 287 26.22 -0.32 16.59
CA MET A 287 25.28 -1.09 17.40
C MET A 287 25.91 -2.39 17.90
N ALA A 288 26.70 -3.05 17.05
CA ALA A 288 27.38 -4.27 17.45
C ALA A 288 28.36 -4.00 18.58
N VAL A 289 29.11 -2.90 18.49
CA VAL A 289 30.08 -2.58 19.53
C VAL A 289 29.38 -2.26 20.84
N CYS A 290 28.27 -1.51 20.78
CA CYS A 290 27.54 -1.21 22.00
C CYS A 290 26.98 -2.47 22.64
N LEU A 291 26.40 -3.37 21.83
CA LEU A 291 25.90 -4.63 22.35
C LEU A 291 27.03 -5.46 22.94
N LEU A 292 28.19 -5.48 22.28
CA LEU A 292 29.33 -6.22 22.79
C LEU A 292 29.80 -5.66 24.13
N PHE A 293 29.83 -4.34 24.27
CA PHE A 293 30.22 -3.74 25.54
C PHE A 293 29.24 -4.09 26.65
N VAL A 294 27.94 -4.05 26.35
CA VAL A 294 26.95 -4.40 27.37
C VAL A 294 27.11 -5.86 27.79
N PHE A 295 27.27 -6.75 26.81
CA PHE A 295 27.43 -8.17 27.10
C PHE A 295 28.70 -8.43 27.89
N SER A 296 29.80 -7.76 27.52
CA SER A 296 31.05 -7.93 28.25
C SER A 296 30.93 -7.38 29.66
N ALA A 297 30.15 -6.32 29.85
CA ALA A 297 29.91 -5.78 31.18
C ALA A 297 29.21 -6.82 32.05
N LEU A 298 28.13 -7.41 31.54
CA LEU A 298 27.42 -8.41 32.34
C LEU A 298 28.31 -9.63 32.56
N LEU A 299 29.12 -10.00 31.56
CA LEU A 299 30.00 -11.14 31.69
C LEU A 299 31.09 -10.90 32.74
N GLU A 300 31.63 -9.68 32.80
CA GLU A 300 32.62 -9.39 33.82
C GLU A 300 32.00 -9.36 35.21
N TYR A 301 30.74 -8.91 35.31
CA TYR A 301 30.03 -9.09 36.57
C TYR A 301 29.93 -10.57 36.94
N ALA A 302 29.61 -11.42 35.96
CA ALA A 302 29.50 -12.85 36.23
C ALA A 302 30.84 -13.41 36.71
N ALA A 303 31.94 -12.98 36.08
CA ALA A 303 33.26 -13.43 36.49
C ALA A 303 33.58 -12.99 37.91
N VAL A 304 33.26 -11.73 38.25
CA VAL A 304 33.49 -11.24 39.61
C VAL A 304 32.66 -12.05 40.62
N ASN A 305 31.41 -12.32 40.28
CA ASN A 305 30.55 -13.09 41.19
C ASN A 305 31.09 -14.50 41.39
N PHE A 306 31.60 -15.13 40.32
CA PHE A 306 32.20 -16.45 40.46
C PHE A 306 33.44 -16.39 41.33
N VAL A 307 34.29 -15.38 41.12
CA VAL A 307 35.54 -15.27 41.88
C VAL A 307 35.25 -15.06 43.36
N SER A 308 34.27 -14.22 43.68
CA SER A 308 33.96 -13.92 45.08
C SER A 308 33.52 -15.16 45.84
N ARG A 309 32.98 -16.16 45.15
CA ARG A 309 32.49 -17.36 45.83
C ARG A 309 33.62 -18.35 46.09
N GLN A 310 34.27 -18.81 45.03
CA GLN A 310 35.31 -19.83 45.15
C GLN A 310 36.54 -19.28 45.86
N MET A 322 42.97 -18.50 50.75
CA MET A 322 42.58 -17.39 51.60
C MET A 322 41.23 -16.83 51.17
N ARG A 323 40.21 -17.03 52.01
CA ARG A 323 38.86 -16.59 51.67
C ARG A 323 38.78 -15.07 51.58
N LYS A 324 39.43 -14.37 52.49
CA LYS A 324 39.40 -12.91 52.48
C LYS A 324 40.11 -12.33 51.25
N LEU A 325 41.17 -13.01 50.79
CA LEU A 325 41.90 -12.52 49.63
C LEU A 325 41.03 -12.50 48.38
N PHE A 326 40.14 -13.49 48.25
CA PHE A 326 39.27 -13.55 47.08
C PHE A 326 38.34 -12.35 47.01
N ILE A 327 37.79 -11.92 48.15
CA ILE A 327 36.92 -10.75 48.15
C ILE A 327 37.72 -9.50 47.80
N GLN A 328 38.94 -9.40 48.31
CA GLN A 328 39.77 -8.23 47.99
C GLN A 328 40.08 -8.16 46.50
N ARG A 329 40.43 -9.30 45.89
CA ARG A 329 40.71 -9.29 44.46
C ARG A 329 39.44 -9.08 43.64
N ALA A 330 38.29 -9.54 44.13
CA ALA A 330 37.03 -9.27 43.44
C ALA A 330 36.74 -7.77 43.44
N LYS A 331 36.92 -7.11 44.58
CA LYS A 331 36.73 -5.66 44.63
C LYS A 331 37.74 -4.94 43.75
N LYS A 332 38.98 -5.45 43.70
CA LYS A 332 39.99 -4.86 42.82
C LYS A 332 39.58 -4.97 41.36
N ILE A 333 39.06 -6.14 40.95
CA ILE A 333 38.60 -6.31 39.58
C ILE A 333 37.43 -5.38 39.27
N ASP A 334 36.51 -5.25 40.23
CA ASP A 334 35.37 -4.36 40.02
C ASP A 334 35.83 -2.91 39.84
N LYS A 335 36.78 -2.46 40.68
CA LYS A 335 37.29 -1.10 40.55
C LYS A 335 38.03 -0.91 39.23
N ILE A 336 38.82 -1.90 38.82
CA ILE A 336 39.53 -1.81 37.55
C ILE A 336 38.54 -1.71 36.40
N SER A 337 37.46 -2.50 36.45
CA SER A 337 36.43 -2.42 35.41
C SER A 337 35.79 -1.04 35.39
N ARG A 338 35.36 -0.55 36.55
CA ARG A 338 34.67 0.74 36.63
C ARG A 338 35.57 1.90 36.21
N ILE A 339 36.88 1.76 36.32
CA ILE A 339 37.78 2.82 35.89
C ILE A 339 38.29 2.63 34.47
N GLY A 340 38.18 1.43 33.91
CA GLY A 340 38.74 1.16 32.60
C GLY A 340 37.75 1.11 31.45
N PHE A 341 36.62 0.44 31.69
CA PHE A 341 35.57 0.32 30.63
C PHE A 341 35.35 1.70 30.04
N PRO A 342 34.85 2.69 30.80
CA PRO A 342 34.55 4.00 30.21
C PRO A 342 35.69 4.56 29.37
N MET A 343 36.94 4.34 29.79
CA MET A 343 38.08 4.79 29.00
C MET A 343 38.14 4.06 27.67
N ALA A 344 37.93 2.74 27.69
CA ALA A 344 37.92 1.98 26.44
C ALA A 344 36.79 2.44 25.52
N PHE A 345 35.63 2.74 26.08
CA PHE A 345 34.52 3.24 25.28
C PHE A 345 34.86 4.60 24.67
N LEU A 346 35.52 5.47 25.43
CA LEU A 346 35.94 6.76 24.87
C LEU A 346 36.94 6.57 23.74
N ILE A 347 37.89 5.65 23.91
CA ILE A 347 38.85 5.37 22.85
C ILE A 347 38.12 4.87 21.59
N PHE A 348 37.17 3.95 21.77
CA PHE A 348 36.41 3.45 20.63
C PHE A 348 35.61 4.57 19.97
N ASN A 349 35.01 5.45 20.77
CA ASN A 349 34.20 6.53 20.22
C ASN A 349 35.05 7.46 19.36
N MET A 350 36.22 7.87 19.87
CA MET A 350 37.09 8.72 19.08
C MET A 350 37.59 8.01 17.83
N PHE A 351 37.97 6.73 17.98
CA PHE A 351 38.49 5.96 16.85
C PHE A 351 37.43 5.80 15.76
N TYR A 352 36.18 5.58 16.15
CA TYR A 352 35.10 5.42 15.19
C TYR A 352 34.74 6.73 14.52
N TRP A 353 34.64 7.81 15.30
CA TRP A 353 34.22 9.09 14.73
C TRP A 353 35.31 9.69 13.84
N ILE A 354 36.58 9.41 14.11
CA ILE A 354 37.64 9.95 13.27
C ILE A 354 37.73 9.20 11.94
N ILE A 355 37.23 7.96 11.88
CA ILE A 355 37.34 7.19 10.64
C ILE A 355 36.20 7.54 9.69
N TYR A 356 34.96 7.49 10.17
CA TYR A 356 33.81 7.72 9.29
C TYR A 356 33.55 9.20 9.02
N LYS A 357 34.47 10.08 9.42
CA LYS A 357 34.44 11.47 9.01
C LYS A 357 35.57 11.80 8.04
N ILE A 358 36.31 10.79 7.59
CA ILE A 358 37.36 10.97 6.59
C ILE A 358 37.14 9.97 5.45
N MET B 8 -10.11 -16.83 -53.05
CA MET B 8 -9.28 -16.00 -53.89
C MET B 8 -8.38 -15.09 -53.05
N SER B 9 -8.80 -13.83 -52.91
CA SER B 9 -8.05 -12.88 -52.12
C SER B 9 -8.46 -12.97 -50.66
N PRO B 10 -7.53 -13.24 -49.72
CA PRO B 10 -7.92 -13.28 -48.31
C PRO B 10 -8.51 -11.99 -47.80
N SER B 11 -8.00 -10.84 -48.26
CA SER B 11 -8.57 -9.57 -47.86
C SER B 11 -10.00 -9.43 -48.35
N ASP B 12 -10.26 -9.82 -49.60
CA ASP B 12 -11.63 -9.79 -50.11
C ASP B 12 -12.54 -10.73 -49.32
N PHE B 13 -12.03 -11.91 -48.97
CA PHE B 13 -12.84 -12.84 -48.17
C PHE B 13 -13.18 -12.25 -46.81
N LEU B 14 -12.19 -11.63 -46.15
CA LEU B 14 -12.43 -11.03 -44.85
C LEU B 14 -13.45 -9.89 -44.95
N ASP B 15 -13.31 -9.03 -45.96
CA ASP B 15 -14.24 -7.93 -46.13
C ASP B 15 -15.65 -8.43 -46.43
N LYS B 16 -15.76 -9.48 -47.24
CA LYS B 16 -17.07 -10.04 -47.55
C LYS B 16 -17.71 -10.67 -46.32
N LEU B 17 -16.91 -11.34 -45.48
CA LEU B 17 -17.49 -12.01 -44.32
C LEU B 17 -17.90 -11.01 -43.26
N MET B 18 -17.07 -9.99 -43.01
CA MET B 18 -17.49 -8.88 -42.16
C MET B 18 -16.79 -7.61 -42.61
N GLY B 19 -17.46 -6.47 -42.44
CA GLY B 19 -16.88 -5.18 -42.76
C GLY B 19 -17.74 -4.41 -43.76
N ARG B 20 -17.06 -3.72 -44.68
CA ARG B 20 -17.75 -2.83 -45.61
C ARG B 20 -18.70 -3.60 -46.52
N THR B 21 -18.16 -4.49 -47.34
CA THR B 21 -18.97 -5.23 -48.31
C THR B 21 -19.48 -6.55 -47.72
N SER B 22 -20.13 -6.46 -46.58
CA SER B 22 -20.63 -7.65 -45.89
C SER B 22 -22.10 -7.57 -45.51
N GLY B 23 -22.57 -6.39 -45.10
CA GLY B 23 -23.90 -6.29 -44.55
C GLY B 23 -24.05 -6.87 -43.16
N TYR B 24 -22.93 -7.14 -42.48
CA TYR B 24 -22.95 -7.71 -41.14
C TYR B 24 -22.96 -6.58 -40.13
N ASP B 25 -24.10 -6.37 -39.48
CA ASP B 25 -24.25 -5.37 -38.44
C ASP B 25 -23.88 -6.01 -37.10
N ALA B 26 -22.75 -5.59 -36.53
CA ALA B 26 -22.30 -6.18 -35.27
C ALA B 26 -23.00 -5.54 -34.08
N ARG B 27 -24.34 -5.47 -34.13
CA ARG B 27 -25.12 -4.99 -33.01
C ARG B 27 -26.36 -5.83 -32.73
N ILE B 28 -26.70 -6.80 -33.57
CA ILE B 28 -27.88 -7.64 -33.39
C ILE B 28 -27.40 -9.06 -33.12
N ARG B 29 -28.00 -9.69 -32.11
CA ARG B 29 -27.59 -11.04 -31.73
C ARG B 29 -27.93 -12.05 -32.82
N PRO B 30 -27.19 -13.15 -32.91
CA PRO B 30 -27.56 -14.20 -33.85
C PRO B 30 -28.92 -14.79 -33.51
N ASN B 31 -29.58 -15.34 -34.53
CA ASN B 31 -30.95 -15.86 -34.40
C ASN B 31 -31.88 -14.77 -33.87
N PHE B 32 -31.74 -13.56 -34.43
CA PHE B 32 -32.54 -12.42 -33.98
C PHE B 32 -34.02 -12.70 -34.22
N LYS B 33 -34.84 -12.26 -33.26
CA LYS B 33 -36.28 -12.54 -33.26
C LYS B 33 -36.55 -14.05 -33.35
N GLY B 34 -35.80 -14.81 -32.56
CA GLY B 34 -35.92 -16.24 -32.54
C GLY B 34 -35.44 -16.84 -31.23
N PRO B 35 -35.04 -18.11 -31.28
CA PRO B 35 -34.57 -18.76 -30.06
C PRO B 35 -33.30 -18.10 -29.56
N PRO B 36 -33.08 -18.10 -28.24
CA PRO B 36 -31.85 -17.51 -27.70
C PRO B 36 -30.62 -18.30 -28.10
N VAL B 37 -29.48 -17.59 -28.14
CA VAL B 37 -28.20 -18.19 -28.56
C VAL B 37 -27.42 -18.67 -27.32
N ASN B 38 -27.35 -19.98 -27.10
CA ASN B 38 -26.62 -20.53 -25.94
C ASN B 38 -25.13 -20.25 -26.11
N VAL B 39 -24.44 -19.94 -25.01
CA VAL B 39 -22.97 -19.70 -25.09
C VAL B 39 -22.26 -20.65 -24.12
N SER B 40 -21.60 -21.68 -24.65
CA SER B 40 -20.93 -22.68 -23.83
C SER B 40 -19.60 -22.10 -23.36
N CYS B 41 -19.40 -22.09 -22.04
CA CYS B 41 -18.23 -21.49 -21.44
C CYS B 41 -17.40 -22.54 -20.71
N ASN B 42 -16.09 -22.34 -20.69
CA ASN B 42 -15.18 -23.23 -19.95
C ASN B 42 -13.90 -22.46 -19.67
N ILE B 43 -13.65 -22.18 -18.39
CA ILE B 43 -12.48 -21.41 -17.99
C ILE B 43 -11.27 -22.33 -17.91
N PHE B 44 -10.07 -21.73 -17.81
CA PHE B 44 -8.81 -22.47 -17.71
C PHE B 44 -7.97 -21.72 -16.67
N ILE B 45 -8.04 -22.18 -15.43
CA ILE B 45 -7.39 -21.46 -14.33
C ILE B 45 -5.88 -21.53 -14.53
N ASN B 46 -5.27 -20.41 -14.91
CA ASN B 46 -3.83 -20.39 -15.11
C ASN B 46 -3.07 -20.39 -13.80
N SER B 47 -3.53 -19.60 -12.81
CA SER B 47 -2.84 -19.53 -11.53
C SER B 47 -3.70 -18.86 -10.47
N PHE B 48 -3.83 -19.50 -9.31
CA PHE B 48 -4.41 -18.85 -8.15
C PHE B 48 -3.37 -17.98 -7.46
N GLY B 49 -3.66 -17.53 -6.26
CA GLY B 49 -2.69 -16.77 -5.46
C GLY B 49 -3.33 -15.57 -4.81
N SER B 50 -2.64 -15.03 -3.81
CA SER B 50 -3.07 -13.84 -3.08
C SER B 50 -4.48 -14.03 -2.51
N ILE B 51 -4.65 -15.11 -1.75
CA ILE B 51 -5.91 -15.37 -1.07
C ILE B 51 -5.89 -14.63 0.26
N ALA B 52 -6.26 -13.35 0.22
CA ALA B 52 -6.15 -12.49 1.39
C ALA B 52 -7.27 -12.76 2.38
N GLU B 53 -6.95 -12.63 3.67
CA GLU B 53 -7.93 -12.74 4.73
C GLU B 53 -8.47 -11.38 5.18
N THR B 54 -7.63 -10.33 5.08
CA THR B 54 -8.05 -9.01 5.54
C THR B 54 -9.20 -8.47 4.70
N THR B 55 -9.14 -8.63 3.38
CA THR B 55 -10.16 -8.11 2.49
C THR B 55 -11.12 -9.18 1.99
N MET B 56 -10.88 -10.46 2.32
CA MET B 56 -11.74 -11.56 1.95
C MET B 56 -11.93 -11.63 0.43
N ASP B 57 -10.81 -11.76 -0.28
CA ASP B 57 -10.83 -11.88 -1.72
C ASP B 57 -9.64 -12.71 -2.19
N TYR B 58 -9.77 -13.28 -3.38
CA TYR B 58 -8.72 -14.09 -3.96
C TYR B 58 -8.54 -13.73 -5.42
N ARG B 59 -7.29 -13.56 -5.83
CA ARG B 59 -6.96 -13.19 -7.20
C ARG B 59 -6.76 -14.45 -8.04
N VAL B 60 -7.49 -14.55 -9.14
CA VAL B 60 -7.37 -15.66 -10.07
C VAL B 60 -7.07 -15.09 -11.45
N ASN B 61 -6.21 -15.79 -12.20
CA ASN B 61 -5.86 -15.42 -13.57
C ASN B 61 -6.53 -16.43 -14.48
N ILE B 62 -7.80 -16.19 -14.81
CA ILE B 62 -8.57 -17.18 -15.61
C ILE B 62 -8.25 -17.06 -17.10
N PHE B 63 -8.64 -18.05 -17.90
CA PHE B 63 -8.45 -18.02 -19.37
C PHE B 63 -9.81 -18.21 -20.02
N LEU B 64 -10.78 -17.34 -19.71
CA LEU B 64 -12.17 -17.54 -20.21
C LEU B 64 -12.27 -17.85 -21.70
N ARG B 65 -12.99 -18.90 -22.06
CA ARG B 65 -13.32 -19.23 -23.43
C ARG B 65 -14.84 -19.39 -23.55
N GLN B 66 -15.35 -19.16 -24.76
CA GLN B 66 -16.76 -19.38 -25.05
C GLN B 66 -16.93 -19.59 -26.54
N GLN B 67 -18.05 -20.22 -26.91
CA GLN B 67 -18.32 -20.54 -28.31
C GLN B 67 -19.83 -20.59 -28.52
N TRP B 68 -20.35 -19.59 -29.23
CA TRP B 68 -21.75 -19.54 -29.61
C TRP B 68 -21.90 -19.96 -31.07
N ASN B 69 -23.11 -19.82 -31.61
CA ASN B 69 -23.41 -20.20 -32.98
C ASN B 69 -23.96 -18.98 -33.71
N ASP B 70 -23.20 -18.46 -34.67
CA ASP B 70 -23.64 -17.31 -35.46
C ASP B 70 -23.93 -17.78 -36.88
N PRO B 71 -25.20 -17.86 -37.29
CA PRO B 71 -25.50 -18.40 -38.62
C PRO B 71 -24.96 -17.56 -39.77
N ARG B 72 -24.87 -16.24 -39.60
CA ARG B 72 -24.49 -15.35 -40.69
C ARG B 72 -22.97 -15.17 -40.80
N LEU B 73 -22.19 -16.12 -40.28
CA LEU B 73 -20.74 -16.15 -40.47
C LEU B 73 -20.30 -17.37 -41.27
N ALA B 74 -21.23 -18.09 -41.89
CA ALA B 74 -20.88 -19.30 -42.61
C ALA B 74 -20.10 -18.98 -43.88
N TYR B 75 -19.15 -19.87 -44.20
CA TYR B 75 -18.35 -19.74 -45.42
C TYR B 75 -18.23 -21.13 -46.05
N ASN B 76 -18.02 -21.14 -47.37
CA ASN B 76 -17.93 -22.38 -48.12
C ASN B 76 -16.76 -22.46 -49.08
N GLU B 77 -16.19 -21.33 -49.51
CA GLU B 77 -15.12 -21.37 -50.51
C GLU B 77 -13.85 -22.02 -49.96
N TYR B 78 -13.50 -21.73 -48.71
CA TYR B 78 -12.30 -22.34 -48.16
C TYR B 78 -12.57 -23.79 -47.75
N PRO B 79 -11.60 -24.68 -47.96
CA PRO B 79 -11.79 -26.08 -47.53
C PRO B 79 -11.49 -26.32 -46.06
N ASP B 80 -10.72 -25.45 -45.42
CA ASP B 80 -10.39 -25.62 -44.02
C ASP B 80 -11.62 -25.37 -43.15
N ASP B 81 -11.76 -26.15 -42.08
CA ASP B 81 -12.89 -26.04 -41.17
C ASP B 81 -12.59 -25.15 -39.97
N SER B 82 -11.44 -25.32 -39.34
CA SER B 82 -11.07 -24.51 -38.18
C SER B 82 -10.21 -23.32 -38.64
N LEU B 83 -10.88 -22.41 -39.35
CA LEU B 83 -10.20 -21.23 -39.88
C LEU B 83 -9.85 -20.28 -38.74
N ASP B 84 -8.60 -19.87 -38.68
CA ASP B 84 -8.11 -19.01 -37.61
C ASP B 84 -7.98 -17.58 -38.10
N LEU B 85 -8.49 -16.64 -37.32
CA LEU B 85 -8.43 -15.21 -37.64
C LEU B 85 -7.58 -14.49 -36.60
N ASP B 86 -7.56 -13.15 -36.70
CA ASP B 86 -6.67 -12.36 -35.86
C ASP B 86 -7.41 -11.75 -34.68
N PRO B 87 -6.70 -11.51 -33.57
CA PRO B 87 -7.32 -10.84 -32.42
C PRO B 87 -7.41 -9.33 -32.59
N SER B 88 -7.21 -8.84 -33.81
CA SER B 88 -7.32 -7.42 -34.10
C SER B 88 -8.60 -7.04 -34.80
N MET B 89 -9.32 -8.01 -35.38
CA MET B 89 -10.52 -7.73 -36.17
C MET B 89 -11.77 -8.37 -35.58
N LEU B 90 -11.71 -8.85 -34.34
CA LEU B 90 -12.88 -9.45 -33.70
C LEU B 90 -13.78 -8.42 -33.04
N ASP B 91 -13.40 -7.14 -33.06
CA ASP B 91 -14.25 -6.09 -32.52
C ASP B 91 -15.47 -5.83 -33.39
N SER B 92 -15.40 -6.18 -34.68
CA SER B 92 -16.48 -5.92 -35.62
C SER B 92 -17.45 -7.08 -35.74
N ILE B 93 -17.56 -7.91 -34.70
CA ILE B 93 -18.54 -8.99 -34.66
C ILE B 93 -19.31 -8.90 -33.35
N TRP B 94 -20.52 -9.48 -33.37
CA TRP B 94 -21.32 -9.54 -32.16
C TRP B 94 -20.67 -10.47 -31.14
N LYS B 95 -20.62 -10.03 -29.88
CA LYS B 95 -20.02 -10.82 -28.82
C LYS B 95 -20.93 -10.80 -27.59
N PRO B 96 -20.97 -11.90 -26.84
CA PRO B 96 -21.70 -11.88 -25.57
C PRO B 96 -21.02 -10.94 -24.58
N ASP B 97 -21.82 -10.45 -23.62
CA ASP B 97 -21.32 -9.45 -22.69
C ASP B 97 -21.35 -9.97 -21.26
N LEU B 98 -20.87 -11.18 -21.05
CA LEU B 98 -20.85 -11.76 -19.72
C LEU B 98 -19.95 -10.96 -18.79
N PHE B 99 -20.41 -10.75 -17.56
CA PHE B 99 -19.64 -10.09 -16.54
C PHE B 99 -19.70 -10.93 -15.27
N PHE B 100 -18.70 -10.77 -14.42
CA PHE B 100 -18.63 -11.51 -13.17
C PHE B 100 -19.33 -10.69 -12.08
N ALA B 101 -20.36 -11.28 -11.49
CA ALA B 101 -21.20 -10.56 -10.53
C ALA B 101 -20.44 -10.15 -9.28
N ASN B 102 -19.31 -10.79 -8.99
CA ASN B 102 -18.49 -10.49 -7.84
C ASN B 102 -17.04 -10.31 -8.25
N GLU B 103 -16.82 -9.53 -9.32
CA GLU B 103 -15.47 -9.35 -9.83
C GLU B 103 -14.62 -8.46 -8.94
N LYS B 104 -15.22 -7.46 -8.29
CA LYS B 104 -14.54 -6.58 -7.34
C LYS B 104 -13.33 -5.87 -7.97
N GLY B 105 -13.35 -5.69 -9.28
CA GLY B 105 -12.24 -5.07 -9.98
C GLY B 105 -11.50 -6.10 -10.82
N ALA B 106 -11.17 -5.71 -12.05
CA ALA B 106 -10.49 -6.61 -12.98
C ALA B 106 -9.95 -5.79 -14.14
N HIS B 107 -9.10 -6.42 -14.94
CA HIS B 107 -8.52 -5.76 -16.10
C HIS B 107 -8.07 -6.82 -17.10
N PHE B 108 -7.91 -6.40 -18.34
CA PHE B 108 -7.43 -7.28 -19.40
C PHE B 108 -5.91 -7.41 -19.31
N HIS B 109 -5.31 -8.03 -20.32
CA HIS B 109 -3.87 -8.08 -20.48
C HIS B 109 -3.53 -7.66 -21.91
N GLU B 110 -2.68 -6.65 -22.04
CA GLU B 110 -2.28 -6.11 -23.35
C GLU B 110 -0.76 -5.93 -23.34
N ILE B 111 -0.04 -6.94 -23.82
CA ILE B 111 1.42 -6.89 -23.90
C ILE B 111 1.83 -7.29 -25.31
N THR B 112 2.41 -6.34 -26.05
CA THR B 112 2.91 -6.45 -27.42
C THR B 112 1.77 -6.58 -28.42
N THR B 113 0.57 -6.86 -27.92
CA THR B 113 -0.70 -7.01 -28.63
C THR B 113 -1.81 -7.09 -27.60
N ASP B 114 -3.04 -7.37 -28.05
CA ASP B 114 -4.06 -7.84 -27.14
C ASP B 114 -3.85 -9.34 -26.89
N ASN B 115 -4.70 -9.92 -26.04
CA ASN B 115 -4.63 -11.34 -25.70
C ASN B 115 -5.97 -12.00 -25.96
N LYS B 116 -6.54 -11.74 -27.14
CA LYS B 116 -7.77 -12.37 -27.59
C LYS B 116 -7.47 -13.42 -28.65
N LEU B 117 -8.48 -14.21 -28.97
CA LEU B 117 -8.37 -15.20 -30.03
C LEU B 117 -9.73 -15.38 -30.68
N LEU B 118 -9.73 -15.44 -32.02
CA LEU B 118 -10.94 -15.65 -32.79
C LEU B 118 -10.74 -16.86 -33.69
N ARG B 119 -11.72 -17.76 -33.70
CA ARG B 119 -11.64 -18.98 -34.50
C ARG B 119 -13.04 -19.33 -34.96
N ILE B 120 -13.38 -18.93 -36.19
CA ILE B 120 -14.69 -19.20 -36.77
C ILE B 120 -14.66 -20.57 -37.44
N SER B 121 -15.56 -21.46 -37.04
CA SER B 121 -15.62 -22.79 -37.60
C SER B 121 -16.45 -22.78 -38.89
N ARG B 122 -16.51 -23.93 -39.55
CA ARG B 122 -17.17 -24.02 -40.85
C ARG B 122 -18.67 -23.76 -40.74
N ASN B 123 -19.33 -24.41 -39.77
CA ASN B 123 -20.78 -24.28 -39.67
C ASN B 123 -21.18 -22.90 -39.14
N GLY B 124 -20.37 -22.30 -38.28
CA GLY B 124 -20.69 -21.00 -37.72
C GLY B 124 -20.28 -20.84 -36.27
N ASN B 125 -19.83 -21.93 -35.65
CA ASN B 125 -19.34 -21.85 -34.28
C ASN B 125 -18.12 -20.95 -34.21
N VAL B 126 -18.10 -20.06 -33.22
CA VAL B 126 -17.08 -19.04 -33.10
C VAL B 126 -16.44 -19.16 -31.71
N LEU B 127 -15.20 -19.61 -31.66
CA LEU B 127 -14.45 -19.63 -30.42
C LEU B 127 -13.97 -18.22 -30.08
N TYR B 128 -13.82 -17.95 -28.78
CA TYR B 128 -13.45 -16.63 -28.31
C TYR B 128 -12.82 -16.80 -26.94
N SER B 129 -11.51 -16.57 -26.85
CA SER B 129 -10.75 -16.91 -25.64
C SER B 129 -9.89 -15.72 -25.24
N ILE B 130 -10.40 -14.92 -24.32
CA ILE B 130 -9.65 -13.79 -23.78
C ILE B 130 -9.03 -14.18 -22.44
N ARG B 131 -8.02 -13.42 -22.03
CA ARG B 131 -7.23 -13.71 -20.83
C ARG B 131 -7.49 -12.62 -19.81
N ILE B 132 -8.20 -12.97 -18.75
CA ILE B 132 -8.61 -12.00 -17.73
C ILE B 132 -7.81 -12.26 -16.46
N THR B 133 -7.71 -11.23 -15.61
CA THR B 133 -7.09 -11.35 -14.29
C THR B 133 -8.07 -10.80 -13.27
N LEU B 134 -8.89 -11.67 -12.71
CA LEU B 134 -9.92 -11.28 -11.77
C LEU B 134 -9.38 -11.21 -10.36
N THR B 135 -10.06 -10.45 -9.50
CA THR B 135 -9.86 -10.52 -8.05
C THR B 135 -11.26 -10.63 -7.41
N LEU B 136 -11.77 -11.86 -7.40
CA LEU B 136 -13.13 -12.10 -6.96
C LEU B 136 -13.26 -12.00 -5.45
N ALA B 137 -14.48 -11.73 -5.00
CA ALA B 137 -14.79 -11.60 -3.58
C ALA B 137 -15.61 -12.79 -3.13
N CYS B 138 -15.16 -13.44 -2.05
CA CYS B 138 -15.86 -14.61 -1.50
C CYS B 138 -15.93 -14.44 0.01
N PRO B 139 -17.13 -14.45 0.61
CA PRO B 139 -17.23 -14.34 2.08
C PRO B 139 -16.79 -15.64 2.73
N MET B 140 -15.81 -15.53 3.62
CA MET B 140 -15.23 -16.71 4.26
C MET B 140 -15.86 -16.95 5.62
N ASP B 141 -15.76 -18.21 6.07
CA ASP B 141 -16.25 -18.63 7.38
C ASP B 141 -15.04 -19.03 8.21
N LEU B 142 -14.70 -18.21 9.20
CA LEU B 142 -13.50 -18.41 10.01
C LEU B 142 -13.79 -19.05 11.36
N LYS B 143 -14.82 -19.90 11.42
CA LYS B 143 -15.10 -20.61 12.68
C LYS B 143 -13.94 -21.55 13.02
N ASN B 144 -13.56 -22.41 12.08
CA ASN B 144 -12.44 -23.33 12.27
C ASN B 144 -11.18 -22.77 11.61
N PHE B 145 -10.79 -21.56 12.04
CA PHE B 145 -9.86 -20.74 11.25
C PHE B 145 -8.58 -21.46 10.85
N PRO B 146 -7.84 -22.15 11.75
CA PRO B 146 -6.65 -22.88 11.29
C PRO B 146 -6.95 -24.20 10.61
N MET B 147 -8.19 -24.69 10.69
CA MET B 147 -8.55 -26.01 10.15
C MET B 147 -9.82 -25.94 9.32
N ASP B 148 -10.07 -24.80 8.68
CA ASP B 148 -11.30 -24.60 7.92
C ASP B 148 -11.15 -25.09 6.49
N VAL B 149 -12.29 -25.25 5.82
CA VAL B 149 -12.35 -25.50 4.39
C VAL B 149 -13.21 -24.42 3.76
N GLN B 150 -12.65 -23.67 2.83
CA GLN B 150 -13.35 -22.54 2.23
C GLN B 150 -14.09 -22.98 0.97
N THR B 151 -14.95 -22.09 0.49
CA THR B 151 -15.67 -22.30 -0.76
C THR B 151 -15.82 -20.93 -1.41
N CYS B 152 -14.88 -20.58 -2.28
CA CYS B 152 -14.88 -19.31 -2.99
C CYS B 152 -15.33 -19.55 -4.43
N ILE B 153 -16.23 -18.71 -4.92
CA ILE B 153 -16.95 -18.98 -6.16
C ILE B 153 -16.83 -17.80 -7.10
N MET B 154 -17.02 -18.09 -8.39
CA MET B 154 -17.13 -17.08 -9.43
C MET B 154 -18.44 -17.28 -10.17
N GLN B 155 -19.05 -16.19 -10.62
CA GLN B 155 -20.37 -16.23 -11.23
C GLN B 155 -20.32 -15.51 -12.58
N LEU B 156 -20.20 -16.28 -13.65
CA LEU B 156 -20.40 -15.72 -14.98
C LEU B 156 -21.86 -15.37 -15.18
N GLU B 157 -22.12 -14.20 -15.76
CA GLU B 157 -23.50 -13.73 -15.88
C GLU B 157 -23.57 -12.66 -16.95
N SER B 158 -24.61 -12.71 -17.77
CA SER B 158 -24.85 -11.67 -18.77
C SER B 158 -25.58 -10.49 -18.14
N PHE B 159 -25.41 -9.31 -18.74
CA PHE B 159 -25.99 -8.08 -18.14
C PHE B 159 -26.90 -7.39 -19.14
N GLY B 160 -26.52 -7.35 -20.41
CA GLY B 160 -27.28 -6.59 -21.38
C GLY B 160 -28.52 -7.28 -21.91
N TYR B 161 -28.55 -8.60 -21.86
CA TYR B 161 -29.62 -9.37 -22.48
C TYR B 161 -30.40 -10.15 -21.41
N THR B 162 -31.45 -10.83 -21.88
CA THR B 162 -32.40 -11.52 -21.03
C THR B 162 -32.18 -13.03 -21.09
N MET B 163 -32.64 -13.72 -20.05
CA MET B 163 -32.54 -15.18 -20.00
C MET B 163 -33.19 -15.82 -21.22
N ASN B 164 -34.25 -15.21 -21.77
CA ASN B 164 -34.87 -15.74 -22.97
C ASN B 164 -34.16 -15.31 -24.24
N ASP B 165 -33.12 -14.49 -24.14
CA ASP B 165 -32.34 -14.07 -25.29
C ASP B 165 -30.87 -14.48 -25.21
N LEU B 166 -30.42 -15.01 -24.08
CA LEU B 166 -29.02 -15.43 -23.93
C LEU B 166 -28.93 -16.39 -22.75
N ILE B 167 -28.54 -17.63 -23.01
CA ILE B 167 -28.43 -18.66 -21.99
C ILE B 167 -26.97 -19.11 -21.91
N PHE B 168 -26.46 -19.24 -20.70
CA PHE B 168 -25.10 -19.67 -20.46
C PHE B 168 -25.09 -21.10 -19.93
N GLU B 169 -24.24 -21.94 -20.52
CA GLU B 169 -24.09 -23.33 -20.10
C GLU B 169 -22.61 -23.68 -20.07
N TRP B 170 -22.28 -24.67 -19.24
CA TRP B 170 -20.92 -25.19 -19.18
C TRP B 170 -20.77 -26.36 -20.14
N GLN B 171 -19.52 -26.63 -20.52
CA GLN B 171 -19.23 -27.81 -21.32
C GLN B 171 -19.44 -29.08 -20.50
N GLU B 172 -19.90 -30.13 -21.18
CA GLU B 172 -20.20 -31.38 -20.49
C GLU B 172 -18.94 -32.03 -19.92
N GLN B 173 -17.88 -32.10 -20.73
CA GLN B 173 -16.63 -32.73 -20.34
C GLN B 173 -15.53 -31.70 -20.26
N GLY B 174 -14.80 -31.69 -19.15
CA GLY B 174 -13.71 -30.75 -18.95
C GLY B 174 -14.19 -29.30 -18.94
N ALA B 175 -14.99 -28.96 -17.94
CA ALA B 175 -15.57 -27.61 -17.87
C ALA B 175 -14.64 -26.61 -17.22
N VAL B 176 -13.88 -27.01 -16.21
CA VAL B 176 -12.96 -26.12 -15.50
C VAL B 176 -11.61 -26.82 -15.46
N GLN B 177 -10.72 -26.49 -16.40
CA GLN B 177 -9.40 -27.06 -16.39
C GLN B 177 -8.53 -26.39 -15.32
N VAL B 178 -7.39 -27.02 -15.02
CA VAL B 178 -6.45 -26.52 -14.04
C VAL B 178 -5.05 -26.62 -14.63
N ALA B 179 -4.23 -25.61 -14.38
CA ALA B 179 -2.84 -25.65 -14.81
C ALA B 179 -2.12 -26.85 -14.19
N ASP B 180 -1.21 -27.44 -14.96
CA ASP B 180 -0.57 -28.69 -14.57
C ASP B 180 0.21 -28.53 -13.28
N GLY B 181 1.22 -27.66 -13.27
CA GLY B 181 2.04 -27.49 -12.09
C GLY B 181 1.53 -26.41 -11.15
N LEU B 182 0.21 -26.30 -11.03
CA LEU B 182 -0.38 -25.26 -10.18
C LEU B 182 -0.21 -25.62 -8.72
N THR B 183 0.29 -24.66 -7.94
CA THR B 183 0.42 -24.82 -6.50
C THR B 183 0.03 -23.52 -5.82
N LEU B 184 -0.35 -23.62 -4.55
CA LEU B 184 -0.78 -22.47 -3.79
C LEU B 184 -0.08 -22.44 -2.45
N PRO B 185 0.34 -21.27 -1.97
CA PRO B 185 0.76 -21.14 -0.58
C PRO B 185 -0.44 -21.28 0.34
N GLN B 186 -0.17 -21.79 1.55
CA GLN B 186 -1.25 -21.98 2.54
C GLN B 186 -2.25 -22.99 1.98
N PHE B 187 -3.32 -22.49 1.39
CA PHE B 187 -4.40 -23.35 0.91
C PHE B 187 -3.91 -24.35 -0.14
N ILE B 188 -4.64 -25.47 -0.24
CA ILE B 188 -4.44 -26.46 -1.28
C ILE B 188 -5.77 -26.70 -1.98
N LEU B 189 -5.75 -26.68 -3.31
CA LEU B 189 -6.98 -26.80 -4.09
C LEU B 189 -7.41 -28.26 -4.21
N LYS B 190 -8.71 -28.48 -4.10
CA LYS B 190 -9.28 -29.82 -4.25
C LYS B 190 -9.38 -30.18 -5.73
N GLU B 191 -9.82 -31.41 -5.99
CA GLU B 191 -10.00 -31.90 -7.35
C GLU B 191 -11.43 -31.73 -7.85
N GLU B 192 -12.42 -32.06 -7.03
CA GLU B 192 -13.82 -31.93 -7.43
C GLU B 192 -14.27 -30.49 -7.30
N LYS B 193 -14.89 -29.97 -8.36
CA LYS B 193 -15.43 -28.61 -8.37
C LYS B 193 -16.89 -28.67 -8.80
N ASP B 194 -17.76 -28.10 -8.00
CA ASP B 194 -19.18 -28.10 -8.29
C ASP B 194 -19.50 -27.05 -9.36
N LEU B 195 -20.56 -27.33 -10.12
CA LEU B 195 -21.04 -26.42 -11.17
C LEU B 195 -22.56 -26.32 -11.03
N ARG B 196 -23.02 -25.38 -10.24
CA ARG B 196 -24.44 -25.18 -9.99
C ARG B 196 -24.98 -24.12 -10.96
N TYR B 197 -26.22 -23.69 -10.74
CA TYR B 197 -26.84 -22.66 -11.53
C TYR B 197 -27.12 -21.44 -10.66
N CYS B 198 -27.25 -20.29 -11.34
CA CYS B 198 -27.17 -18.99 -10.69
C CYS B 198 -28.21 -18.02 -11.25
N THR B 199 -29.29 -18.55 -11.84
CA THR B 199 -30.24 -17.70 -12.56
C THR B 199 -30.77 -16.58 -11.68
N LYS B 200 -30.39 -15.35 -12.01
CA LYS B 200 -30.73 -14.19 -11.19
C LYS B 200 -32.11 -13.65 -11.57
N HIS B 201 -32.80 -13.10 -10.57
CA HIS B 201 -34.10 -12.47 -10.76
C HIS B 201 -33.98 -11.04 -10.23
N TYR B 202 -33.53 -10.13 -11.08
CA TYR B 202 -33.42 -8.72 -10.71
C TYR B 202 -34.78 -8.05 -10.81
N ASN B 203 -34.79 -6.73 -10.59
CA ASN B 203 -36.03 -5.98 -10.75
C ASN B 203 -36.47 -5.95 -12.21
N THR B 204 -35.53 -5.87 -13.14
CA THR B 204 -35.86 -5.82 -14.56
C THR B 204 -36.32 -7.16 -15.10
N GLY B 205 -35.94 -8.27 -14.47
CA GLY B 205 -36.36 -9.58 -14.91
C GLY B 205 -35.26 -10.59 -14.70
N LYS B 206 -35.31 -11.67 -15.49
CA LYS B 206 -34.40 -12.79 -15.33
C LYS B 206 -33.16 -12.60 -16.19
N PHE B 207 -31.99 -12.66 -15.55
CA PHE B 207 -30.71 -12.62 -16.23
C PHE B 207 -29.96 -13.92 -15.94
N THR B 208 -29.41 -14.53 -16.98
CA THR B 208 -28.71 -15.80 -16.83
C THR B 208 -27.43 -15.62 -16.03
N CYS B 209 -27.09 -16.66 -15.27
CA CYS B 209 -25.85 -16.67 -14.49
C CYS B 209 -25.49 -18.11 -14.20
N ILE B 210 -24.19 -18.42 -14.29
CA ILE B 210 -23.69 -19.76 -13.99
C ILE B 210 -22.44 -19.61 -13.13
N GLU B 211 -22.31 -20.47 -12.13
CA GLU B 211 -21.25 -20.34 -11.14
C GLU B 211 -20.54 -21.68 -10.95
N ALA B 212 -19.25 -21.59 -10.61
CA ALA B 212 -18.44 -22.75 -10.26
C ALA B 212 -17.88 -22.56 -8.87
N ARG B 213 -17.78 -23.66 -8.13
CA ARG B 213 -17.33 -23.63 -6.74
C ARG B 213 -15.96 -24.30 -6.63
N PHE B 214 -15.02 -23.62 -5.98
CA PHE B 214 -13.68 -24.14 -5.73
C PHE B 214 -13.58 -24.46 -4.24
N HIS B 215 -13.41 -25.73 -3.91
CA HIS B 215 -13.26 -26.14 -2.52
C HIS B 215 -11.80 -26.00 -2.11
N LEU B 216 -11.53 -25.13 -1.14
CA LEU B 216 -10.17 -24.80 -0.71
C LEU B 216 -9.98 -25.20 0.74
N GLU B 217 -9.15 -26.20 0.99
CA GLU B 217 -8.73 -26.50 2.35
C GLU B 217 -7.55 -25.61 2.73
N ARG B 218 -7.17 -25.66 4.00
CA ARG B 218 -6.07 -24.86 4.53
C ARG B 218 -5.04 -25.77 5.17
N GLN B 219 -3.79 -25.59 4.80
CA GLN B 219 -2.70 -26.36 5.41
C GLN B 219 -2.46 -25.90 6.84
N MET B 220 -2.12 -26.82 7.74
CA MET B 220 -2.01 -26.39 9.16
C MET B 220 -0.54 -26.19 9.53
N GLY B 221 0.39 -26.42 8.61
CA GLY B 221 1.80 -26.34 8.96
C GLY B 221 2.25 -25.06 9.62
N TYR B 222 2.12 -23.93 8.92
CA TYR B 222 2.64 -22.67 9.42
C TYR B 222 1.92 -22.23 10.69
N TYR B 223 0.59 -22.24 10.66
CA TYR B 223 -0.18 -21.86 11.85
C TYR B 223 0.17 -22.76 13.02
N LEU B 224 0.14 -24.08 12.79
CA LEU B 224 0.52 -25.04 13.82
C LEU B 224 1.86 -24.66 14.45
N ILE B 225 2.92 -24.63 13.65
CA ILE B 225 4.26 -24.39 14.18
C ILE B 225 4.28 -23.08 14.94
N GLN B 226 4.12 -21.96 14.22
CA GLN B 226 4.44 -20.65 14.79
C GLN B 226 3.26 -20.00 15.52
N MET B 227 2.24 -20.78 15.89
CA MET B 227 1.26 -20.26 16.83
C MET B 227 0.81 -21.31 17.83
N TYR B 228 1.38 -22.51 17.81
CA TYR B 228 1.15 -23.51 18.83
C TYR B 228 2.41 -23.87 19.61
N ILE B 229 3.56 -23.98 18.94
CA ILE B 229 4.79 -24.34 19.66
C ILE B 229 5.14 -23.32 20.74
N PRO B 230 5.10 -22.00 20.49
CA PRO B 230 5.38 -21.06 21.60
C PRO B 230 4.44 -21.20 22.77
N SER B 231 3.14 -21.42 22.53
CA SER B 231 2.20 -21.57 23.63
C SER B 231 2.51 -22.82 24.46
N LEU B 232 2.81 -23.93 23.77
CA LEU B 232 3.19 -25.16 24.47
C LEU B 232 4.44 -24.93 25.30
N LEU B 233 5.43 -24.23 24.74
CA LEU B 233 6.68 -24.00 25.46
C LEU B 233 6.46 -23.12 26.68
N ILE B 234 5.58 -22.12 26.57
CA ILE B 234 5.29 -21.26 27.72
C ILE B 234 4.53 -22.03 28.79
N VAL B 235 3.64 -22.93 28.39
CA VAL B 235 2.96 -23.78 29.38
C VAL B 235 3.97 -24.67 30.11
N ILE B 236 4.92 -25.25 29.36
CA ILE B 236 5.96 -26.04 30.03
C ILE B 236 6.84 -25.14 30.89
N LEU B 237 6.98 -23.86 30.52
CA LEU B 237 7.69 -22.91 31.37
C LEU B 237 6.97 -22.73 32.70
N SER B 238 5.64 -22.60 32.66
CA SER B 238 4.88 -22.54 33.90
C SER B 238 5.05 -23.83 34.71
N TRP B 239 5.13 -24.96 34.03
CA TRP B 239 5.34 -26.23 34.73
C TRP B 239 6.70 -26.29 35.42
N ILE B 240 7.76 -25.86 34.73
CA ILE B 240 9.07 -25.85 35.37
C ILE B 240 9.14 -24.79 36.46
N SER B 241 8.29 -23.77 36.40
CA SER B 241 8.10 -22.89 37.55
C SER B 241 7.46 -23.64 38.71
N PHE B 242 6.50 -24.52 38.40
CA PHE B 242 5.92 -25.38 39.43
C PHE B 242 7.01 -26.21 40.09
N TRP B 243 7.94 -26.73 39.29
CA TRP B 243 9.02 -27.60 39.77
C TRP B 243 10.15 -26.75 40.37
N ILE B 244 9.85 -26.13 41.51
CA ILE B 244 10.84 -25.34 42.24
C ILE B 244 10.38 -25.24 43.69
N ASN B 245 11.30 -24.88 44.57
CA ASN B 245 10.98 -24.73 45.98
C ASN B 245 10.14 -23.48 46.21
N MET B 246 9.45 -23.46 47.36
CA MET B 246 8.54 -22.37 47.68
C MET B 246 9.25 -21.16 48.28
N ASP B 247 10.53 -21.25 48.57
CA ASP B 247 11.25 -20.11 49.12
C ASP B 247 11.50 -19.03 48.08
N ALA B 248 11.57 -19.42 46.80
CA ALA B 248 11.88 -18.48 45.72
C ALA B 248 10.63 -17.71 45.28
N ALA B 249 10.06 -16.98 46.25
CA ALA B 249 8.84 -16.21 45.97
C ALA B 249 9.06 -15.14 44.92
N PRO B 250 10.06 -14.26 45.02
CA PRO B 250 10.24 -13.25 43.95
C PRO B 250 10.51 -13.87 42.59
N ALA B 251 11.31 -14.95 42.54
CA ALA B 251 11.62 -15.58 41.26
C ALA B 251 10.37 -16.16 40.62
N ARG B 252 9.58 -16.89 41.41
CA ARG B 252 8.38 -17.51 40.84
C ARG B 252 7.35 -16.46 40.44
N VAL B 253 7.19 -15.40 41.24
CA VAL B 253 6.21 -14.38 40.87
C VAL B 253 6.67 -13.63 39.63
N GLY B 254 7.98 -13.39 39.48
CA GLY B 254 8.48 -12.75 38.28
C GLY B 254 8.29 -13.61 37.05
N LEU B 255 8.55 -14.92 37.17
CA LEU B 255 8.34 -15.80 36.03
C LEU B 255 6.87 -15.82 35.64
N GLY B 256 5.98 -15.87 36.64
CA GLY B 256 4.56 -15.85 36.34
C GLY B 256 4.13 -14.57 35.66
N ILE B 257 4.66 -13.44 36.11
CA ILE B 257 4.37 -12.16 35.46
C ILE B 257 4.81 -12.20 34.00
N THR B 258 6.03 -12.69 33.77
CA THR B 258 6.57 -12.74 32.39
C THR B 258 5.69 -13.64 31.53
N THR B 259 5.31 -14.81 32.02
CA THR B 259 4.51 -15.73 31.22
C THR B 259 3.12 -15.15 30.92
N VAL B 260 2.50 -14.49 31.90
CA VAL B 260 1.20 -13.87 31.67
C VAL B 260 1.31 -12.79 30.60
N LEU B 261 2.34 -11.94 30.71
CA LEU B 261 2.56 -10.91 29.70
C LEU B 261 2.82 -11.53 28.33
N THR B 262 3.56 -12.63 28.29
CA THR B 262 3.87 -13.28 27.01
C THR B 262 2.60 -13.81 26.35
N MET B 263 1.73 -14.46 27.11
CA MET B 263 0.47 -14.93 26.54
C MET B 263 -0.42 -13.78 26.11
N THR B 264 -0.45 -12.68 26.88
CA THR B 264 -1.22 -11.53 26.45
C THR B 264 -0.69 -10.97 25.13
N THR B 265 0.63 -10.85 25.00
CA THR B 265 1.22 -10.33 23.78
C THR B 265 0.97 -11.26 22.60
N GLN B 266 1.10 -12.57 22.81
CA GLN B 266 0.88 -13.51 21.71
C GLN B 266 -0.58 -13.51 21.27
N SER B 267 -1.51 -13.43 22.23
CA SER B 267 -2.92 -13.34 21.87
C SER B 267 -3.22 -12.06 21.12
N SER B 268 -2.58 -10.95 21.51
CA SER B 268 -2.74 -9.71 20.76
C SER B 268 -2.19 -9.84 19.35
N GLY B 269 -1.04 -10.51 19.21
CA GLY B 269 -0.45 -10.68 17.89
C GLY B 269 -1.18 -11.70 17.04
N SER B 270 -2.06 -12.49 17.65
CA SER B 270 -2.87 -13.44 16.91
C SER B 270 -3.77 -12.76 15.88
N ARG B 271 -4.43 -11.68 16.28
CA ARG B 271 -5.48 -11.07 15.49
C ARG B 271 -4.97 -10.02 14.51
N ALA B 272 -3.66 -9.81 14.43
CA ALA B 272 -3.12 -8.77 13.55
C ALA B 272 -3.35 -9.08 12.08
N SER B 273 -3.47 -10.35 11.70
CA SER B 273 -3.58 -10.74 10.30
C SER B 273 -4.96 -11.29 9.95
N LEU B 274 -5.96 -11.07 10.81
CA LEU B 274 -7.30 -11.58 10.56
C LEU B 274 -8.32 -10.46 10.65
N PRO B 275 -9.42 -10.58 9.92
CA PRO B 275 -10.46 -9.54 9.98
C PRO B 275 -11.15 -9.52 11.34
N LYS B 276 -11.72 -8.36 11.67
CA LYS B 276 -12.40 -8.16 12.94
C LYS B 276 -13.77 -8.85 12.92
N VAL B 277 -13.71 -10.19 12.88
CA VAL B 277 -14.93 -10.97 12.78
C VAL B 277 -15.58 -11.10 14.15
N SER B 278 -16.92 -11.12 14.16
CA SER B 278 -17.65 -10.98 15.42
C SER B 278 -17.55 -12.23 16.29
N TYR B 279 -17.78 -13.40 15.71
CA TYR B 279 -17.91 -14.60 16.53
C TYR B 279 -16.53 -15.08 16.99
N VAL B 280 -16.53 -16.14 17.79
CA VAL B 280 -15.31 -16.71 18.33
C VAL B 280 -14.71 -17.66 17.31
N LYS B 281 -13.41 -17.53 17.06
CA LYS B 281 -12.73 -18.37 16.08
C LYS B 281 -12.37 -19.72 16.69
N ALA B 282 -11.55 -20.49 15.98
CA ALA B 282 -11.09 -21.78 16.48
C ALA B 282 -9.87 -21.64 17.39
N ILE B 283 -8.92 -20.80 17.01
CA ILE B 283 -7.66 -20.72 17.71
C ILE B 283 -7.71 -19.71 18.86
N ASP B 284 -8.70 -18.83 18.86
CA ASP B 284 -8.89 -17.94 20.01
C ASP B 284 -9.22 -18.75 21.27
N ILE B 285 -9.95 -19.85 21.11
CA ILE B 285 -10.22 -20.73 22.25
C ILE B 285 -8.92 -21.29 22.79
N TRP B 286 -8.03 -21.74 21.91
CA TRP B 286 -6.75 -22.28 22.34
C TRP B 286 -5.91 -21.23 23.06
N MET B 287 -5.85 -20.01 22.50
CA MET B 287 -5.07 -18.96 23.13
C MET B 287 -5.66 -18.59 24.49
N ALA B 288 -6.99 -18.53 24.59
CA ALA B 288 -7.64 -18.22 25.86
C ALA B 288 -7.36 -19.31 26.89
N VAL B 289 -7.38 -20.57 26.48
CA VAL B 289 -7.13 -21.66 27.42
C VAL B 289 -5.68 -21.63 27.90
N CYS B 290 -4.73 -21.36 26.99
CA CYS B 290 -3.34 -21.24 27.42
C CYS B 290 -3.16 -20.09 28.40
N LEU B 291 -3.78 -18.94 28.11
CA LEU B 291 -3.72 -17.81 29.03
C LEU B 291 -4.34 -18.17 30.37
N LEU B 292 -5.44 -18.91 30.35
CA LEU B 292 -6.09 -19.33 31.58
C LEU B 292 -5.20 -20.27 32.39
N PHE B 293 -4.48 -21.17 31.71
CA PHE B 293 -3.58 -22.08 32.42
C PHE B 293 -2.43 -21.32 33.07
N VAL B 294 -1.84 -20.36 32.36
CA VAL B 294 -0.78 -19.55 32.96
C VAL B 294 -1.32 -18.74 34.13
N PHE B 295 -2.52 -18.17 33.96
CA PHE B 295 -3.17 -17.40 35.01
C PHE B 295 -3.41 -18.27 36.24
N SER B 296 -3.86 -19.51 36.04
CA SER B 296 -4.10 -20.42 37.15
C SER B 296 -2.80 -20.87 37.81
N ALA B 297 -1.72 -20.97 37.04
CA ALA B 297 -0.42 -21.27 37.64
C ALA B 297 0.00 -20.16 38.60
N LEU B 298 -0.09 -18.91 38.15
CA LEU B 298 0.23 -17.80 39.04
C LEU B 298 -0.71 -17.76 40.23
N LEU B 299 -2.00 -18.03 39.99
CA LEU B 299 -2.99 -18.03 41.07
C LEU B 299 -2.68 -19.08 42.11
N GLU B 300 -2.27 -20.28 41.68
CA GLU B 300 -1.98 -21.32 42.67
C GLU B 300 -0.70 -21.00 43.41
N TYR B 301 0.27 -20.34 42.76
CA TYR B 301 1.42 -19.86 43.52
C TYR B 301 0.99 -18.88 44.61
N ALA B 302 0.09 -17.96 44.26
CA ALA B 302 -0.41 -17.03 45.27
C ALA B 302 -1.09 -17.77 46.41
N ALA B 303 -1.89 -18.79 46.09
CA ALA B 303 -2.57 -19.57 47.12
C ALA B 303 -1.57 -20.30 48.01
N VAL B 304 -0.52 -20.88 47.42
CA VAL B 304 0.49 -21.57 48.21
C VAL B 304 1.22 -20.60 49.11
N ASN B 305 1.55 -19.41 48.61
CA ASN B 305 2.20 -18.41 49.46
C ASN B 305 1.29 -18.02 50.61
N PHE B 306 -0.01 -17.83 50.33
CA PHE B 306 -0.96 -17.53 51.39
C PHE B 306 -1.00 -18.63 52.44
N VAL B 307 -1.04 -19.90 52.01
CA VAL B 307 -1.11 -21.01 52.95
C VAL B 307 0.16 -21.08 53.79
N SER B 308 1.32 -20.95 53.15
CA SER B 308 2.59 -21.05 53.87
C SER B 308 2.77 -19.91 54.86
N ARG B 309 2.34 -18.70 54.48
CA ARG B 309 2.55 -17.52 55.37
C ARG B 309 1.40 -17.38 56.37
N GLN B 310 0.33 -18.17 56.21
CA GLN B 310 -0.81 -18.03 57.11
C GLN B 310 -0.42 -18.24 58.57
N HIS B 311 0.69 -18.93 58.82
CA HIS B 311 1.17 -19.18 60.18
C HIS B 311 1.46 -17.88 60.93
N MET B 322 2.61 -22.43 66.83
CA MET B 322 3.83 -23.15 66.50
C MET B 322 3.49 -24.53 65.92
N ARG B 323 3.10 -24.55 64.65
CA ARG B 323 2.73 -25.78 63.97
C ARG B 323 3.33 -25.79 62.58
N LYS B 324 3.69 -26.98 62.11
CA LYS B 324 4.19 -27.19 60.76
C LYS B 324 3.12 -27.71 59.82
N LEU B 325 1.88 -27.83 60.29
CA LEU B 325 0.81 -28.35 59.45
C LEU B 325 0.54 -27.43 58.25
N PHE B 326 0.67 -26.11 58.44
CA PHE B 326 0.49 -25.20 57.32
C PHE B 326 1.52 -25.45 56.22
N ILE B 327 2.79 -25.62 56.62
CA ILE B 327 3.83 -25.90 55.64
C ILE B 327 3.58 -27.24 54.97
N GLN B 328 3.18 -28.24 55.75
CA GLN B 328 2.93 -29.56 55.19
C GLN B 328 1.80 -29.53 54.16
N ARG B 329 0.71 -28.84 54.49
CA ARG B 329 -0.42 -28.77 53.55
C ARG B 329 -0.08 -27.91 52.34
N ALA B 330 0.75 -26.87 52.51
CA ALA B 330 1.20 -26.10 51.35
C ALA B 330 2.04 -26.96 50.42
N LYS B 331 2.93 -27.78 50.99
CA LYS B 331 3.74 -28.67 50.16
C LYS B 331 2.86 -29.70 49.46
N LYS B 332 1.85 -30.23 50.15
CA LYS B 332 0.93 -31.17 49.53
C LYS B 332 0.17 -30.52 48.37
N ILE B 333 -0.29 -29.29 48.57
CA ILE B 333 -0.98 -28.56 47.50
C ILE B 333 -0.06 -28.37 46.31
N ASP B 334 1.18 -27.96 46.57
CA ASP B 334 2.14 -27.76 45.49
C ASP B 334 2.36 -29.05 44.71
N LYS B 335 2.55 -30.17 45.44
CA LYS B 335 2.81 -31.44 44.76
C LYS B 335 1.61 -31.90 43.94
N ILE B 336 0.40 -31.76 44.50
CA ILE B 336 -0.78 -32.24 43.78
C ILE B 336 -1.05 -31.39 42.55
N SER B 337 -0.86 -30.08 42.64
CA SER B 337 -0.99 -29.24 41.45
C SER B 337 0.09 -29.59 40.42
N ARG B 338 1.31 -29.82 40.90
CA ARG B 338 2.44 -30.16 40.06
C ARG B 338 2.17 -31.42 39.25
N ILE B 339 1.53 -32.42 39.87
CA ILE B 339 1.22 -33.66 39.18
C ILE B 339 -0.12 -33.62 38.45
N GLY B 340 -0.96 -32.64 38.75
CA GLY B 340 -2.28 -32.59 38.16
C GLY B 340 -2.47 -31.72 36.93
N PHE B 341 -1.87 -30.52 36.98
CA PHE B 341 -1.96 -29.57 35.85
C PHE B 341 -1.67 -30.32 34.56
N PRO B 342 -0.46 -30.89 34.40
CA PRO B 342 -0.11 -31.54 33.11
C PRO B 342 -1.18 -32.50 32.61
N MET B 343 -1.81 -33.26 33.52
CA MET B 343 -2.88 -34.17 33.10
C MET B 343 -4.09 -33.39 32.58
N ALA B 344 -4.44 -32.29 33.25
CA ALA B 344 -5.56 -31.47 32.79
C ALA B 344 -5.27 -30.88 31.42
N PHE B 345 -4.04 -30.43 31.19
CA PHE B 345 -3.67 -29.90 29.89
C PHE B 345 -3.76 -30.98 28.82
N LEU B 346 -3.32 -32.20 29.14
CA LEU B 346 -3.43 -33.30 28.19
C LEU B 346 -4.89 -33.60 27.85
N ILE B 347 -5.76 -33.60 28.87
CA ILE B 347 -7.18 -33.85 28.64
C ILE B 347 -7.78 -32.77 27.74
N PHE B 348 -7.45 -31.51 28.02
CA PHE B 348 -7.96 -30.42 27.19
C PHE B 348 -7.47 -30.54 25.76
N ASN B 349 -6.19 -30.87 25.58
CA ASN B 349 -5.63 -31.00 24.24
C ASN B 349 -6.33 -32.12 23.48
N MET B 350 -6.52 -33.27 24.12
CA MET B 350 -7.22 -34.37 23.46
C MET B 350 -8.63 -33.98 23.06
N PHE B 351 -9.38 -33.37 23.99
CA PHE B 351 -10.75 -32.97 23.66
C PHE B 351 -10.78 -31.97 22.51
N TYR B 352 -9.92 -30.96 22.57
CA TYR B 352 -9.91 -29.91 21.55
C TYR B 352 -9.60 -30.49 20.18
N TRP B 353 -8.55 -31.31 20.09
CA TRP B 353 -8.20 -31.87 18.79
C TRP B 353 -9.26 -32.82 18.27
N ILE B 354 -9.83 -33.68 19.13
CA ILE B 354 -10.81 -34.63 18.60
C ILE B 354 -12.07 -33.91 18.17
N ILE B 355 -12.44 -32.82 18.84
CA ILE B 355 -13.68 -32.14 18.48
C ILE B 355 -13.48 -31.19 17.30
N TYR B 356 -12.27 -30.70 17.07
CA TYR B 356 -12.02 -29.81 15.95
C TYR B 356 -11.38 -30.50 14.75
N LYS B 357 -11.17 -31.82 14.81
CA LYS B 357 -10.72 -32.57 13.64
C LYS B 357 -11.81 -33.51 13.11
N ILE B 358 -13.07 -33.25 13.45
CA ILE B 358 -14.18 -34.01 12.90
C ILE B 358 -15.21 -33.05 12.30
N MET C 8 -37.80 -6.94 -43.18
CA MET C 8 -37.43 -5.67 -42.60
C MET C 8 -35.96 -5.70 -42.17
N SER C 9 -35.33 -4.53 -42.16
CA SER C 9 -33.91 -4.43 -41.80
C SER C 9 -33.76 -3.78 -40.43
N PRO C 10 -33.37 -4.52 -39.39
CA PRO C 10 -33.10 -3.89 -38.10
C PRO C 10 -32.01 -2.84 -38.18
N SER C 11 -31.00 -3.04 -39.04
CA SER C 11 -29.98 -2.02 -39.23
C SER C 11 -30.57 -0.72 -39.74
N ASP C 12 -31.45 -0.81 -40.75
CA ASP C 12 -32.08 0.39 -41.28
C ASP C 12 -32.99 1.03 -40.25
N PHE C 13 -33.70 0.23 -39.46
CA PHE C 13 -34.55 0.78 -38.42
C PHE C 13 -33.73 1.54 -37.38
N LEU C 14 -32.61 0.95 -36.94
CA LEU C 14 -31.77 1.62 -35.97
C LEU C 14 -31.17 2.90 -36.53
N ASP C 15 -30.71 2.87 -37.79
CA ASP C 15 -30.14 4.06 -38.40
C ASP C 15 -31.18 5.16 -38.53
N LYS C 16 -32.41 4.81 -38.92
CA LYS C 16 -33.48 5.80 -39.01
C LYS C 16 -33.81 6.38 -37.64
N LEU C 17 -33.86 5.53 -36.61
CA LEU C 17 -34.17 6.02 -35.27
C LEU C 17 -33.10 6.96 -34.76
N MET C 18 -31.82 6.61 -34.97
CA MET C 18 -30.72 7.44 -34.51
C MET C 18 -29.48 7.09 -35.31
N GLY C 19 -28.55 8.06 -35.38
CA GLY C 19 -27.29 7.87 -36.06
C GLY C 19 -27.12 8.88 -37.20
N ARG C 20 -26.52 8.40 -38.30
CA ARG C 20 -26.18 9.29 -39.41
C ARG C 20 -27.44 9.87 -40.06
N THR C 21 -28.26 9.01 -40.64
CA THR C 21 -29.44 9.47 -41.39
C THR C 21 -30.69 9.49 -40.50
N SER C 22 -30.57 10.22 -39.41
CA SER C 22 -31.69 10.34 -38.47
C SER C 22 -32.02 11.77 -38.10
N GLY C 23 -31.02 12.65 -38.00
CA GLY C 23 -31.26 13.98 -37.52
C GLY C 23 -31.39 14.09 -36.02
N TYR C 24 -30.99 13.06 -35.27
CA TYR C 24 -31.05 13.06 -33.81
C TYR C 24 -29.76 13.66 -33.28
N ASP C 25 -29.82 14.94 -32.92
CA ASP C 25 -28.65 15.64 -32.38
C ASP C 25 -28.55 15.31 -30.89
N ALA C 26 -27.61 14.43 -30.54
CA ALA C 26 -27.49 13.95 -29.17
C ALA C 26 -26.73 14.92 -28.29
N ARG C 27 -27.13 16.19 -28.30
CA ARG C 27 -26.51 17.20 -27.46
C ARG C 27 -27.51 18.16 -26.84
N ILE C 28 -28.80 17.99 -27.07
CA ILE C 28 -29.84 18.90 -26.61
C ILE C 28 -30.83 18.11 -25.78
N ARG C 29 -31.21 18.68 -24.63
CA ARG C 29 -32.10 17.98 -23.71
C ARG C 29 -33.48 17.76 -24.34
N PRO C 30 -34.13 16.65 -24.03
CA PRO C 30 -35.52 16.44 -24.45
C PRO C 30 -36.42 17.55 -23.90
N ASN C 31 -37.41 17.93 -24.70
CA ASN C 31 -38.30 19.05 -24.38
C ASN C 31 -37.49 20.32 -24.15
N PHE C 32 -36.61 20.62 -25.12
CA PHE C 32 -35.75 21.79 -25.01
C PHE C 32 -36.58 23.07 -24.99
N LYS C 33 -36.09 24.05 -24.22
CA LYS C 33 -36.79 25.32 -24.02
C LYS C 33 -38.21 25.08 -23.51
N GLY C 34 -38.33 24.15 -22.57
CA GLY C 34 -39.62 23.78 -22.03
C GLY C 34 -39.52 23.16 -20.65
N PRO C 35 -40.47 22.29 -20.32
CA PRO C 35 -40.47 21.70 -18.98
C PRO C 35 -39.28 20.80 -18.76
N PRO C 36 -38.80 20.68 -17.53
CA PRO C 36 -37.70 19.75 -17.25
C PRO C 36 -38.18 18.31 -17.20
N VAL C 37 -37.21 17.39 -17.27
CA VAL C 37 -37.54 15.93 -17.33
C VAL C 37 -37.06 15.22 -16.06
N ASN C 38 -37.97 14.52 -15.38
CA ASN C 38 -37.59 13.74 -14.17
C ASN C 38 -36.70 12.57 -14.56
N VAL C 39 -35.72 12.21 -13.71
CA VAL C 39 -34.87 11.02 -13.98
C VAL C 39 -35.02 10.08 -12.78
N SER C 40 -36.04 9.23 -12.78
CA SER C 40 -36.34 8.35 -11.64
C SER C 40 -35.18 7.38 -11.46
N CYS C 41 -34.59 7.37 -10.27
CA CYS C 41 -33.41 6.57 -9.99
C CYS C 41 -33.74 5.49 -8.97
N ASN C 42 -33.15 4.31 -9.17
CA ASN C 42 -33.29 3.21 -8.22
C ASN C 42 -32.05 2.29 -8.27
N ILE C 43 -31.23 2.37 -7.23
CA ILE C 43 -29.96 1.65 -7.20
C ILE C 43 -30.18 0.21 -6.75
N PHE C 44 -29.16 -0.63 -6.93
CA PHE C 44 -29.19 -2.03 -6.51
C PHE C 44 -27.80 -2.36 -5.97
N ILE C 45 -27.67 -2.40 -4.64
CA ILE C 45 -26.37 -2.63 -4.02
C ILE C 45 -26.00 -4.09 -4.14
N ASN C 46 -25.06 -4.40 -5.04
CA ASN C 46 -24.64 -5.79 -5.21
C ASN C 46 -23.74 -6.23 -4.06
N SER C 47 -22.80 -5.39 -3.64
CA SER C 47 -21.84 -5.78 -2.62
C SER C 47 -21.43 -4.54 -1.83
N PHE C 48 -21.93 -4.44 -0.61
CA PHE C 48 -21.55 -3.37 0.31
C PHE C 48 -20.30 -3.82 1.07
N GLY C 49 -19.79 -2.99 1.96
CA GLY C 49 -18.72 -3.40 2.85
C GLY C 49 -17.49 -2.52 2.70
N SER C 50 -16.39 -3.00 3.29
CA SER C 50 -15.12 -2.28 3.35
C SER C 50 -15.29 -0.93 4.06
N ILE C 51 -15.69 -1.01 5.32
CA ILE C 51 -15.95 0.20 6.13
C ILE C 51 -14.60 0.58 6.76
N ALA C 52 -13.82 1.34 6.00
CA ALA C 52 -12.51 1.76 6.47
C ALA C 52 -12.66 2.92 7.44
N GLU C 53 -12.37 2.67 8.72
CA GLU C 53 -12.53 3.71 9.73
C GLU C 53 -11.38 4.71 9.72
N THR C 54 -10.17 4.27 9.36
CA THR C 54 -9.03 5.17 9.36
C THR C 54 -9.18 6.28 8.33
N THR C 55 -9.63 5.93 7.13
CA THR C 55 -9.82 6.91 6.07
C THR C 55 -11.25 7.45 6.00
N MET C 56 -12.16 6.93 6.83
CA MET C 56 -13.54 7.40 6.91
C MET C 56 -14.23 7.35 5.54
N ASP C 57 -14.27 6.14 4.99
CA ASP C 57 -14.90 5.93 3.69
C ASP C 57 -15.30 4.47 3.55
N TYR C 58 -16.14 4.18 2.57
CA TYR C 58 -16.64 2.84 2.33
C TYR C 58 -16.81 2.61 0.84
N ARG C 59 -16.77 1.34 0.43
CA ARG C 59 -16.88 0.95 -0.95
C ARG C 59 -18.24 0.28 -1.20
N VAL C 60 -18.92 0.71 -2.26
CA VAL C 60 -20.20 0.13 -2.64
C VAL C 60 -20.15 -0.19 -4.13
N ASN C 61 -20.89 -1.23 -4.53
CA ASN C 61 -20.92 -1.70 -5.92
C ASN C 61 -22.38 -1.67 -6.37
N ILE C 62 -22.82 -0.52 -6.88
CA ILE C 62 -24.22 -0.30 -7.21
C ILE C 62 -24.51 -0.70 -8.65
N PHE C 63 -25.81 -0.79 -8.97
CA PHE C 63 -26.34 -1.00 -10.32
C PHE C 63 -27.23 0.16 -10.72
N LEU C 64 -26.73 1.38 -10.52
CA LEU C 64 -27.53 2.60 -10.72
C LEU C 64 -28.35 2.54 -11.99
N ARG C 65 -29.66 2.77 -11.83
CA ARG C 65 -30.62 2.76 -12.93
C ARG C 65 -31.35 4.09 -12.98
N GLN C 66 -31.74 4.48 -14.18
CA GLN C 66 -32.49 5.72 -14.36
C GLN C 66 -33.30 5.63 -15.64
N GLN C 67 -34.48 6.26 -15.62
CA GLN C 67 -35.40 6.20 -16.75
C GLN C 67 -36.09 7.55 -16.89
N TRP C 68 -35.63 8.34 -17.87
CA TRP C 68 -36.26 9.60 -18.21
C TRP C 68 -37.26 9.38 -19.35
N ASN C 69 -37.74 10.46 -19.95
CA ASN C 69 -38.68 10.38 -21.06
C ASN C 69 -38.16 11.24 -22.20
N ASP C 70 -37.87 10.60 -23.34
CA ASP C 70 -37.38 11.30 -24.52
C ASP C 70 -38.45 11.25 -25.61
N PRO C 71 -39.18 12.34 -25.85
CA PRO C 71 -40.28 12.28 -26.84
C PRO C 71 -39.82 11.92 -28.25
N ARG C 72 -38.64 12.36 -28.66
CA ARG C 72 -38.18 12.13 -30.03
C ARG C 72 -37.60 10.74 -30.23
N LEU C 73 -37.78 9.83 -29.28
CA LEU C 73 -37.39 8.43 -29.44
C LEU C 73 -38.59 7.51 -29.59
N ALA C 74 -39.80 8.07 -29.69
CA ALA C 74 -40.99 7.25 -29.87
C ALA C 74 -40.97 6.59 -31.25
N TYR C 75 -41.23 5.29 -31.28
CA TYR C 75 -41.21 4.51 -32.51
C TYR C 75 -42.52 3.76 -32.67
N ASN C 76 -42.92 3.57 -33.93
CA ASN C 76 -44.14 2.84 -34.26
C ASN C 76 -43.92 1.71 -35.25
N GLU C 77 -42.68 1.46 -35.67
CA GLU C 77 -42.41 0.45 -36.69
C GLU C 77 -42.41 -0.95 -36.09
N TYR C 78 -41.54 -1.20 -35.11
CA TYR C 78 -41.53 -2.50 -34.45
C TYR C 78 -42.80 -2.67 -33.62
N PRO C 79 -43.41 -3.87 -33.63
CA PRO C 79 -44.60 -4.09 -32.80
C PRO C 79 -44.30 -4.24 -31.32
N ASP C 80 -43.07 -4.57 -30.95
CA ASP C 80 -42.71 -4.74 -29.55
C ASP C 80 -42.61 -3.40 -28.85
N ASP C 81 -42.82 -3.42 -27.53
CA ASP C 81 -42.74 -2.22 -26.71
C ASP C 81 -41.41 -2.08 -25.98
N SER C 82 -40.99 -3.12 -25.26
CA SER C 82 -39.73 -3.09 -24.52
C SER C 82 -38.60 -3.58 -25.43
N LEU C 83 -38.23 -2.71 -26.37
CA LEU C 83 -37.19 -3.02 -27.33
C LEU C 83 -35.82 -2.89 -26.65
N ASP C 84 -35.10 -4.00 -26.54
CA ASP C 84 -33.77 -3.99 -25.97
C ASP C 84 -32.74 -3.61 -27.04
N LEU C 85 -31.77 -2.79 -26.64
CA LEU C 85 -30.75 -2.27 -27.55
C LEU C 85 -29.37 -2.80 -27.15
N ASP C 86 -28.36 -2.35 -27.89
CA ASP C 86 -26.98 -2.79 -27.73
C ASP C 86 -26.23 -1.82 -26.82
N PRO C 87 -25.54 -2.31 -25.78
CA PRO C 87 -24.78 -1.42 -24.89
C PRO C 87 -23.55 -0.80 -25.52
N SER C 88 -23.30 -1.01 -26.81
CA SER C 88 -22.15 -0.41 -27.48
C SER C 88 -22.52 0.79 -28.34
N MET C 89 -23.80 1.17 -28.39
CA MET C 89 -24.25 2.24 -29.26
C MET C 89 -25.04 3.32 -28.52
N LEU C 90 -25.15 3.25 -27.20
CA LEU C 90 -25.91 4.23 -26.44
C LEU C 90 -25.14 5.50 -26.17
N ASP C 91 -23.92 5.61 -26.69
CA ASP C 91 -23.15 6.85 -26.57
C ASP C 91 -23.61 7.92 -27.53
N SER C 92 -24.53 7.60 -28.44
CA SER C 92 -25.01 8.52 -29.46
C SER C 92 -26.40 9.08 -29.15
N ILE C 93 -26.80 9.05 -27.88
CA ILE C 93 -28.07 9.62 -27.43
C ILE C 93 -27.78 10.58 -26.29
N TRP C 94 -28.78 11.39 -25.96
CA TRP C 94 -28.69 12.18 -24.75
C TRP C 94 -28.67 11.25 -23.54
N LYS C 95 -27.84 11.58 -22.56
CA LYS C 95 -27.78 10.82 -21.32
C LYS C 95 -27.71 11.76 -20.14
N PRO C 96 -28.29 11.39 -19.01
CA PRO C 96 -28.12 12.18 -17.79
C PRO C 96 -26.67 12.19 -17.33
N ASP C 97 -26.28 13.28 -16.67
CA ASP C 97 -24.90 13.45 -16.23
C ASP C 97 -24.78 13.57 -14.71
N LEU C 98 -25.51 12.73 -13.98
CA LEU C 98 -25.43 12.78 -12.53
C LEU C 98 -24.07 12.32 -12.04
N PHE C 99 -23.58 12.98 -11.00
CA PHE C 99 -22.32 12.63 -10.36
C PHE C 99 -22.55 12.52 -8.85
N PHE C 100 -21.70 11.75 -8.20
CA PHE C 100 -21.79 11.57 -6.75
C PHE C 100 -20.96 12.65 -6.07
N ALA C 101 -21.61 13.45 -5.22
CA ALA C 101 -20.96 14.61 -4.64
C ALA C 101 -19.84 14.24 -3.68
N ASN C 102 -19.80 13.00 -3.21
CA ASN C 102 -18.76 12.54 -2.29
C ASN C 102 -18.22 11.19 -2.76
N GLU C 103 -17.90 11.11 -4.05
CA GLU C 103 -17.45 9.84 -4.62
C GLU C 103 -16.02 9.50 -4.22
N LYS C 104 -15.15 10.51 -4.06
CA LYS C 104 -13.75 10.31 -3.69
C LYS C 104 -13.06 9.31 -4.61
N GLY C 105 -13.47 9.28 -5.86
CA GLY C 105 -12.90 8.36 -6.82
C GLY C 105 -13.86 7.21 -7.11
N ALA C 106 -14.03 6.90 -8.39
CA ALA C 106 -14.90 5.81 -8.81
C ALA C 106 -14.57 5.46 -10.24
N HIS C 107 -15.01 4.28 -10.67
CA HIS C 107 -14.69 3.81 -12.00
C HIS C 107 -15.80 2.89 -12.49
N PHE C 108 -15.88 2.75 -13.82
CA PHE C 108 -16.83 1.83 -14.43
C PHE C 108 -16.29 0.41 -14.34
N HIS C 109 -16.98 -0.52 -15.00
CA HIS C 109 -16.52 -1.90 -15.13
C HIS C 109 -16.61 -2.29 -16.59
N GLU C 110 -15.49 -2.74 -17.16
CA GLU C 110 -15.41 -3.15 -18.56
C GLU C 110 -14.68 -4.49 -18.62
N ILE C 111 -15.44 -5.57 -18.51
CA ILE C 111 -14.88 -6.93 -18.59
C ILE C 111 -15.65 -7.71 -19.63
N THR C 112 -14.95 -8.09 -20.71
CA THR C 112 -15.45 -8.84 -21.86
C THR C 112 -16.37 -8.00 -22.73
N THR C 113 -16.79 -6.84 -22.23
CA THR C 113 -17.68 -5.90 -22.91
C THR C 113 -17.92 -4.75 -21.92
N ASP C 114 -18.56 -3.67 -22.36
CA ASP C 114 -19.08 -2.69 -21.42
C ASP C 114 -20.14 -3.35 -20.53
N ASN C 115 -20.46 -2.66 -19.43
CA ASN C 115 -21.45 -3.19 -18.50
C ASN C 115 -22.65 -2.26 -18.40
N LYS C 116 -23.15 -1.81 -19.54
CA LYS C 116 -24.30 -0.92 -19.60
C LYS C 116 -25.51 -1.67 -20.16
N LEU C 117 -26.68 -1.09 -19.94
CA LEU C 117 -27.92 -1.65 -20.46
C LEU C 117 -28.78 -0.50 -20.99
N LEU C 118 -29.46 -0.75 -22.11
CA LEU C 118 -30.34 0.24 -22.72
C LEU C 118 -31.65 -0.43 -23.09
N ARG C 119 -32.75 0.28 -22.88
CA ARG C 119 -34.07 -0.25 -23.19
C ARG C 119 -35.00 0.92 -23.49
N ILE C 120 -35.37 1.08 -24.76
CA ILE C 120 -36.24 2.17 -25.20
C ILE C 120 -37.65 1.63 -25.32
N SER C 121 -38.58 2.23 -24.58
CA SER C 121 -39.98 1.81 -24.62
C SER C 121 -40.68 2.43 -25.81
N ARG C 122 -41.93 2.03 -26.03
CA ARG C 122 -42.69 2.51 -27.18
C ARG C 122 -43.01 4.00 -27.05
N ASN C 123 -43.48 4.43 -25.88
CA ASN C 123 -43.86 5.82 -25.71
C ASN C 123 -42.66 6.74 -25.67
N GLY C 124 -41.51 6.25 -25.20
CA GLY C 124 -40.32 7.07 -25.13
C GLY C 124 -39.50 6.85 -23.88
N ASN C 125 -40.02 6.02 -22.96
CA ASN C 125 -39.27 5.70 -21.76
C ASN C 125 -37.99 4.98 -22.11
N VAL C 126 -36.89 5.39 -21.49
CA VAL C 126 -35.56 4.87 -21.80
C VAL C 126 -34.91 4.41 -20.50
N LEU C 127 -34.71 3.10 -20.36
CA LEU C 127 -34.00 2.58 -19.21
C LEU C 127 -32.50 2.64 -19.44
N TYR C 128 -31.76 2.78 -18.34
CA TYR C 128 -30.30 2.95 -18.41
C TYR C 128 -29.72 2.49 -17.08
N SER C 129 -29.02 1.36 -17.10
CA SER C 129 -28.52 0.73 -15.88
C SER C 129 -27.04 0.40 -16.07
N ILE C 130 -26.17 1.24 -15.52
CA ILE C 130 -24.74 1.00 -15.57
C ILE C 130 -24.26 0.44 -14.24
N ARG C 131 -23.08 -0.16 -14.26
CA ARG C 131 -22.51 -0.85 -13.10
C ARG C 131 -21.27 -0.10 -12.65
N ILE C 132 -21.42 0.70 -11.59
CA ILE C 132 -20.33 1.50 -11.08
C ILE C 132 -19.81 0.85 -9.81
N THR C 133 -18.60 1.23 -9.39
CA THR C 133 -18.00 0.80 -8.13
C THR C 133 -17.45 2.05 -7.43
N LEU C 134 -18.26 2.61 -6.53
CA LEU C 134 -17.87 3.80 -5.79
C LEU C 134 -17.06 3.44 -4.54
N THR C 135 -16.29 4.41 -4.06
CA THR C 135 -15.68 4.36 -2.73
C THR C 135 -16.05 5.69 -2.05
N LEU C 136 -17.25 5.71 -1.49
CA LEU C 136 -17.87 6.94 -1.01
C LEU C 136 -17.27 7.36 0.33
N ALA C 137 -17.45 8.64 0.65
CA ALA C 137 -16.90 9.24 1.86
C ALA C 137 -18.04 9.65 2.78
N CYS C 138 -17.96 9.24 4.04
CA CYS C 138 -18.96 9.61 5.04
C CYS C 138 -18.26 9.93 6.36
N PRO C 139 -18.36 11.15 6.86
CA PRO C 139 -17.82 11.45 8.19
C PRO C 139 -18.52 10.63 9.25
N MET C 140 -17.76 10.13 10.21
CA MET C 140 -18.26 9.25 11.24
C MET C 140 -18.07 9.88 12.62
N ASP C 141 -19.00 9.59 13.51
CA ASP C 141 -18.98 10.09 14.88
C ASP C 141 -18.71 8.92 15.81
N LEU C 142 -17.65 9.01 16.60
CA LEU C 142 -17.17 7.91 17.42
C LEU C 142 -17.25 8.21 18.92
N LYS C 143 -18.28 8.94 19.34
CA LYS C 143 -18.51 9.09 20.78
C LYS C 143 -18.80 7.75 21.43
N ASN C 144 -19.75 7.01 20.88
CA ASN C 144 -20.06 5.66 21.36
C ASN C 144 -19.39 4.63 20.45
N PHE C 145 -18.05 4.62 20.50
CA PHE C 145 -17.27 3.90 19.50
C PHE C 145 -17.66 2.43 19.33
N PRO C 146 -17.81 1.62 20.39
CA PRO C 146 -18.22 0.23 20.17
C PRO C 146 -19.71 0.05 19.94
N MET C 147 -20.54 1.02 20.33
CA MET C 147 -21.99 0.90 20.19
C MET C 147 -22.57 2.04 19.34
N ASP C 148 -21.81 2.50 18.34
CA ASP C 148 -22.25 3.60 17.51
C ASP C 148 -23.27 3.14 16.48
N VAL C 149 -24.04 4.10 15.97
CA VAL C 149 -25.00 3.87 14.89
C VAL C 149 -24.58 4.82 13.77
N GLN C 150 -23.74 4.34 12.86
CA GLN C 150 -23.20 5.18 11.81
C GLN C 150 -24.27 5.50 10.77
N THR C 151 -24.09 6.63 10.10
CA THR C 151 -24.99 7.07 9.03
C THR C 151 -24.13 7.52 7.86
N CYS C 152 -23.95 6.64 6.89
CA CYS C 152 -23.19 6.92 5.68
C CYS C 152 -24.15 7.07 4.51
N ILE C 153 -23.88 8.06 3.65
CA ILE C 153 -24.83 8.48 2.63
C ILE C 153 -24.15 8.51 1.28
N MET C 154 -24.98 8.44 0.23
CA MET C 154 -24.56 8.69 -1.15
C MET C 154 -25.44 9.78 -1.72
N GLN C 155 -24.82 10.78 -2.34
CA GLN C 155 -25.53 11.95 -2.83
C GLN C 155 -25.51 11.95 -4.36
N LEU C 156 -26.58 11.46 -4.97
CA LEU C 156 -26.75 11.59 -6.40
C LEU C 156 -27.09 13.03 -6.74
N GLU C 157 -26.35 13.61 -7.69
CA GLU C 157 -26.52 15.03 -8.00
C GLU C 157 -26.07 15.27 -9.44
N SER C 158 -26.82 16.10 -10.14
CA SER C 158 -26.44 16.45 -11.51
C SER C 158 -25.36 17.53 -11.50
N PHE C 159 -24.74 17.71 -12.65
CA PHE C 159 -23.64 18.66 -12.72
C PHE C 159 -23.83 19.76 -13.74
N GLY C 160 -24.28 19.44 -14.95
CA GLY C 160 -24.29 20.40 -16.03
C GLY C 160 -25.54 21.26 -16.11
N TYR C 161 -26.67 20.72 -15.67
CA TYR C 161 -27.95 21.38 -15.83
C TYR C 161 -28.44 21.96 -14.50
N THR C 162 -29.28 22.99 -14.62
CA THR C 162 -29.77 23.73 -13.48
C THR C 162 -31.06 23.09 -12.95
N MET C 163 -31.46 23.48 -11.75
CA MET C 163 -32.68 22.94 -11.15
C MET C 163 -33.90 23.27 -11.99
N ASN C 164 -33.94 24.47 -12.58
CA ASN C 164 -35.06 24.82 -13.45
C ASN C 164 -35.10 24.00 -14.72
N ASP C 165 -34.00 23.38 -15.11
CA ASP C 165 -33.94 22.53 -16.28
C ASP C 165 -33.93 21.04 -15.96
N LEU C 166 -34.10 20.67 -14.69
CA LEU C 166 -33.93 19.26 -14.34
C LEU C 166 -34.49 18.97 -12.95
N ILE C 167 -35.15 17.82 -12.81
CA ILE C 167 -35.66 17.32 -11.54
C ILE C 167 -35.21 15.88 -11.37
N PHE C 168 -34.64 15.57 -10.21
CA PHE C 168 -34.33 14.19 -9.83
C PHE C 168 -35.33 13.72 -8.78
N GLU C 169 -35.82 12.50 -8.96
CA GLU C 169 -36.75 11.89 -8.02
C GLU C 169 -36.42 10.42 -7.85
N TRP C 170 -36.72 9.88 -6.68
CA TRP C 170 -36.58 8.45 -6.45
C TRP C 170 -37.83 7.71 -6.95
N GLN C 171 -37.66 6.42 -7.19
CA GLN C 171 -38.80 5.60 -7.58
C GLN C 171 -39.77 5.47 -6.41
N GLU C 172 -41.06 5.40 -6.75
CA GLU C 172 -42.10 5.42 -5.73
C GLU C 172 -42.00 4.20 -4.81
N GLN C 173 -41.82 3.02 -5.39
CA GLN C 173 -41.83 1.77 -4.64
C GLN C 173 -40.52 1.03 -4.87
N GLY C 174 -39.89 0.59 -3.78
CA GLY C 174 -38.63 -0.13 -3.85
C GLY C 174 -37.53 0.65 -4.51
N ALA C 175 -37.12 1.76 -3.90
CA ALA C 175 -36.15 2.65 -4.52
C ALA C 175 -34.72 2.14 -4.34
N VAL C 176 -34.39 1.62 -3.16
CA VAL C 176 -33.05 1.13 -2.87
C VAL C 176 -33.18 -0.36 -2.57
N GLN C 177 -32.86 -1.19 -3.55
CA GLN C 177 -32.91 -2.64 -3.38
C GLN C 177 -31.57 -3.15 -2.86
N VAL C 178 -31.63 -4.27 -2.15
CA VAL C 178 -30.45 -4.88 -1.52
C VAL C 178 -30.40 -6.34 -1.89
N ALA C 179 -29.22 -6.82 -2.28
CA ALA C 179 -29.04 -8.23 -2.59
C ALA C 179 -29.40 -9.09 -1.40
N ASP C 180 -30.09 -10.20 -1.67
CA ASP C 180 -30.57 -11.05 -0.58
C ASP C 180 -29.43 -11.68 0.19
N GLY C 181 -28.37 -12.09 -0.50
CA GLY C 181 -27.25 -12.76 0.15
C GLY C 181 -26.19 -11.81 0.66
N LEU C 182 -26.52 -10.52 0.76
CA LEU C 182 -25.55 -9.54 1.23
C LEU C 182 -25.27 -9.72 2.72
N THR C 183 -24.00 -9.73 3.07
CA THR C 183 -23.59 -9.82 4.47
C THR C 183 -22.32 -9.00 4.65
N LEU C 184 -22.08 -8.60 5.90
CA LEU C 184 -20.93 -7.77 6.22
C LEU C 184 -20.21 -8.31 7.44
N PRO C 185 -18.90 -8.10 7.52
CA PRO C 185 -18.22 -8.23 8.82
C PRO C 185 -18.44 -6.94 9.60
N GLN C 186 -18.27 -7.03 10.92
CA GLN C 186 -18.49 -5.88 11.79
C GLN C 186 -19.92 -5.38 11.64
N PHE C 187 -20.11 -4.32 10.87
CA PHE C 187 -21.41 -3.68 10.75
C PHE C 187 -22.51 -4.55 10.15
N ILE C 188 -23.76 -4.16 10.38
CA ILE C 188 -24.92 -4.80 9.78
C ILE C 188 -25.80 -3.72 9.15
N LEU C 189 -26.27 -3.97 7.94
CA LEU C 189 -27.11 -3.00 7.24
C LEU C 189 -28.56 -3.14 7.68
N LYS C 190 -29.17 -2.01 8.04
CA LYS C 190 -30.57 -2.01 8.43
C LYS C 190 -31.47 -2.20 7.22
N GLU C 191 -32.75 -2.44 7.49
CA GLU C 191 -33.74 -2.62 6.43
C GLU C 191 -34.37 -1.30 6.00
N GLU C 192 -34.70 -0.44 6.95
CA GLU C 192 -35.28 0.87 6.62
C GLU C 192 -34.17 1.85 6.28
N LYS C 193 -34.34 2.56 5.16
CA LYS C 193 -33.37 3.52 4.68
C LYS C 193 -34.07 4.85 4.38
N ASP C 194 -33.41 5.94 4.72
CA ASP C 194 -33.97 7.28 4.53
C ASP C 194 -33.59 7.81 3.15
N LEU C 195 -34.55 8.47 2.50
CA LEU C 195 -34.38 9.02 1.16
C LEU C 195 -34.93 10.45 1.16
N ARG C 196 -34.05 11.42 1.42
CA ARG C 196 -34.44 12.82 1.49
C ARG C 196 -33.88 13.57 0.28
N TYR C 197 -34.06 14.89 0.28
CA TYR C 197 -33.60 15.77 -0.78
C TYR C 197 -32.42 16.61 -0.29
N CYS C 198 -31.56 16.98 -1.24
CA CYS C 198 -30.35 17.73 -0.96
C CYS C 198 -30.14 18.82 -2.00
N THR C 199 -31.21 19.51 -2.38
CA THR C 199 -31.15 20.55 -3.40
C THR C 199 -30.22 21.66 -2.93
N LYS C 200 -29.04 21.73 -3.54
CA LYS C 200 -28.01 22.66 -3.12
C LYS C 200 -28.00 23.91 -3.98
N HIS C 201 -27.51 25.01 -3.41
CA HIS C 201 -27.47 26.31 -4.07
C HIS C 201 -26.00 26.71 -4.21
N TYR C 202 -25.39 26.30 -5.32
CA TYR C 202 -24.02 26.73 -5.60
C TYR C 202 -24.02 28.18 -6.09
N ASN C 203 -22.82 28.73 -6.22
CA ASN C 203 -22.67 30.10 -6.70
C ASN C 203 -23.13 30.26 -8.14
N THR C 204 -23.15 29.18 -8.93
CA THR C 204 -23.51 29.22 -10.33
C THR C 204 -24.94 28.79 -10.60
N GLY C 205 -25.74 28.58 -9.55
CA GLY C 205 -27.14 28.23 -9.71
C GLY C 205 -27.50 27.03 -8.86
N LYS C 206 -28.78 26.70 -8.87
CA LYS C 206 -29.31 25.58 -8.10
C LYS C 206 -29.19 24.29 -8.91
N PHE C 207 -28.57 23.28 -8.30
CA PHE C 207 -28.42 21.97 -8.92
C PHE C 207 -29.24 20.95 -8.15
N THR C 208 -29.97 20.11 -8.88
CA THR C 208 -30.80 19.09 -8.25
C THR C 208 -29.94 18.03 -7.60
N CYS C 209 -30.46 17.42 -6.54
CA CYS C 209 -29.69 16.47 -5.75
C CYS C 209 -30.65 15.57 -4.99
N ILE C 210 -30.30 14.28 -4.92
CA ILE C 210 -31.05 13.31 -4.12
C ILE C 210 -30.03 12.44 -3.39
N GLU C 211 -30.28 12.17 -2.11
CA GLU C 211 -29.38 11.37 -1.30
C GLU C 211 -30.15 10.23 -0.65
N ALA C 212 -29.44 9.13 -0.40
CA ALA C 212 -29.96 8.01 0.35
C ALA C 212 -29.11 7.80 1.59
N ARG C 213 -29.75 7.45 2.70
CA ARG C 213 -29.09 7.25 3.97
C ARG C 213 -29.02 5.77 4.30
N PHE C 214 -27.83 5.30 4.66
CA PHE C 214 -27.61 3.92 5.09
C PHE C 214 -27.27 3.92 6.57
N HIS C 215 -28.06 3.19 7.35
CA HIS C 215 -27.84 3.09 8.79
C HIS C 215 -27.07 1.80 9.08
N LEU C 216 -25.93 1.93 9.74
CA LEU C 216 -25.05 0.81 10.02
C LEU C 216 -24.84 0.68 11.51
N GLU C 217 -25.38 -0.38 12.10
CA GLU C 217 -25.06 -0.73 13.48
C GLU C 217 -23.69 -1.40 13.52
N ARG C 218 -23.22 -1.69 14.73
CA ARG C 218 -21.92 -2.33 14.91
C ARG C 218 -22.08 -3.56 15.79
N GLN C 219 -21.60 -4.69 15.31
CA GLN C 219 -21.62 -5.91 16.10
C GLN C 219 -20.63 -5.82 17.25
N MET C 220 -21.10 -6.10 18.47
CA MET C 220 -20.24 -6.06 19.64
C MET C 220 -19.27 -7.24 19.71
N GLY C 221 -19.64 -8.38 19.10
CA GLY C 221 -18.96 -9.65 19.28
C GLY C 221 -17.45 -9.62 19.40
N TYR C 222 -16.76 -9.13 18.37
CA TYR C 222 -15.31 -9.05 18.44
C TYR C 222 -14.87 -8.06 19.52
N TYR C 223 -15.39 -6.84 19.47
CA TYR C 223 -14.97 -5.82 20.43
C TYR C 223 -15.37 -6.22 21.85
N LEU C 224 -16.63 -6.64 22.04
CA LEU C 224 -17.10 -7.01 23.36
C LEU C 224 -16.15 -8.01 24.01
N ILE C 225 -16.01 -9.17 23.40
CA ILE C 225 -15.15 -10.22 23.94
C ILE C 225 -13.75 -9.70 24.15
N GLN C 226 -13.07 -9.33 23.05
CA GLN C 226 -11.62 -9.16 23.09
C GLN C 226 -11.19 -7.89 23.82
N MET C 227 -12.09 -6.95 24.10
CA MET C 227 -11.75 -5.76 24.86
C MET C 227 -12.37 -5.70 26.25
N TYR C 228 -13.34 -6.55 26.56
CA TYR C 228 -13.99 -6.48 27.87
C TYR C 228 -13.75 -7.71 28.73
N ILE C 229 -13.77 -8.91 28.15
CA ILE C 229 -13.55 -10.11 28.97
C ILE C 229 -12.18 -10.10 29.63
N PRO C 230 -11.07 -9.78 28.95
CA PRO C 230 -9.80 -9.65 29.67
C PRO C 230 -9.84 -8.61 30.78
N SER C 231 -10.56 -7.51 30.59
CA SER C 231 -10.67 -6.51 31.65
C SER C 231 -11.35 -7.09 32.88
N LEU C 232 -12.45 -7.82 32.68
CA LEU C 232 -13.14 -8.45 33.82
C LEU C 232 -12.23 -9.48 34.49
N LEU C 233 -11.48 -10.23 33.69
CA LEU C 233 -10.56 -11.22 34.26
C LEU C 233 -9.50 -10.54 35.12
N ILE C 234 -8.94 -9.44 34.65
CA ILE C 234 -7.91 -8.74 35.40
C ILE C 234 -8.50 -8.10 36.66
N VAL C 235 -9.73 -7.61 36.57
CA VAL C 235 -10.39 -7.06 37.77
C VAL C 235 -10.59 -8.15 38.81
N ILE C 236 -11.02 -9.34 38.38
CA ILE C 236 -11.15 -10.47 39.30
C ILE C 236 -9.79 -10.84 39.89
N LEU C 237 -8.73 -10.76 39.08
CA LEU C 237 -7.39 -11.00 39.58
C LEU C 237 -7.01 -9.98 40.65
N SER C 238 -7.37 -8.71 40.45
CA SER C 238 -7.08 -7.69 41.46
C SER C 238 -7.85 -7.96 42.76
N TRP C 239 -9.10 -8.41 42.62
CA TRP C 239 -9.87 -8.77 43.82
C TRP C 239 -9.21 -9.94 44.55
N ILE C 240 -8.71 -10.93 43.82
CA ILE C 240 -8.00 -12.04 44.45
C ILE C 240 -6.71 -11.53 45.10
N SER C 241 -6.05 -10.57 44.47
CA SER C 241 -4.89 -9.94 45.08
C SER C 241 -5.25 -9.30 46.42
N PHE C 242 -6.44 -8.71 46.50
CA PHE C 242 -6.97 -8.30 47.80
C PHE C 242 -7.13 -9.50 48.72
N TRP C 243 -7.57 -10.63 48.18
CA TRP C 243 -7.77 -11.85 48.97
C TRP C 243 -6.46 -12.63 49.08
N ILE C 244 -5.60 -12.06 49.92
CA ILE C 244 -4.34 -12.73 50.36
C ILE C 244 -4.24 -12.16 51.79
N ASN C 245 -3.56 -12.80 52.74
CA ASN C 245 -3.60 -12.25 54.13
C ASN C 245 -2.48 -11.23 54.26
N MET C 246 -1.74 -11.28 55.37
CA MET C 246 -0.55 -10.41 55.45
C MET C 246 0.29 -10.93 54.29
N ASP C 247 0.28 -12.25 54.08
CA ASP C 247 1.11 -12.87 53.03
C ASP C 247 2.48 -12.24 52.90
N ALA C 248 2.89 -11.97 51.68
CA ALA C 248 4.22 -11.42 51.47
C ALA C 248 4.26 -10.50 50.29
N ALA C 249 5.43 -9.95 50.00
CA ALA C 249 5.56 -9.01 48.90
C ALA C 249 5.07 -9.62 47.58
N PRO C 250 5.61 -10.78 47.19
CA PRO C 250 5.16 -11.28 45.90
C PRO C 250 3.66 -11.55 45.89
N ALA C 251 3.14 -12.13 46.96
CA ALA C 251 1.73 -12.48 46.98
C ALA C 251 0.91 -11.28 46.61
N ARG C 252 1.09 -10.19 47.33
CA ARG C 252 0.31 -8.98 47.07
C ARG C 252 0.88 -8.18 45.91
N VAL C 253 2.15 -7.82 45.99
CA VAL C 253 2.75 -6.99 44.95
C VAL C 253 2.73 -7.69 43.60
N GLY C 254 3.16 -8.95 43.57
CA GLY C 254 3.22 -9.66 42.30
C GLY C 254 1.87 -9.69 41.62
N LEU C 255 0.89 -10.27 42.31
CA LEU C 255 -0.48 -10.35 41.73
C LEU C 255 -0.79 -8.96 41.18
N GLY C 256 -0.61 -7.94 42.01
CA GLY C 256 -0.91 -6.57 41.57
C GLY C 256 -0.04 -6.16 40.41
N ILE C 257 1.25 -6.52 40.44
CA ILE C 257 2.16 -6.06 39.36
C ILE C 257 1.68 -6.65 38.04
N THR C 258 1.26 -7.92 38.01
CA THR C 258 0.70 -8.47 36.75
C THR C 258 -0.56 -7.68 36.41
N THR C 259 -1.53 -7.66 37.33
CA THR C 259 -2.81 -6.99 36.99
C THR C 259 -2.54 -5.70 36.22
N VAL C 260 -1.79 -4.76 36.81
CA VAL C 260 -1.62 -3.44 36.11
C VAL C 260 -0.96 -3.68 34.76
N LEU C 261 0.05 -4.55 34.69
CA LEU C 261 0.79 -4.78 33.42
C LEU C 261 -0.19 -5.25 32.32
N THR C 262 -1.02 -6.25 32.62
CA THR C 262 -2.00 -6.76 31.63
C THR C 262 -2.99 -5.64 31.27
N MET C 263 -3.52 -4.90 32.26
CA MET C 263 -4.54 -3.89 31.91
C MET C 263 -3.89 -2.82 31.02
N THR C 264 -2.59 -2.59 31.18
CA THR C 264 -1.89 -1.65 30.28
C THR C 264 -1.81 -2.31 28.90
N THR C 265 -1.38 -3.58 28.83
CA THR C 265 -1.42 -4.28 27.52
C THR C 265 -2.81 -4.08 26.90
N GLN C 266 -3.87 -4.27 27.69
CA GLN C 266 -5.25 -4.07 27.17
C GLN C 266 -5.36 -2.65 26.62
N SER C 267 -4.82 -1.67 27.36
CA SER C 267 -4.81 -0.26 26.88
C SER C 267 -4.21 -0.19 25.47
N SER C 268 -2.93 -0.60 25.35
CA SER C 268 -2.28 -0.47 24.02
C SER C 268 -3.14 -1.14 22.95
N GLY C 269 -3.71 -2.31 23.28
CA GLY C 269 -4.52 -3.07 22.30
C GLY C 269 -5.75 -2.31 21.84
N SER C 270 -6.60 -1.85 22.77
CA SER C 270 -7.81 -1.07 22.43
C SER C 270 -7.39 0.17 21.63
N ARG C 271 -6.20 0.69 21.92
CA ARG C 271 -5.70 1.91 21.23
C ARG C 271 -5.31 1.69 19.76
N ALA C 272 -4.67 0.55 19.41
CA ALA C 272 -4.15 0.44 18.01
C ALA C 272 -5.15 0.11 16.86
N SER C 273 -6.15 0.95 16.57
CA SER C 273 -7.07 0.57 15.47
C SER C 273 -8.01 1.71 15.06
N LEU C 274 -7.71 2.95 15.43
CA LEU C 274 -8.62 4.05 15.17
C LEU C 274 -7.86 5.27 14.65
N PRO C 275 -8.53 6.15 13.92
CA PRO C 275 -7.88 7.38 13.46
C PRO C 275 -7.60 8.32 14.62
N LYS C 276 -6.73 9.31 14.35
CA LYS C 276 -6.27 10.24 15.37
C LYS C 276 -7.36 11.26 15.67
N VAL C 277 -8.41 10.77 16.34
CA VAL C 277 -9.52 11.62 16.72
C VAL C 277 -9.22 12.33 18.04
N SER C 278 -9.78 13.52 18.21
CA SER C 278 -9.44 14.39 19.32
C SER C 278 -10.20 14.03 20.60
N TYR C 279 -11.52 14.01 20.54
CA TYR C 279 -12.33 13.77 21.73
C TYR C 279 -12.19 12.32 22.20
N VAL C 280 -12.69 12.07 23.41
CA VAL C 280 -12.51 10.78 24.07
C VAL C 280 -13.55 9.80 23.56
N LYS C 281 -13.12 8.58 23.25
CA LYS C 281 -14.02 7.55 22.77
C LYS C 281 -14.80 6.93 23.94
N ALA C 282 -15.60 5.92 23.62
CA ALA C 282 -16.35 5.20 24.64
C ALA C 282 -15.55 4.06 25.25
N ILE C 283 -14.81 3.31 24.42
CA ILE C 283 -13.94 2.27 24.97
C ILE C 283 -12.82 2.88 25.80
N ASP C 284 -12.43 4.11 25.49
CA ASP C 284 -11.37 4.76 26.24
C ASP C 284 -11.79 4.99 27.69
N ILE C 285 -13.05 5.36 27.91
CA ILE C 285 -13.54 5.58 29.28
C ILE C 285 -13.45 4.28 30.07
N TRP C 286 -13.94 3.17 29.50
CA TRP C 286 -13.88 1.89 30.18
C TRP C 286 -12.45 1.47 30.47
N MET C 287 -11.56 1.62 29.49
CA MET C 287 -10.19 1.17 29.66
C MET C 287 -9.48 2.02 30.73
N ALA C 288 -9.71 3.33 30.71
CA ALA C 288 -9.13 4.20 31.72
C ALA C 288 -9.66 3.88 33.10
N VAL C 289 -10.95 3.57 33.22
CA VAL C 289 -11.51 3.24 34.53
C VAL C 289 -10.96 1.92 35.04
N CYS C 290 -10.77 0.94 34.15
CA CYS C 290 -10.15 -0.31 34.57
C CYS C 290 -8.72 -0.10 35.05
N LEU C 291 -7.95 0.71 34.31
CA LEU C 291 -6.59 1.02 34.75
C LEU C 291 -6.61 1.76 36.08
N LEU C 292 -7.57 2.67 36.26
CA LEU C 292 -7.68 3.41 37.51
C LEU C 292 -8.03 2.49 38.68
N PHE C 293 -8.90 1.50 38.46
CA PHE C 293 -9.22 0.56 39.52
C PHE C 293 -8.00 -0.28 39.89
N VAL C 294 -7.25 -0.75 38.89
CA VAL C 294 -6.04 -1.52 39.20
C VAL C 294 -5.04 -0.67 39.97
N PHE C 295 -4.82 0.57 39.52
CA PHE C 295 -3.88 1.46 40.17
C PHE C 295 -4.35 1.82 41.59
N SER C 296 -5.66 1.98 41.78
CA SER C 296 -6.19 2.30 43.09
C SER C 296 -6.09 1.10 44.04
N ALA C 297 -6.27 -0.11 43.53
CA ALA C 297 -6.02 -1.29 44.37
C ALA C 297 -4.56 -1.36 44.79
N LEU C 298 -3.64 -1.07 43.86
CA LEU C 298 -2.23 -1.04 44.23
C LEU C 298 -1.94 0.04 45.27
N LEU C 299 -2.54 1.22 45.10
CA LEU C 299 -2.34 2.31 46.05
C LEU C 299 -2.92 1.96 47.42
N GLU C 300 -4.04 1.25 47.44
CA GLU C 300 -4.63 0.84 48.70
C GLU C 300 -3.70 -0.15 49.38
N TYR C 301 -3.19 -1.11 48.62
CA TYR C 301 -2.30 -2.09 49.18
C TYR C 301 -1.13 -1.37 49.79
N ALA C 302 -0.57 -0.42 49.06
CA ALA C 302 0.54 0.36 49.58
C ALA C 302 0.15 1.00 50.91
N ALA C 303 -0.91 1.81 50.90
CA ALA C 303 -1.32 2.49 52.13
C ALA C 303 -1.45 1.51 53.28
N VAL C 304 -1.99 0.32 53.03
CA VAL C 304 -2.10 -0.69 54.08
C VAL C 304 -0.72 -1.10 54.57
N ASN C 305 0.22 -1.28 53.64
CA ASN C 305 1.59 -1.63 54.01
C ASN C 305 2.23 -0.51 54.82
N PHE C 306 1.99 0.74 54.44
CA PHE C 306 2.52 1.87 55.21
C PHE C 306 1.94 1.88 56.63
N VAL C 307 0.65 1.59 56.75
CA VAL C 307 0.03 1.51 58.08
C VAL C 307 0.66 0.39 58.90
N SER C 308 0.86 -0.76 58.28
CA SER C 308 1.48 -1.90 58.96
C SER C 308 2.98 -1.71 59.09
N LYS C 324 0.09 -3.96 68.17
CA LYS C 324 -0.81 -4.88 67.50
C LYS C 324 -2.11 -4.20 67.09
N LEU C 325 -2.38 -3.03 67.71
CA LEU C 325 -3.58 -2.29 67.37
C LEU C 325 -3.54 -1.80 65.93
N PHE C 326 -2.37 -1.36 65.45
CA PHE C 326 -2.25 -0.94 64.07
C PHE C 326 -2.47 -2.10 63.11
N ILE C 327 -2.05 -3.30 63.51
CA ILE C 327 -2.32 -4.48 62.70
C ILE C 327 -3.82 -4.73 62.61
N GLN C 328 -4.53 -4.55 63.73
CA GLN C 328 -5.98 -4.77 63.73
C GLN C 328 -6.69 -3.79 62.80
N ARG C 329 -6.32 -2.51 62.86
CA ARG C 329 -6.96 -1.53 61.99
C ARG C 329 -6.58 -1.75 60.53
N ALA C 330 -5.34 -2.16 60.26
CA ALA C 330 -4.95 -2.46 58.90
C ALA C 330 -5.76 -3.64 58.35
N LYS C 331 -5.95 -4.69 59.16
CA LYS C 331 -6.75 -5.83 58.73
C LYS C 331 -8.20 -5.43 58.51
N LYS C 332 -8.74 -4.57 59.38
CA LYS C 332 -10.11 -4.10 59.20
C LYS C 332 -10.25 -3.29 57.93
N ILE C 333 -9.26 -2.45 57.61
CA ILE C 333 -9.27 -1.70 56.36
C ILE C 333 -9.21 -2.65 55.17
N ASP C 334 -8.36 -3.67 55.25
CA ASP C 334 -8.28 -4.64 54.16
C ASP C 334 -9.60 -5.37 53.97
N LYS C 335 -10.27 -5.75 55.06
CA LYS C 335 -11.55 -6.45 54.95
C LYS C 335 -12.63 -5.53 54.37
N ILE C 336 -12.70 -4.28 54.85
CA ILE C 336 -13.72 -3.38 54.31
C ILE C 336 -13.44 -3.09 52.85
N SER C 337 -12.17 -3.07 52.44
CA SER C 337 -11.85 -2.88 51.03
C SER C 337 -12.30 -4.09 50.21
N ARG C 338 -11.95 -5.30 50.67
CA ARG C 338 -12.33 -6.50 49.92
C ARG C 338 -13.84 -6.65 49.83
N ILE C 339 -14.57 -6.07 50.78
CA ILE C 339 -16.03 -6.14 50.73
C ILE C 339 -16.63 -5.00 49.89
N GLY C 340 -16.04 -3.82 49.91
CA GLY C 340 -16.63 -2.67 49.25
C GLY C 340 -16.25 -2.48 47.80
N PHE C 341 -14.99 -2.75 47.44
CA PHE C 341 -14.57 -2.54 46.05
C PHE C 341 -15.38 -3.31 45.03
N PRO C 342 -15.70 -4.60 45.22
CA PRO C 342 -16.57 -5.27 44.24
C PRO C 342 -17.93 -4.60 44.08
N MET C 343 -18.51 -4.10 45.17
CA MET C 343 -19.79 -3.41 45.07
C MET C 343 -19.66 -2.13 44.26
N ALA C 344 -18.60 -1.36 44.49
CA ALA C 344 -18.38 -0.13 43.73
C ALA C 344 -18.16 -0.44 42.25
N PHE C 345 -17.40 -1.50 41.95
CA PHE C 345 -17.18 -1.89 40.55
C PHE C 345 -18.48 -2.30 39.90
N LEU C 346 -19.32 -3.06 40.62
CA LEU C 346 -20.61 -3.45 40.06
C LEU C 346 -21.50 -2.24 39.81
N ILE C 347 -21.51 -1.28 40.73
CA ILE C 347 -22.31 -0.08 40.55
C ILE C 347 -21.83 0.70 39.32
N PHE C 348 -20.50 0.85 39.18
CA PHE C 348 -19.96 1.54 38.02
C PHE C 348 -20.32 0.81 36.73
N ASN C 349 -20.19 -0.51 36.73
CA ASN C 349 -20.49 -1.28 35.53
C ASN C 349 -21.94 -1.11 35.12
N MET C 350 -22.87 -1.23 36.08
CA MET C 350 -24.28 -1.06 35.77
C MET C 350 -24.56 0.35 35.26
N PHE C 351 -24.00 1.36 35.92
CA PHE C 351 -24.24 2.74 35.50
C PHE C 351 -23.71 2.99 34.09
N TYR C 352 -22.51 2.50 33.80
CA TYR C 352 -21.90 2.68 32.48
C TYR C 352 -22.73 2.00 31.40
N TRP C 353 -23.18 0.77 31.66
CA TRP C 353 -23.94 0.06 30.64
C TRP C 353 -25.32 0.68 30.43
N ILE C 354 -25.97 1.15 31.49
CA ILE C 354 -27.24 1.84 31.29
C ILE C 354 -27.05 3.15 30.55
N ILE C 355 -25.93 3.85 30.79
CA ILE C 355 -25.68 5.10 30.06
C ILE C 355 -25.48 4.82 28.57
N TYR C 356 -24.68 3.81 28.25
CA TYR C 356 -24.39 3.52 26.84
C TYR C 356 -25.38 2.56 26.19
N LYS C 357 -26.46 2.18 26.86
CA LYS C 357 -27.49 1.35 26.25
C LYS C 357 -28.85 2.06 26.20
N ILE C 358 -28.86 3.38 26.31
CA ILE C 358 -30.10 4.13 26.16
C ILE C 358 -29.95 5.20 25.09
N SER D 9 -33.85 26.57 -35.26
CA SER D 9 -33.51 25.25 -34.75
C SER D 9 -32.31 25.32 -33.81
N PRO D 10 -32.34 24.56 -32.72
CA PRO D 10 -31.21 24.57 -31.80
C PRO D 10 -29.97 23.90 -32.34
N SER D 11 -30.13 22.83 -33.13
CA SER D 11 -28.97 22.18 -33.73
C SER D 11 -28.28 23.10 -34.73
N ASP D 12 -29.07 23.80 -35.56
CA ASP D 12 -28.49 24.70 -36.54
C ASP D 12 -27.78 25.87 -35.87
N PHE D 13 -28.34 26.38 -34.78
CA PHE D 13 -27.69 27.47 -34.05
C PHE D 13 -26.35 27.02 -33.49
N LEU D 14 -26.32 25.83 -32.89
CA LEU D 14 -25.05 25.32 -32.35
C LEU D 14 -24.05 25.09 -33.46
N ASP D 15 -24.50 24.59 -34.62
CA ASP D 15 -23.60 24.35 -35.74
C ASP D 15 -23.03 25.66 -36.28
N LYS D 16 -23.86 26.71 -36.38
CA LYS D 16 -23.37 27.96 -36.92
C LYS D 16 -22.49 28.70 -35.93
N LEU D 17 -22.74 28.52 -34.62
CA LEU D 17 -21.89 29.15 -33.62
C LEU D 17 -20.55 28.42 -33.49
N MET D 18 -20.57 27.09 -33.57
CA MET D 18 -19.39 26.27 -33.38
C MET D 18 -19.43 25.09 -34.34
N GLY D 19 -18.26 24.72 -34.84
CA GLY D 19 -18.15 23.49 -35.60
C GLY D 19 -17.99 23.65 -37.10
N ARG D 20 -18.76 22.85 -37.86
CA ARG D 20 -18.57 22.79 -39.31
C ARG D 20 -18.85 24.13 -39.97
N THR D 21 -20.10 24.59 -39.90
CA THR D 21 -20.51 25.82 -40.57
C THR D 21 -20.42 27.02 -39.62
N SER D 22 -19.26 27.17 -39.01
CA SER D 22 -19.06 28.25 -38.06
C SER D 22 -17.82 29.09 -38.36
N GLY D 23 -16.75 28.47 -38.85
CA GLY D 23 -15.51 29.18 -39.03
C GLY D 23 -14.75 29.46 -37.75
N TYR D 24 -15.16 28.87 -36.63
CA TYR D 24 -14.50 29.07 -35.35
C TYR D 24 -13.30 28.14 -35.28
N ASP D 25 -12.10 28.70 -35.44
CA ASP D 25 -10.88 27.93 -35.29
C ASP D 25 -10.62 27.76 -33.80
N ALA D 26 -10.82 26.54 -33.29
CA ALA D 26 -10.63 26.30 -31.87
C ALA D 26 -9.15 26.08 -31.55
N ARG D 27 -8.30 26.96 -32.08
CA ARG D 27 -6.88 26.93 -31.80
C ARG D 27 -6.27 28.31 -31.55
N ILE D 28 -7.02 29.39 -31.76
CA ILE D 28 -6.51 30.75 -31.61
C ILE D 28 -7.15 31.36 -30.37
N ARG D 29 -6.36 32.05 -29.56
CA ARG D 29 -6.93 32.69 -28.38
C ARG D 29 -7.91 33.80 -28.78
N PRO D 30 -8.85 34.13 -27.89
CA PRO D 30 -9.63 35.36 -28.08
C PRO D 30 -8.74 36.59 -27.98
N ASN D 31 -9.12 37.62 -28.72
CA ASN D 31 -8.40 38.90 -28.74
C ASN D 31 -6.93 38.69 -29.10
N PHE D 32 -6.71 37.95 -30.18
CA PHE D 32 -5.35 37.70 -30.65
C PHE D 32 -4.72 38.97 -31.19
N LYS D 33 -3.40 39.05 -31.09
CA LYS D 33 -2.63 40.23 -31.51
C LYS D 33 -3.13 41.49 -30.81
N GLY D 34 -3.43 41.36 -29.51
CA GLY D 34 -3.91 42.46 -28.72
C GLY D 34 -3.65 42.27 -27.25
N PRO D 35 -4.47 42.90 -26.41
CA PRO D 35 -4.28 42.73 -24.97
C PRO D 35 -4.55 41.30 -24.56
N PRO D 36 -3.89 40.82 -23.50
CA PRO D 36 -4.15 39.45 -23.04
C PRO D 36 -5.53 39.30 -22.46
N VAL D 37 -6.05 38.07 -22.55
CA VAL D 37 -7.42 37.76 -22.06
C VAL D 37 -7.35 37.31 -20.61
N ASN D 38 -7.79 38.15 -19.68
CA ASN D 38 -7.74 37.83 -18.23
C ASN D 38 -8.72 36.71 -17.93
N VAL D 39 -8.32 35.75 -17.09
CA VAL D 39 -9.21 34.59 -16.77
C VAL D 39 -9.47 34.61 -15.27
N SER D 40 -10.67 35.04 -14.86
CA SER D 40 -11.01 35.14 -13.44
C SER D 40 -11.36 33.76 -12.92
N CYS D 41 -10.63 33.32 -11.90
CA CYS D 41 -10.79 31.98 -11.35
C CYS D 41 -11.35 32.05 -9.92
N ASN D 42 -12.09 31.01 -9.54
CA ASN D 42 -12.63 30.91 -8.19
C ASN D 42 -12.91 29.45 -7.89
N ILE D 43 -12.14 28.86 -6.97
CA ILE D 43 -12.28 27.47 -6.61
C ILE D 43 -13.39 27.31 -5.58
N PHE D 44 -13.81 26.07 -5.34
CA PHE D 44 -14.84 25.74 -4.35
C PHE D 44 -14.43 24.40 -3.73
N ILE D 45 -13.91 24.44 -2.51
CA ILE D 45 -13.40 23.23 -1.88
C ILE D 45 -14.59 22.34 -1.50
N ASN D 46 -14.80 21.27 -2.27
CA ASN D 46 -15.92 20.39 -2.00
C ASN D 46 -15.68 19.53 -0.77
N SER D 47 -14.48 18.98 -0.63
CA SER D 47 -14.17 18.12 0.51
C SER D 47 -12.67 18.11 0.71
N PHE D 48 -12.22 18.63 1.84
CA PHE D 48 -10.79 18.65 2.18
C PHE D 48 -10.47 17.35 2.90
N GLY D 49 -9.25 17.22 3.43
CA GLY D 49 -8.89 16.11 4.28
C GLY D 49 -7.72 15.31 3.73
N SER D 50 -7.44 14.21 4.43
CA SER D 50 -6.35 13.29 4.07
C SER D 50 -5.00 14.01 4.09
N ILE D 51 -4.68 14.61 5.24
CA ILE D 51 -3.42 15.32 5.43
C ILE D 51 -2.42 14.29 5.95
N ALA D 52 -1.66 13.70 5.03
CA ALA D 52 -0.65 12.72 5.40
C ALA D 52 0.65 13.43 5.78
N GLU D 53 1.30 12.94 6.83
CA GLU D 53 2.55 13.52 7.31
C GLU D 53 3.77 12.87 6.66
N THR D 54 3.72 11.56 6.43
CA THR D 54 4.88 10.86 5.88
C THR D 54 5.18 11.33 4.46
N THR D 55 4.16 11.47 3.63
CA THR D 55 4.34 11.91 2.25
C THR D 55 4.31 13.42 2.10
N MET D 56 4.06 14.17 3.18
CA MET D 56 4.15 15.63 3.18
C MET D 56 3.21 16.23 2.14
N ASP D 57 1.98 15.74 2.10
CA ASP D 57 1.03 16.16 1.09
C ASP D 57 -0.38 16.03 1.63
N TYR D 58 -1.32 16.69 0.96
CA TYR D 58 -2.74 16.63 1.31
C TYR D 58 -3.56 16.51 0.03
N ARG D 59 -4.77 15.97 0.18
CA ARG D 59 -5.68 15.78 -0.93
C ARG D 59 -6.85 16.76 -0.81
N VAL D 60 -7.13 17.49 -1.87
CA VAL D 60 -8.24 18.42 -1.93
C VAL D 60 -9.07 18.10 -3.16
N ASN D 61 -10.39 18.19 -3.04
CA ASN D 61 -11.32 17.93 -4.12
C ASN D 61 -11.96 19.25 -4.51
N ILE D 62 -11.29 19.98 -5.40
CA ILE D 62 -11.70 21.34 -5.75
C ILE D 62 -12.83 21.29 -6.78
N PHE D 63 -13.55 22.40 -6.98
CA PHE D 63 -14.63 22.52 -8.00
C PHE D 63 -14.27 23.74 -8.81
N LEU D 64 -13.12 23.71 -9.48
CA LEU D 64 -12.52 24.87 -10.13
C LEU D 64 -13.45 25.48 -11.17
N ARG D 65 -13.46 26.81 -11.22
CA ARG D 65 -14.23 27.58 -12.18
C ARG D 65 -13.33 28.66 -12.79
N GLN D 66 -13.68 29.09 -14.00
CA GLN D 66 -12.99 30.19 -14.65
C GLN D 66 -13.85 30.75 -15.76
N GLN D 67 -13.77 32.06 -15.95
CA GLN D 67 -14.61 32.75 -16.94
C GLN D 67 -13.79 33.84 -17.64
N TRP D 68 -13.41 33.58 -18.89
CA TRP D 68 -12.72 34.54 -19.72
C TRP D 68 -13.72 35.27 -20.61
N ASN D 69 -13.24 36.01 -21.60
CA ASN D 69 -14.08 36.73 -22.54
C ASN D 69 -13.65 36.37 -23.95
N ASP D 70 -14.57 35.79 -24.72
CA ASP D 70 -14.30 35.42 -26.11
C ASP D 70 -15.18 36.26 -27.02
N PRO D 71 -14.64 37.25 -27.74
CA PRO D 71 -15.50 38.14 -28.53
C PRO D 71 -16.19 37.45 -29.69
N ARG D 72 -15.63 36.37 -30.24
CA ARG D 72 -16.20 35.73 -31.41
C ARG D 72 -17.21 34.63 -31.05
N LEU D 73 -17.80 34.69 -29.87
CA LEU D 73 -18.84 33.75 -29.46
C LEU D 73 -20.17 34.43 -29.17
N ALA D 74 -20.35 35.68 -29.57
CA ALA D 74 -21.60 36.37 -29.34
C ALA D 74 -22.70 35.82 -30.23
N TYR D 75 -23.92 35.80 -29.71
CA TYR D 75 -25.09 35.33 -30.45
C TYR D 75 -26.23 36.30 -30.26
N ASN D 76 -27.18 36.27 -31.20
CA ASN D 76 -28.28 37.21 -31.20
C ASN D 76 -29.66 36.57 -31.35
N GLU D 77 -29.75 35.26 -31.58
CA GLU D 77 -31.04 34.62 -31.81
C GLU D 77 -31.83 34.48 -30.51
N TYR D 78 -31.28 33.73 -29.56
CA TYR D 78 -31.99 33.47 -28.31
C TYR D 78 -32.06 34.73 -27.46
N PRO D 79 -33.22 35.06 -26.90
CA PRO D 79 -33.31 36.20 -25.97
C PRO D 79 -32.69 35.94 -24.61
N ASP D 80 -32.36 34.70 -24.30
CA ASP D 80 -31.73 34.39 -23.02
C ASP D 80 -30.31 34.93 -22.97
N ASP D 81 -29.87 35.27 -21.76
CA ASP D 81 -28.54 35.80 -21.54
C ASP D 81 -27.52 34.71 -21.22
N SER D 82 -27.86 33.80 -20.32
CA SER D 82 -26.97 32.72 -19.89
C SER D 82 -27.45 31.43 -20.56
N LEU D 83 -26.93 31.16 -21.76
CA LEU D 83 -27.29 29.97 -22.49
C LEU D 83 -26.41 28.80 -22.05
N ASP D 84 -27.02 27.79 -21.44
CA ASP D 84 -26.30 26.61 -21.00
C ASP D 84 -26.09 25.65 -22.18
N LEU D 85 -24.96 24.93 -22.15
CA LEU D 85 -24.57 24.06 -23.24
C LEU D 85 -24.28 22.66 -22.72
N ASP D 86 -23.87 21.78 -23.63
CA ASP D 86 -23.61 20.37 -23.39
C ASP D 86 -22.14 20.15 -23.08
N PRO D 87 -21.80 19.47 -21.97
CA PRO D 87 -20.39 19.19 -21.66
C PRO D 87 -19.71 18.24 -22.64
N SER D 88 -20.39 17.89 -23.74
CA SER D 88 -19.78 17.09 -24.80
C SER D 88 -19.29 17.93 -25.96
N MET D 89 -19.39 19.25 -25.89
CA MET D 89 -18.95 20.14 -26.96
C MET D 89 -17.88 21.13 -26.54
N LEU D 90 -17.65 21.33 -25.25
CA LEU D 90 -16.67 22.33 -24.83
C LEU D 90 -15.23 21.92 -25.12
N ASP D 91 -15.02 20.81 -25.83
CA ASP D 91 -13.71 20.41 -26.30
C ASP D 91 -13.34 21.05 -27.63
N SER D 92 -14.26 21.80 -28.24
CA SER D 92 -14.01 22.53 -29.48
C SER D 92 -13.97 24.03 -29.26
N ILE D 93 -13.53 24.46 -28.08
CA ILE D 93 -13.40 25.86 -27.72
C ILE D 93 -12.01 26.08 -27.15
N TRP D 94 -11.40 27.21 -27.52
CA TRP D 94 -10.14 27.59 -26.88
C TRP D 94 -10.35 27.72 -25.38
N LYS D 95 -9.48 27.08 -24.62
CA LYS D 95 -9.60 27.09 -23.16
C LYS D 95 -8.25 27.42 -22.54
N PRO D 96 -8.26 28.08 -21.38
CA PRO D 96 -7.01 28.26 -20.64
C PRO D 96 -6.43 26.91 -20.24
N ASP D 97 -5.11 26.85 -20.16
CA ASP D 97 -4.43 25.59 -19.89
C ASP D 97 -3.71 25.66 -18.55
N LEU D 98 -4.39 26.18 -17.54
CA LEU D 98 -3.80 26.31 -16.21
C LEU D 98 -3.46 24.94 -15.65
N PHE D 99 -2.29 24.86 -15.01
CA PHE D 99 -1.85 23.66 -14.31
C PHE D 99 -1.37 24.05 -12.93
N PHE D 100 -1.52 23.11 -11.99
CA PHE D 100 -1.09 23.36 -10.61
C PHE D 100 0.40 23.06 -10.50
N ALA D 101 1.17 24.06 -10.02
CA ALA D 101 2.62 23.94 -9.99
C ALA D 101 3.11 22.86 -9.05
N ASN D 102 2.28 22.43 -8.11
CA ASN D 102 2.64 21.38 -7.15
C ASN D 102 1.53 20.34 -7.08
N GLU D 103 1.05 19.91 -8.24
CA GLU D 103 -0.07 18.98 -8.29
C GLU D 103 0.31 17.62 -7.72
N LYS D 104 1.53 17.16 -8.00
CA LYS D 104 2.05 15.89 -7.50
C LYS D 104 1.17 14.70 -7.89
N GLY D 105 0.29 14.89 -8.88
CA GLY D 105 -0.66 13.86 -9.26
C GLY D 105 -2.09 14.34 -9.14
N ALA D 106 -2.88 14.16 -10.19
CA ALA D 106 -4.26 14.61 -10.19
C ALA D 106 -4.98 13.94 -11.35
N HIS D 107 -6.31 13.99 -11.30
CA HIS D 107 -7.12 13.35 -12.33
C HIS D 107 -8.49 14.00 -12.36
N PHE D 108 -9.15 13.88 -13.51
CA PHE D 108 -10.52 14.36 -13.66
C PHE D 108 -11.48 13.37 -12.99
N HIS D 109 -12.78 13.62 -13.14
CA HIS D 109 -13.82 12.72 -12.67
C HIS D 109 -14.78 12.48 -13.81
N GLU D 110 -15.02 11.21 -14.14
CA GLU D 110 -15.91 10.81 -15.23
C GLU D 110 -16.77 9.66 -14.74
N ILE D 111 -17.93 9.98 -14.17
CA ILE D 111 -18.88 8.98 -13.68
C ILE D 111 -20.24 9.29 -14.28
N THR D 112 -20.75 8.34 -15.08
CA THR D 112 -22.04 8.38 -15.77
C THR D 112 -22.04 9.40 -16.91
N THR D 113 -21.02 10.26 -16.95
CA THR D 113 -20.80 11.25 -17.99
C THR D 113 -19.54 12.00 -17.56
N ASP D 114 -19.02 12.90 -18.39
CA ASP D 114 -17.97 13.82 -17.94
C ASP D 114 -18.50 14.69 -16.80
N ASN D 115 -17.59 15.45 -16.19
CA ASN D 115 -17.93 16.33 -15.09
C ASN D 115 -17.48 17.76 -15.40
N LYS D 116 -17.83 18.25 -16.58
CA LYS D 116 -17.55 19.62 -16.99
C LYS D 116 -18.85 20.39 -17.14
N LEU D 117 -18.74 21.71 -17.05
CA LEU D 117 -19.88 22.61 -17.22
C LEU D 117 -19.47 23.76 -18.13
N LEU D 118 -20.36 24.10 -19.07
CA LEU D 118 -20.12 25.19 -20.00
C LEU D 118 -21.33 26.11 -20.01
N ARG D 119 -21.08 27.42 -20.04
CA ARG D 119 -22.15 28.41 -19.99
C ARG D 119 -21.65 29.67 -20.69
N ILE D 120 -22.16 29.93 -21.88
CA ILE D 120 -21.76 31.09 -22.67
C ILE D 120 -22.77 32.20 -22.44
N SER D 121 -22.28 33.37 -22.04
CA SER D 121 -23.15 34.51 -21.78
C SER D 121 -23.46 35.24 -23.09
N ARG D 122 -24.26 36.31 -22.97
CA ARG D 122 -24.70 37.03 -24.17
C ARG D 122 -23.56 37.81 -24.81
N ASN D 123 -22.77 38.53 -24.01
CA ASN D 123 -21.72 39.36 -24.55
C ASN D 123 -20.51 38.55 -25.01
N GLY D 124 -20.28 37.39 -24.42
CA GLY D 124 -19.15 36.57 -24.79
C GLY D 124 -18.48 35.89 -23.62
N ASN D 125 -18.89 36.24 -22.40
CA ASN D 125 -18.35 35.59 -21.21
C ASN D 125 -18.69 34.11 -21.21
N VAL D 126 -17.70 33.28 -20.91
CA VAL D 126 -17.83 31.83 -21.00
C VAL D 126 -17.43 31.25 -19.65
N LEU D 127 -18.40 30.70 -18.92
CA LEU D 127 -18.10 30.00 -17.68
C LEU D 127 -17.63 28.58 -17.97
N TYR D 128 -16.75 28.07 -17.11
CA TYR D 128 -16.15 26.76 -17.32
C TYR D 128 -15.78 26.21 -15.95
N SER D 129 -16.51 25.17 -15.50
CA SER D 129 -16.34 24.62 -14.16
C SER D 129 -16.17 23.12 -14.25
N ILE D 130 -14.98 22.63 -13.94
CA ILE D 130 -14.70 21.21 -13.91
C ILE D 130 -14.44 20.77 -12.48
N ARG D 131 -14.55 19.47 -12.25
CA ARG D 131 -14.44 18.88 -10.91
C ARG D 131 -13.16 18.06 -10.86
N ILE D 132 -12.09 18.65 -10.34
CA ILE D 132 -10.79 18.02 -10.30
C ILE D 132 -10.53 17.52 -8.88
N THR D 133 -9.64 16.54 -8.76
CA THR D 133 -9.23 16.01 -7.46
C THR D 133 -7.70 16.00 -7.40
N LEU D 134 -7.13 16.98 -6.71
CA LEU D 134 -5.69 17.09 -6.55
C LEU D 134 -5.22 16.37 -5.30
N THR D 135 -3.94 16.00 -5.30
CA THR D 135 -3.21 15.61 -4.08
C THR D 135 -1.96 16.48 -4.02
N LEU D 136 -2.14 17.68 -3.48
CA LEU D 136 -1.12 18.72 -3.53
C LEU D 136 -0.05 18.48 -2.47
N ALA D 137 1.11 19.08 -2.69
CA ALA D 137 2.25 18.95 -1.79
C ALA D 137 2.53 20.30 -1.15
N CYS D 138 2.72 20.30 0.18
CA CYS D 138 3.02 21.51 0.93
C CYS D 138 4.13 21.22 1.92
N PRO D 139 5.27 21.91 1.85
CA PRO D 139 6.34 21.68 2.84
C PRO D 139 5.90 22.12 4.22
N MET D 140 6.12 21.26 5.20
CA MET D 140 5.70 21.50 6.57
C MET D 140 6.89 21.85 7.45
N ASP D 141 6.60 22.52 8.55
CA ASP D 141 7.60 22.83 9.59
C ASP D 141 7.16 22.22 10.91
N LEU D 142 7.83 21.12 11.30
CA LEU D 142 7.43 20.34 12.46
C LEU D 142 8.25 20.70 13.71
N LYS D 143 8.69 21.95 13.83
CA LYS D 143 9.38 22.37 15.04
C LYS D 143 8.46 22.29 16.24
N ASN D 144 7.28 22.89 16.15
CA ASN D 144 6.27 22.81 17.21
C ASN D 144 5.23 21.76 16.87
N PHE D 145 5.66 20.51 16.79
CA PHE D 145 4.82 19.47 16.18
C PHE D 145 3.45 19.32 16.84
N PRO D 146 3.32 19.16 18.17
CA PRO D 146 1.98 18.99 18.74
C PRO D 146 1.11 20.22 18.64
N MET D 147 1.68 21.41 18.39
CA MET D 147 0.92 22.65 18.31
C MET D 147 1.32 23.49 17.11
N ASP D 148 1.64 22.85 15.99
CA ASP D 148 2.05 23.56 14.79
C ASP D 148 0.85 24.19 14.09
N VAL D 149 1.15 25.19 13.27
CA VAL D 149 0.15 25.88 12.45
C VAL D 149 0.65 25.82 11.02
N GLN D 150 0.18 24.83 10.26
CA GLN D 150 0.65 24.64 8.90
C GLN D 150 0.07 25.69 7.96
N THR D 151 0.71 25.83 6.80
CA THR D 151 0.26 26.74 5.75
C THR D 151 0.49 26.01 4.42
N CYS D 152 -0.54 25.32 3.95
CA CYS D 152 -0.48 24.54 2.73
C CYS D 152 -1.20 25.29 1.62
N ILE D 153 -0.57 25.38 0.45
CA ILE D 153 -1.01 26.28 -0.61
C ILE D 153 -1.19 25.51 -1.91
N MET D 154 -1.96 26.10 -2.81
CA MET D 154 -2.08 25.65 -4.19
C MET D 154 -1.71 26.81 -5.10
N GLN D 155 -1.07 26.51 -6.21
CA GLN D 155 -0.59 27.54 -7.14
C GLN D 155 -1.20 27.30 -8.52
N LEU D 156 -2.27 28.03 -8.82
CA LEU D 156 -2.82 28.03 -10.16
C LEU D 156 -1.87 28.80 -11.08
N GLU D 157 -1.51 28.20 -12.21
CA GLU D 157 -0.49 28.78 -13.07
C GLU D 157 -0.68 28.32 -14.50
N SER D 158 -0.55 29.24 -15.44
CA SER D 158 -0.62 28.91 -16.85
C SER D 158 0.68 28.27 -17.34
N PHE D 159 0.59 27.62 -18.49
CA PHE D 159 1.74 26.91 -19.04
C PHE D 159 1.97 27.22 -20.50
N GLY D 160 0.90 27.54 -21.23
CA GLY D 160 1.01 27.74 -22.66
C GLY D 160 1.63 29.05 -23.08
N TYR D 161 1.27 30.14 -22.41
CA TYR D 161 1.57 31.48 -22.89
C TYR D 161 2.48 32.22 -21.93
N THR D 162 3.00 33.35 -22.41
CA THR D 162 3.72 34.30 -21.60
C THR D 162 2.71 35.18 -20.86
N MET D 163 3.18 35.97 -19.89
CA MET D 163 2.28 36.84 -19.15
C MET D 163 1.56 37.83 -20.06
N ASN D 164 2.20 38.26 -21.15
CA ASN D 164 1.57 39.22 -22.04
C ASN D 164 0.43 38.63 -22.85
N ASP D 165 0.21 37.31 -22.79
CA ASP D 165 -0.86 36.67 -23.53
C ASP D 165 -1.94 36.05 -22.66
N LEU D 166 -1.71 35.95 -21.34
CA LEU D 166 -2.70 35.35 -20.45
C LEU D 166 -2.41 35.81 -19.02
N ILE D 167 -3.40 36.42 -18.39
CA ILE D 167 -3.27 36.94 -17.03
C ILE D 167 -4.35 36.29 -16.16
N PHE D 168 -3.95 35.81 -14.99
CA PHE D 168 -4.86 35.17 -14.05
C PHE D 168 -5.13 36.09 -12.87
N GLU D 169 -6.41 36.25 -12.52
CA GLU D 169 -6.82 37.05 -11.38
C GLU D 169 -7.93 36.33 -10.63
N TRP D 170 -8.02 36.59 -9.33
CA TRP D 170 -9.11 36.05 -8.54
C TRP D 170 -10.33 36.97 -8.61
N GLN D 171 -11.48 36.42 -8.24
CA GLN D 171 -12.68 37.22 -8.11
C GLN D 171 -12.57 38.13 -6.88
N GLU D 172 -13.20 39.30 -6.99
CA GLU D 172 -13.13 40.28 -5.89
C GLU D 172 -13.83 39.76 -4.65
N GLN D 173 -15.00 39.13 -4.81
CA GLN D 173 -15.80 38.65 -3.70
C GLN D 173 -15.97 37.14 -3.80
N GLY D 174 -15.75 36.44 -2.68
CA GLY D 174 -15.95 35.01 -2.62
C GLY D 174 -15.05 34.22 -3.55
N ALA D 175 -13.76 34.55 -3.56
CA ALA D 175 -12.83 33.87 -4.46
C ALA D 175 -12.70 32.39 -4.12
N VAL D 176 -12.59 32.06 -2.84
CA VAL D 176 -12.42 30.68 -2.39
C VAL D 176 -13.58 30.36 -1.45
N GLN D 177 -14.55 29.61 -1.94
CA GLN D 177 -15.69 29.20 -1.15
C GLN D 177 -15.44 27.82 -0.54
N VAL D 178 -16.05 27.58 0.62
CA VAL D 178 -15.86 26.35 1.38
C VAL D 178 -17.22 25.72 1.65
N ALA D 179 -17.31 24.40 1.50
CA ALA D 179 -18.54 23.69 1.81
C ALA D 179 -18.90 23.86 3.28
N ASP D 180 -20.20 23.94 3.55
CA ASP D 180 -20.67 24.17 4.91
C ASP D 180 -20.29 23.02 5.83
N GLY D 181 -20.44 21.78 5.37
CA GLY D 181 -20.21 20.63 6.21
C GLY D 181 -18.80 20.08 6.14
N LEU D 182 -17.86 20.88 5.64
CA LEU D 182 -16.47 20.44 5.53
C LEU D 182 -15.87 20.34 6.92
N THR D 183 -15.51 19.11 7.31
CA THR D 183 -14.89 18.86 8.61
C THR D 183 -13.62 18.05 8.41
N LEU D 184 -12.71 18.15 9.37
CA LEU D 184 -11.43 17.46 9.28
C LEU D 184 -11.15 16.70 10.57
N PRO D 185 -10.49 15.55 10.48
CA PRO D 185 -9.83 14.99 11.66
C PRO D 185 -8.53 15.74 11.93
N GLN D 186 -8.13 15.73 13.20
CA GLN D 186 -6.90 16.41 13.62
C GLN D 186 -7.02 17.90 13.33
N PHE D 187 -6.53 18.35 12.18
CA PHE D 187 -6.47 19.77 11.85
C PHE D 187 -7.87 20.38 11.76
N ILE D 188 -7.91 21.70 11.90
CA ILE D 188 -9.12 22.48 11.67
C ILE D 188 -8.76 23.65 10.77
N LEU D 189 -9.54 23.84 9.71
CA LEU D 189 -9.27 24.88 8.72
C LEU D 189 -9.69 26.24 9.26
N LYS D 190 -8.82 27.23 9.07
CA LYS D 190 -9.13 28.59 9.49
C LYS D 190 -10.15 29.22 8.54
N GLU D 191 -10.54 30.46 8.84
CA GLU D 191 -11.50 31.19 8.02
C GLU D 191 -10.82 32.08 6.99
N GLU D 192 -9.78 32.83 7.39
CA GLU D 192 -9.08 33.69 6.45
C GLU D 192 -8.23 32.86 5.50
N LYS D 193 -8.26 33.23 4.22
CA LYS D 193 -7.48 32.56 3.18
C LYS D 193 -6.83 33.62 2.31
N ASP D 194 -5.52 33.77 2.44
CA ASP D 194 -4.80 34.78 1.68
C ASP D 194 -4.76 34.43 0.20
N LEU D 195 -4.76 35.46 -0.64
CA LEU D 195 -4.73 35.31 -2.09
C LEU D 195 -3.56 36.15 -2.61
N ARG D 196 -2.37 35.56 -2.64
CA ARG D 196 -1.16 36.24 -3.03
C ARG D 196 -0.88 36.03 -4.51
N TYR D 197 0.27 36.54 -4.97
CA TYR D 197 0.72 36.35 -6.34
C TYR D 197 2.04 35.57 -6.33
N CYS D 198 2.25 34.78 -7.38
CA CYS D 198 3.39 33.89 -7.51
C CYS D 198 3.98 33.95 -8.90
N THR D 199 4.13 35.17 -9.44
CA THR D 199 4.64 35.36 -10.78
C THR D 199 5.98 34.65 -10.97
N LYS D 200 6.01 33.68 -11.87
CA LYS D 200 7.20 32.88 -12.11
C LYS D 200 8.06 33.50 -13.20
N HIS D 201 9.38 33.34 -13.06
CA HIS D 201 10.35 33.81 -14.04
C HIS D 201 11.18 32.62 -14.47
N TYR D 202 10.69 31.89 -15.48
CA TYR D 202 11.41 30.74 -16.01
C TYR D 202 12.43 31.21 -17.05
N ASN D 203 13.13 30.25 -17.63
CA ASN D 203 14.10 30.54 -18.69
C ASN D 203 13.43 30.81 -20.03
N THR D 204 12.14 30.52 -20.16
CA THR D 204 11.42 30.68 -21.42
C THR D 204 10.46 31.86 -21.40
N GLY D 205 10.47 32.67 -20.34
CA GLY D 205 9.61 33.82 -20.24
C GLY D 205 8.83 33.82 -18.94
N LYS D 206 8.04 34.89 -18.76
CA LYS D 206 7.24 35.07 -17.57
C LYS D 206 5.89 34.38 -17.73
N PHE D 207 5.54 33.51 -16.77
CA PHE D 207 4.26 32.77 -16.83
C PHE D 207 3.41 33.15 -15.63
N THR D 208 2.16 33.55 -15.84
CA THR D 208 1.26 34.02 -14.78
C THR D 208 1.01 32.90 -13.77
N CYS D 209 0.69 33.32 -12.54
CA CYS D 209 0.53 32.38 -11.44
C CYS D 209 -0.24 33.07 -10.34
N ILE D 210 -1.19 32.35 -9.74
CA ILE D 210 -1.94 32.84 -8.60
C ILE D 210 -2.04 31.71 -7.57
N GLU D 211 -1.87 32.05 -6.31
CA GLU D 211 -1.85 31.05 -5.24
C GLU D 211 -2.75 31.47 -4.09
N ALA D 212 -3.32 30.48 -3.42
CA ALA D 212 -4.15 30.68 -2.25
C ALA D 212 -3.57 29.91 -1.08
N ARG D 213 -3.58 30.52 0.11
CA ARG D 213 -2.99 29.94 1.30
C ARG D 213 -4.09 29.49 2.26
N PHE D 214 -3.97 28.26 2.75
CA PHE D 214 -4.89 27.72 3.75
C PHE D 214 -4.13 27.58 5.06
N HIS D 215 -4.52 28.37 6.07
CA HIS D 215 -3.92 28.26 7.39
C HIS D 215 -4.56 27.09 8.13
N LEU D 216 -3.76 26.07 8.45
CA LEU D 216 -4.24 24.84 9.05
C LEU D 216 -3.66 24.70 10.44
N GLU D 217 -4.47 24.95 11.46
CA GLU D 217 -4.08 24.68 12.83
C GLU D 217 -4.32 23.21 13.17
N ARG D 218 -3.65 22.74 14.22
CA ARG D 218 -3.72 21.35 14.63
C ARG D 218 -4.37 21.24 16.00
N GLN D 219 -5.38 20.38 16.12
CA GLN D 219 -5.97 20.11 17.42
C GLN D 219 -4.99 19.34 18.29
N MET D 220 -4.90 19.74 19.55
CA MET D 220 -3.94 19.18 20.48
C MET D 220 -4.49 18.04 21.33
N GLY D 221 -5.77 17.69 21.14
CA GLY D 221 -6.41 16.72 22.02
C GLY D 221 -5.81 15.31 21.99
N TYR D 222 -5.77 14.70 20.81
CA TYR D 222 -5.30 13.32 20.72
C TYR D 222 -3.84 13.20 21.09
N TYR D 223 -3.00 14.06 20.51
CA TYR D 223 -1.57 14.03 20.81
C TYR D 223 -1.36 14.28 22.30
N LEU D 224 -2.01 15.31 22.83
CA LEU D 224 -1.95 15.63 24.25
C LEU D 224 -2.21 14.39 25.10
N ILE D 225 -3.40 13.80 24.95
CA ILE D 225 -3.76 12.63 25.75
C ILE D 225 -2.69 11.56 25.58
N GLN D 226 -2.54 11.06 24.34
CA GLN D 226 -1.82 9.81 24.12
C GLN D 226 -0.35 9.90 24.50
N MET D 227 0.33 11.00 24.16
CA MET D 227 1.75 11.09 24.47
C MET D 227 2.08 12.14 25.52
N TYR D 228 1.12 12.54 26.35
CA TYR D 228 1.42 13.36 27.51
C TYR D 228 0.96 12.70 28.80
N ILE D 229 -0.23 12.10 28.83
CA ILE D 229 -0.70 11.48 30.07
C ILE D 229 0.18 10.31 30.49
N PRO D 230 0.54 9.35 29.62
CA PRO D 230 1.44 8.28 30.06
C PRO D 230 2.78 8.78 30.57
N SER D 231 3.32 9.85 29.98
CA SER D 231 4.58 10.41 30.47
C SER D 231 4.43 10.90 31.91
N LEU D 232 3.34 11.61 32.20
CA LEU D 232 3.10 12.07 33.56
C LEU D 232 2.91 10.91 34.52
N LEU D 233 2.21 9.86 34.08
CA LEU D 233 2.04 8.69 34.93
C LEU D 233 3.37 8.02 35.23
N ILE D 234 4.26 7.92 34.23
CA ILE D 234 5.55 7.29 34.48
C ILE D 234 6.42 8.15 35.38
N VAL D 235 6.34 9.48 35.22
CA VAL D 235 7.10 10.37 36.10
C VAL D 235 6.61 10.23 37.54
N ILE D 236 5.29 10.16 37.74
CA ILE D 236 4.75 9.96 39.07
C ILE D 236 5.13 8.58 39.61
N LEU D 237 5.23 7.59 38.72
CA LEU D 237 5.70 6.27 39.13
C LEU D 237 7.13 6.33 39.66
N SER D 238 7.99 7.08 38.98
CA SER D 238 9.34 7.29 39.49
C SER D 238 9.31 8.04 40.83
N TRP D 239 8.41 9.01 40.95
CA TRP D 239 8.29 9.76 42.20
C TRP D 239 7.91 8.84 43.36
N ILE D 240 6.99 7.91 43.14
CA ILE D 240 6.66 6.94 44.18
C ILE D 240 7.78 5.92 44.34
N SER D 241 8.61 5.72 43.30
CA SER D 241 9.83 4.95 43.48
C SER D 241 10.76 5.62 44.47
N PHE D 242 10.74 6.96 44.53
CA PHE D 242 11.39 7.64 45.65
C PHE D 242 10.72 7.28 46.97
N TRP D 243 9.39 7.15 46.97
CA TRP D 243 8.62 6.87 48.18
C TRP D 243 8.59 5.37 48.45
N ILE D 244 9.75 4.83 48.83
CA ILE D 244 9.86 3.42 49.17
C ILE D 244 11.08 3.25 50.06
N ASN D 245 11.13 2.13 50.79
CA ASN D 245 12.21 1.87 51.72
C ASN D 245 13.54 1.72 50.98
N MET D 246 14.61 2.17 51.63
CA MET D 246 15.94 2.11 51.02
C MET D 246 16.42 0.67 50.84
N ASP D 247 16.08 -0.22 51.77
CA ASP D 247 16.57 -1.59 51.73
C ASP D 247 16.07 -2.35 50.51
N ALA D 248 14.97 -1.93 49.90
CA ALA D 248 14.40 -2.62 48.75
C ALA D 248 15.14 -2.24 47.47
N ALA D 249 16.44 -2.58 47.45
CA ALA D 249 17.27 -2.28 46.29
C ALA D 249 16.81 -2.99 45.02
N PRO D 250 16.56 -4.30 45.01
CA PRO D 250 16.06 -4.92 43.77
C PRO D 250 14.73 -4.35 43.30
N ALA D 251 13.82 -4.07 44.24
CA ALA D 251 12.53 -3.52 43.85
C ALA D 251 12.68 -2.14 43.23
N ARG D 252 13.47 -1.27 43.86
CA ARG D 252 13.63 0.08 43.34
C ARG D 252 14.34 0.07 42.00
N VAL D 253 15.38 -0.77 41.85
CA VAL D 253 16.08 -0.79 40.57
C VAL D 253 15.20 -1.37 39.48
N GLY D 254 14.37 -2.37 39.81
CA GLY D 254 13.46 -2.90 38.81
C GLY D 254 12.39 -1.92 38.39
N LEU D 255 11.87 -1.14 39.34
CA LEU D 255 10.87 -0.13 38.98
C LEU D 255 11.50 0.97 38.13
N GLY D 256 12.73 1.37 38.47
CA GLY D 256 13.45 2.27 37.59
C GLY D 256 13.65 1.68 36.20
N ILE D 257 13.93 0.38 36.14
CA ILE D 257 14.09 -0.30 34.85
C ILE D 257 12.82 -0.21 34.02
N THR D 258 11.67 -0.51 34.63
CA THR D 258 10.44 -0.50 33.84
C THR D 258 10.06 0.92 33.43
N THR D 259 10.35 1.92 34.27
CA THR D 259 10.12 3.30 33.85
C THR D 259 10.99 3.67 32.66
N VAL D 260 12.28 3.30 32.71
CA VAL D 260 13.17 3.59 31.58
C VAL D 260 12.70 2.89 30.32
N LEU D 261 12.30 1.62 30.44
CA LEU D 261 11.84 0.87 29.28
C LEU D 261 10.57 1.47 28.69
N THR D 262 9.63 1.89 29.54
CA THR D 262 8.41 2.51 29.04
C THR D 262 8.71 3.82 28.33
N MET D 263 9.60 4.64 28.89
CA MET D 263 9.97 5.88 28.22
C MET D 263 10.65 5.61 26.88
N THR D 264 11.54 4.61 26.83
CA THR D 264 12.21 4.28 25.57
C THR D 264 11.21 3.82 24.52
N THR D 265 10.26 2.96 24.92
CA THR D 265 9.26 2.48 23.97
C THR D 265 8.38 3.61 23.46
N GLN D 266 7.95 4.51 24.36
CA GLN D 266 7.10 5.62 23.94
C GLN D 266 7.86 6.57 23.03
N SER D 267 9.13 6.84 23.33
CA SER D 267 9.93 7.70 22.47
C SER D 267 10.12 7.08 21.10
N SER D 268 10.37 5.76 21.04
CA SER D 268 10.50 5.09 19.77
C SER D 268 9.22 5.18 18.96
N GLY D 269 8.08 4.97 19.60
CA GLY D 269 6.82 5.07 18.89
C GLY D 269 6.57 6.48 18.36
N SER D 270 6.82 7.49 19.20
CA SER D 270 6.60 8.86 18.78
C SER D 270 7.51 9.24 17.62
N ARG D 271 8.78 8.83 17.67
CA ARG D 271 9.69 9.15 16.58
C ARG D 271 9.38 8.37 15.32
N ALA D 272 8.81 7.17 15.46
CA ALA D 272 8.45 6.37 14.28
C ALA D 272 7.12 6.76 13.68
N SER D 273 6.30 7.52 14.39
CA SER D 273 5.01 7.94 13.84
C SER D 273 5.12 9.13 12.90
N LEU D 274 6.29 9.74 12.77
CA LEU D 274 6.48 10.97 12.03
C LEU D 274 7.61 10.80 11.02
N PRO D 275 7.65 11.63 9.99
CA PRO D 275 8.75 11.55 9.02
C PRO D 275 10.09 11.88 9.66
N LYS D 276 11.15 11.28 9.10
CA LYS D 276 12.49 11.38 9.67
C LYS D 276 13.10 12.75 9.33
N VAL D 277 12.56 13.77 9.99
CA VAL D 277 13.06 15.13 9.80
C VAL D 277 14.32 15.32 10.64
N SER D 278 15.18 16.24 10.18
CA SER D 278 16.50 16.38 10.80
C SER D 278 16.42 17.03 12.17
N TYR D 279 15.64 18.11 12.30
CA TYR D 279 15.65 18.88 13.54
C TYR D 279 14.88 18.15 14.63
N VAL D 280 14.86 18.74 15.82
CA VAL D 280 14.16 18.19 16.96
C VAL D 280 12.77 18.79 17.05
N LYS D 281 11.76 17.94 17.23
CA LYS D 281 10.39 18.41 17.34
C LYS D 281 10.11 18.90 18.76
N ALA D 282 8.92 19.44 18.97
CA ALA D 282 8.54 19.93 20.29
C ALA D 282 8.18 18.81 21.26
N ILE D 283 7.76 17.65 20.74
CA ILE D 283 7.45 16.52 21.62
C ILE D 283 8.69 15.66 21.89
N ASP D 284 9.68 15.68 20.98
CA ASP D 284 10.92 14.97 21.25
C ASP D 284 11.65 15.54 22.45
N ILE D 285 11.57 16.87 22.64
CA ILE D 285 12.18 17.49 23.82
C ILE D 285 11.49 17.00 25.08
N TRP D 286 10.15 16.91 25.06
CA TRP D 286 9.43 16.41 26.23
C TRP D 286 9.82 14.98 26.54
N MET D 287 9.88 14.13 25.52
CA MET D 287 10.29 12.74 25.73
C MET D 287 11.70 12.65 26.27
N ALA D 288 12.61 13.44 25.70
CA ALA D 288 14.00 13.42 26.14
C ALA D 288 14.13 13.88 27.59
N VAL D 289 13.39 14.92 27.97
CA VAL D 289 13.48 15.43 29.34
C VAL D 289 12.90 14.41 30.32
N CYS D 290 11.79 13.76 29.97
CA CYS D 290 11.24 12.74 30.86
C CYS D 290 12.21 11.57 31.01
N LEU D 291 12.79 11.12 29.91
CA LEU D 291 13.76 10.03 29.98
C LEU D 291 14.98 10.43 30.79
N LEU D 292 15.44 11.67 30.64
CA LEU D 292 16.57 12.16 31.42
C LEU D 292 16.24 12.22 32.89
N PHE D 293 15.02 12.64 33.24
CA PHE D 293 14.61 12.65 34.64
C PHE D 293 14.59 11.24 35.23
N VAL D 294 14.05 10.27 34.50
CA VAL D 294 14.02 8.91 35.02
C VAL D 294 15.44 8.35 35.16
N PHE D 295 16.30 8.59 34.16
CA PHE D 295 17.66 8.12 34.22
C PHE D 295 18.42 8.77 35.37
N SER D 296 18.19 10.06 35.61
CA SER D 296 18.83 10.74 36.73
C SER D 296 18.30 10.24 38.07
N ALA D 297 17.02 9.84 38.11
CA ALA D 297 16.50 9.22 39.33
C ALA D 297 17.22 7.91 39.63
N LEU D 298 17.42 7.08 38.61
CA LEU D 298 18.17 5.85 38.81
C LEU D 298 19.61 6.15 39.22
N LEU D 299 20.22 7.17 38.59
CA LEU D 299 21.58 7.54 38.91
C LEU D 299 21.71 8.01 40.36
N GLU D 300 20.76 8.83 40.82
CA GLU D 300 20.82 9.31 42.19
C GLU D 300 20.55 8.20 43.19
N TYR D 301 19.69 7.24 42.86
CA TYR D 301 19.52 6.10 43.75
C TYR D 301 20.80 5.27 43.84
N ALA D 302 21.48 5.07 42.72
CA ALA D 302 22.75 4.36 42.76
C ALA D 302 23.77 5.12 43.59
N ALA D 303 23.77 6.45 43.48
CA ALA D 303 24.67 7.26 44.30
C ALA D 303 24.34 7.10 45.78
N VAL D 304 23.06 7.09 46.14
CA VAL D 304 22.67 6.89 47.52
C VAL D 304 23.13 5.52 48.02
N ASN D 305 22.97 4.49 47.19
CA ASN D 305 23.43 3.17 47.58
C ASN D 305 24.94 3.14 47.79
N PHE D 306 25.69 3.78 46.90
CA PHE D 306 27.14 3.81 47.05
C PHE D 306 27.56 4.56 48.32
N VAL D 307 26.91 5.69 48.61
CA VAL D 307 27.25 6.44 49.81
C VAL D 307 26.91 5.65 51.06
N SER D 308 25.74 5.00 51.09
CA SER D 308 25.34 4.23 52.25
C SER D 308 26.26 3.05 52.48
N ARG D 309 26.66 2.36 51.41
CA ARG D 309 27.53 1.19 51.56
C ARG D 309 28.89 1.59 52.13
N GLN D 310 29.44 2.70 51.67
CA GLN D 310 30.74 3.18 52.15
C GLN D 310 30.64 3.67 53.58
N LEU D 325 26.91 7.59 60.44
CA LEU D 325 26.89 8.91 59.81
C LEU D 325 26.60 8.81 58.32
N PHE D 326 27.05 7.71 57.71
CA PHE D 326 26.77 7.48 56.30
C PHE D 326 25.27 7.27 56.07
N ILE D 327 24.62 6.56 56.98
CA ILE D 327 23.18 6.34 56.85
C ILE D 327 22.42 7.66 56.96
N GLN D 328 22.85 8.52 57.89
CA GLN D 328 22.17 9.81 58.07
C GLN D 328 22.30 10.67 56.81
N ARG D 329 23.50 10.74 56.24
CA ARG D 329 23.68 11.56 55.04
C ARG D 329 22.97 10.95 53.84
N ALA D 330 22.92 9.61 53.75
CA ALA D 330 22.17 8.98 52.67
C ALA D 330 20.68 9.30 52.79
N LYS D 331 20.14 9.24 54.00
CA LYS D 331 18.73 9.57 54.21
C LYS D 331 18.47 11.04 53.90
N LYS D 332 19.38 11.93 54.28
CA LYS D 332 19.22 13.35 53.96
C LYS D 332 19.23 13.57 52.45
N ILE D 333 20.13 12.89 51.74
CA ILE D 333 20.17 13.00 50.28
C ILE D 333 18.88 12.49 49.68
N ASP D 334 18.37 11.36 50.18
CA ASP D 334 17.11 10.83 49.67
C ASP D 334 15.97 11.80 49.91
N LYS D 335 15.91 12.41 51.10
CA LYS D 335 14.82 13.32 51.41
C LYS D 335 14.89 14.58 50.55
N ILE D 336 16.09 15.12 50.34
CA ILE D 336 16.20 16.33 49.51
C ILE D 336 15.88 16.00 48.06
N SER D 337 16.24 14.80 47.59
CA SER D 337 15.84 14.37 46.26
C SER D 337 14.32 14.28 46.14
N ARG D 338 13.68 13.68 47.15
CA ARG D 338 12.23 13.46 47.12
C ARG D 338 11.47 14.77 47.18
N ILE D 339 12.02 15.79 47.86
CA ILE D 339 11.37 17.10 47.89
C ILE D 339 11.88 18.03 46.79
N GLY D 340 12.89 17.63 46.02
CA GLY D 340 13.43 18.49 44.98
C GLY D 340 13.05 18.18 43.55
N PHE D 341 13.07 16.91 43.13
CA PHE D 341 12.62 16.62 41.77
C PHE D 341 11.19 17.04 41.44
N PRO D 342 10.19 16.91 42.30
CA PRO D 342 8.85 17.41 41.92
C PRO D 342 8.83 18.89 41.53
N MET D 343 9.56 19.73 42.27
CA MET D 343 9.60 21.16 41.95
C MET D 343 10.33 21.41 40.64
N ALA D 344 11.43 20.68 40.40
CA ALA D 344 12.16 20.83 39.15
C ALA D 344 11.29 20.43 37.96
N PHE D 345 10.55 19.31 38.09
CA PHE D 345 9.66 18.90 37.02
C PHE D 345 8.56 19.93 36.79
N LEU D 346 8.01 20.50 37.87
CA LEU D 346 6.96 21.50 37.72
C LEU D 346 7.48 22.74 37.00
N ILE D 347 8.69 23.21 37.37
CA ILE D 347 9.21 24.41 36.74
C ILE D 347 9.56 24.14 35.28
N PHE D 348 10.09 22.95 34.97
CA PHE D 348 10.34 22.60 33.59
C PHE D 348 9.04 22.57 32.78
N ASN D 349 7.99 21.98 33.36
CA ASN D 349 6.71 21.91 32.67
C ASN D 349 6.17 23.31 32.39
N MET D 350 6.30 24.19 33.38
CA MET D 350 5.77 25.56 33.22
C MET D 350 6.54 26.28 32.11
N PHE D 351 7.87 26.18 32.13
CA PHE D 351 8.67 26.83 31.09
C PHE D 351 8.36 26.26 29.71
N TYR D 352 8.25 24.94 29.60
CA TYR D 352 7.97 24.32 28.30
C TYR D 352 6.64 24.81 27.75
N TRP D 353 5.59 24.78 28.59
CA TRP D 353 4.28 25.16 28.10
C TRP D 353 4.17 26.65 27.84
N ILE D 354 4.95 27.48 28.56
CA ILE D 354 4.86 28.92 28.29
C ILE D 354 5.64 29.29 27.04
N ILE D 355 6.76 28.60 26.76
CA ILE D 355 7.53 28.89 25.56
C ILE D 355 6.79 28.41 24.32
N TYR D 356 6.25 27.20 24.36
CA TYR D 356 5.61 26.64 23.16
C TYR D 356 4.13 26.98 23.05
N LYS D 357 3.68 28.03 23.73
CA LYS D 357 2.33 28.57 23.51
C LYS D 357 2.35 30.07 23.31
N ILE D 358 3.44 30.59 22.74
CA ILE D 358 3.52 32.01 22.39
C ILE D 358 3.97 32.16 20.94
N SER E 31 9.41 9.75 -53.76
CA SER E 31 10.01 10.75 -52.88
C SER E 31 10.69 10.09 -51.69
N THR E 32 10.59 10.74 -50.53
CA THR E 32 11.24 10.23 -49.32
C THR E 32 10.41 9.13 -48.66
N SER E 33 9.19 9.46 -48.24
CA SER E 33 8.29 8.50 -47.63
C SER E 33 7.42 7.76 -48.65
N ASN E 34 7.52 8.13 -49.93
CA ASN E 34 6.75 7.42 -50.94
C ASN E 34 7.14 5.95 -51.02
N ILE E 35 8.39 5.61 -50.65
CA ILE E 35 8.79 4.21 -50.66
C ILE E 35 8.00 3.41 -49.64
N LEU E 36 7.87 3.94 -48.42
CA LEU E 36 7.10 3.22 -47.40
C LEU E 36 5.62 3.27 -47.69
N ASN E 37 5.13 4.36 -48.29
CA ASN E 37 3.72 4.41 -48.69
C ASN E 37 3.41 3.35 -49.74
N ARG E 38 4.31 3.18 -50.72
CA ARG E 38 4.14 2.14 -51.73
C ARG E 38 4.24 0.75 -51.11
N LEU E 39 5.15 0.58 -50.15
CA LEU E 39 5.27 -0.71 -49.48
C LEU E 39 4.00 -1.07 -48.72
N LEU E 40 3.42 -0.10 -48.02
CA LEU E 40 2.27 -0.37 -47.16
C LEU E 40 0.94 -0.27 -47.87
N VAL E 41 0.89 0.26 -49.09
CA VAL E 41 -0.37 0.32 -49.82
C VAL E 41 -0.69 -1.08 -50.36
N SER E 42 -1.96 -1.44 -50.32
CA SER E 42 -2.44 -2.78 -50.66
C SER E 42 -1.81 -3.87 -49.78
N TYR E 43 -1.22 -3.47 -48.65
CA TYR E 43 -0.62 -4.39 -47.69
C TYR E 43 -1.60 -4.54 -46.53
N ASP E 44 -2.31 -5.66 -46.51
CA ASP E 44 -3.30 -5.89 -45.47
C ASP E 44 -2.59 -6.32 -44.18
N PRO E 45 -2.74 -5.56 -43.09
CA PRO E 45 -2.11 -5.97 -41.83
C PRO E 45 -2.84 -7.07 -41.07
N ARG E 46 -3.94 -7.58 -41.63
CA ARG E 46 -4.71 -8.65 -41.01
C ARG E 46 -4.40 -10.01 -41.62
N ILE E 47 -3.30 -10.12 -42.36
CA ILE E 47 -2.87 -11.38 -42.94
C ILE E 47 -1.41 -11.61 -42.56
N ARG E 48 -1.13 -12.74 -41.93
CA ARG E 48 0.24 -13.07 -41.58
C ARG E 48 1.04 -13.40 -42.83
N PRO E 49 2.37 -13.21 -42.79
CA PRO E 49 3.20 -13.61 -43.92
C PRO E 49 3.08 -15.11 -44.18
N ASN E 50 3.06 -15.48 -45.46
CA ASN E 50 2.89 -16.87 -45.89
C ASN E 50 1.60 -17.45 -45.28
N PHE E 51 0.49 -16.86 -45.71
CA PHE E 51 -0.81 -17.17 -45.11
C PHE E 51 -1.15 -18.64 -45.22
N LYS E 52 -0.93 -19.23 -46.39
CA LYS E 52 -1.22 -20.64 -46.62
C LYS E 52 0.04 -21.49 -46.69
N GLY E 53 1.19 -20.93 -46.37
CA GLY E 53 2.46 -21.62 -46.45
C GLY E 53 2.97 -22.07 -45.11
N ILE E 54 4.30 -22.09 -44.97
CA ILE E 54 4.96 -22.56 -43.75
C ILE E 54 4.76 -21.53 -42.64
N PRO E 55 4.80 -21.93 -41.38
CA PRO E 55 4.72 -20.95 -40.30
C PRO E 55 5.92 -20.02 -40.29
N VAL E 56 5.69 -18.80 -39.85
CA VAL E 56 6.75 -17.79 -39.79
C VAL E 56 7.65 -18.07 -38.59
N ASP E 57 8.95 -18.11 -38.84
CA ASP E 57 9.93 -18.39 -37.80
C ASP E 57 10.38 -17.07 -37.19
N VAL E 58 9.94 -16.82 -35.95
CA VAL E 58 10.26 -15.58 -35.25
C VAL E 58 11.38 -15.86 -34.25
N VAL E 59 12.48 -15.13 -34.36
CA VAL E 59 13.57 -15.23 -33.40
C VAL E 59 13.38 -14.14 -32.34
N VAL E 60 13.71 -14.46 -31.10
CA VAL E 60 13.45 -13.60 -29.97
C VAL E 60 14.76 -13.32 -29.23
N ASN E 61 15.01 -12.06 -28.92
CA ASN E 61 16.17 -11.65 -28.16
C ASN E 61 15.72 -10.72 -27.03
N ILE E 62 16.30 -10.91 -25.85
CA ILE E 62 15.92 -10.16 -24.66
C ILE E 62 17.15 -9.46 -24.10
N PHE E 63 17.01 -8.16 -23.84
CA PHE E 63 18.06 -7.36 -23.21
C PHE E 63 17.51 -6.85 -21.88
N ILE E 64 18.00 -7.42 -20.78
CA ILE E 64 17.53 -7.04 -19.44
C ILE E 64 18.21 -5.73 -19.08
N ASN E 65 17.47 -4.61 -19.23
CA ASN E 65 18.02 -3.32 -18.87
C ASN E 65 18.22 -3.19 -17.37
N SER E 66 17.29 -3.73 -16.58
CA SER E 66 17.39 -3.63 -15.12
C SER E 66 16.56 -4.74 -14.51
N PHE E 67 17.21 -5.62 -13.74
CA PHE E 67 16.53 -6.69 -13.03
C PHE E 67 16.17 -6.19 -11.64
N GLY E 68 14.88 -6.27 -11.30
CA GLY E 68 14.38 -5.72 -10.06
C GLY E 68 14.58 -6.63 -8.87
N SER E 69 14.02 -6.20 -7.74
CA SER E 69 14.15 -6.92 -6.49
C SER E 69 13.04 -7.93 -6.34
N ILE E 70 13.40 -9.18 -6.07
CA ILE E 70 12.42 -10.25 -5.91
C ILE E 70 11.76 -10.12 -4.54
N GLN E 71 10.44 -10.17 -4.52
CA GLN E 71 9.66 -10.03 -3.29
C GLN E 71 9.22 -11.42 -2.84
N GLU E 72 9.74 -11.86 -1.68
CA GLU E 72 9.33 -13.16 -1.14
C GLU E 72 7.89 -13.15 -0.67
N THR E 73 7.35 -11.98 -0.30
CA THR E 73 5.99 -11.92 0.24
C THR E 73 4.95 -12.37 -0.78
N THR E 74 5.11 -11.95 -2.04
CA THR E 74 4.10 -12.19 -3.07
C THR E 74 4.60 -13.09 -4.19
N MET E 75 5.74 -13.76 -4.02
CA MET E 75 6.23 -14.77 -4.97
C MET E 75 6.43 -14.18 -6.37
N ASP E 76 7.03 -12.99 -6.45
CA ASP E 76 7.15 -12.32 -7.73
C ASP E 76 8.34 -11.37 -7.72
N TYR E 77 8.77 -11.00 -8.92
CA TYR E 77 9.79 -9.99 -9.13
C TYR E 77 9.40 -9.14 -10.33
N ARG E 78 10.21 -8.11 -10.61
CA ARG E 78 9.88 -7.10 -11.62
C ARG E 78 11.09 -6.89 -12.52
N VAL E 79 11.05 -7.46 -13.72
CA VAL E 79 12.13 -7.34 -14.67
C VAL E 79 11.80 -6.22 -15.66
N ASN E 80 12.83 -5.66 -16.28
CA ASN E 80 12.68 -4.57 -17.25
C ASN E 80 13.54 -4.92 -18.46
N ILE E 81 12.91 -5.32 -19.56
CA ILE E 81 13.61 -5.91 -20.68
C ILE E 81 13.37 -5.08 -21.95
N PHE E 82 14.32 -5.18 -22.87
CA PHE E 82 14.17 -4.64 -24.23
C PHE E 82 13.84 -5.82 -25.14
N LEU E 83 12.58 -6.24 -25.10
CA LEU E 83 12.15 -7.38 -25.89
C LEU E 83 12.34 -7.11 -27.37
N ARG E 84 12.95 -8.07 -28.07
CA ARG E 84 13.26 -7.93 -29.49
C ARG E 84 12.74 -9.14 -30.27
N GLN E 85 12.16 -8.87 -31.43
CA GLN E 85 11.68 -9.90 -32.33
C GLN E 85 12.20 -9.63 -33.74
N LYS E 86 12.31 -10.69 -34.53
CA LYS E 86 12.83 -10.56 -35.88
C LYS E 86 12.30 -11.73 -36.72
N TRP E 87 11.41 -11.43 -37.66
CA TRP E 87 10.85 -12.43 -38.55
C TRP E 87 11.09 -12.00 -40.00
N ASN E 88 10.53 -12.77 -40.94
CA ASN E 88 10.65 -12.50 -42.36
C ASN E 88 9.26 -12.26 -42.93
N ASP E 89 9.07 -11.11 -43.56
CA ASP E 89 7.80 -10.75 -44.19
C ASP E 89 8.04 -10.52 -45.67
N PRO E 90 7.69 -11.48 -46.53
CA PRO E 90 7.99 -11.33 -47.96
C PRO E 90 7.30 -10.15 -48.61
N ARG E 91 6.16 -9.71 -48.09
CA ARG E 91 5.45 -8.58 -48.68
C ARG E 91 6.14 -7.25 -48.42
N LEU E 92 7.17 -7.22 -47.56
CA LEU E 92 7.86 -5.99 -47.20
C LEU E 92 9.28 -5.93 -47.76
N LYS E 93 9.52 -6.54 -48.91
CA LYS E 93 10.83 -6.41 -49.54
C LYS E 93 11.04 -4.97 -50.00
N LEU E 94 12.19 -4.42 -49.67
CA LEU E 94 12.50 -3.06 -50.07
C LEU E 94 12.66 -2.98 -51.60
N PRO E 95 12.14 -1.93 -52.24
CA PRO E 95 12.29 -1.80 -53.68
C PRO E 95 13.75 -1.62 -54.08
N SER E 96 14.06 -2.04 -55.31
CA SER E 96 15.43 -1.93 -55.81
C SER E 96 15.88 -0.48 -55.96
N ASP E 97 14.95 0.47 -55.95
CA ASP E 97 15.29 1.88 -56.05
C ASP E 97 15.69 2.48 -54.70
N PHE E 98 15.66 1.71 -53.62
CA PHE E 98 15.98 2.22 -52.30
C PHE E 98 17.48 2.42 -52.15
N ARG E 99 17.88 3.60 -51.68
CA ARG E 99 19.28 3.87 -51.38
C ARG E 99 19.61 3.32 -49.99
N GLY E 100 20.85 3.53 -49.56
CA GLY E 100 21.28 3.00 -48.28
C GLY E 100 21.59 1.52 -48.35
N SER E 101 22.52 1.05 -47.53
CA SER E 101 23.00 -0.32 -47.65
C SER E 101 21.91 -1.36 -47.38
N ASP E 102 21.46 -1.47 -46.13
CA ASP E 102 20.48 -2.49 -45.79
C ASP E 102 19.32 -1.96 -44.95
N ALA E 103 19.61 -1.05 -44.02
CA ALA E 103 18.68 -0.71 -42.96
C ALA E 103 17.84 0.50 -43.33
N LEU E 104 16.53 0.40 -43.12
CA LEU E 104 15.59 1.49 -43.33
C LEU E 104 14.76 1.64 -42.05
N THR E 105 15.25 2.45 -41.12
CA THR E 105 14.51 2.70 -39.89
C THR E 105 13.33 3.64 -40.16
N VAL E 106 12.24 3.41 -39.44
CA VAL E 106 11.05 4.24 -39.55
C VAL E 106 10.66 4.73 -38.15
N ASP E 107 9.64 5.58 -38.11
CA ASP E 107 9.21 6.17 -36.86
C ASP E 107 8.53 5.13 -35.97
N PRO E 108 8.55 5.35 -34.65
CA PRO E 108 7.81 4.46 -33.74
C PRO E 108 6.30 4.47 -33.97
N THR E 109 5.77 5.46 -34.68
CA THR E 109 4.33 5.60 -34.88
C THR E 109 3.83 4.89 -36.14
N MET E 110 4.54 3.88 -36.62
CA MET E 110 4.17 3.19 -37.84
C MET E 110 3.96 1.70 -37.69
N TYR E 111 4.15 1.13 -36.50
CA TYR E 111 4.00 -0.31 -36.35
C TYR E 111 2.54 -0.75 -36.46
N LYS E 112 1.59 0.17 -36.38
CA LYS E 112 0.17 -0.18 -36.42
C LYS E 112 -0.24 -0.79 -37.75
N CYS E 113 0.51 -0.50 -38.82
CA CYS E 113 0.18 -1.00 -40.15
C CYS E 113 0.96 -2.26 -40.52
N LEU E 114 1.72 -2.83 -39.59
CA LEU E 114 2.50 -4.03 -39.83
C LEU E 114 1.99 -5.18 -38.97
N TRP E 115 1.94 -6.37 -39.56
CA TRP E 115 1.59 -7.57 -38.80
C TRP E 115 2.63 -7.83 -37.72
N LYS E 116 2.15 -8.13 -36.52
CA LYS E 116 3.02 -8.38 -35.39
C LYS E 116 2.62 -9.66 -34.68
N PRO E 117 3.58 -10.51 -34.30
CA PRO E 117 3.24 -11.68 -33.50
C PRO E 117 2.67 -11.28 -32.14
N ASP E 118 1.71 -12.06 -31.68
CA ASP E 118 1.03 -11.76 -30.42
C ASP E 118 1.74 -12.46 -29.25
N LEU E 119 3.02 -12.13 -29.09
CA LEU E 119 3.84 -12.70 -28.04
C LEU E 119 3.43 -12.13 -26.70
N PHE E 120 3.00 -12.99 -25.78
CA PHE E 120 2.61 -12.58 -24.44
C PHE E 120 3.32 -13.45 -23.42
N PHE E 121 3.47 -12.93 -22.21
CA PHE E 121 4.17 -13.61 -21.14
C PHE E 121 3.17 -14.45 -20.34
N ALA E 122 3.50 -15.72 -20.13
CA ALA E 122 2.62 -16.63 -19.41
C ALA E 122 2.75 -16.53 -17.90
N ASN E 123 3.69 -15.74 -17.39
CA ASN E 123 3.89 -15.57 -15.96
C ASN E 123 3.55 -14.17 -15.47
N GLU E 124 3.16 -13.26 -16.36
CA GLU E 124 2.94 -11.88 -15.96
C GLU E 124 1.78 -11.77 -14.97
N LYS E 125 1.94 -10.86 -14.01
CA LYS E 125 0.88 -10.53 -13.06
C LYS E 125 0.22 -9.20 -13.39
N SER E 126 1.01 -8.14 -13.51
CA SER E 126 0.52 -6.84 -13.95
C SER E 126 1.66 -6.15 -14.70
N ALA E 127 1.68 -6.33 -16.02
CA ALA E 127 2.74 -5.77 -16.85
C ALA E 127 2.38 -4.35 -17.27
N ASN E 128 3.27 -3.72 -18.03
CA ASN E 128 3.11 -2.31 -18.35
C ASN E 128 3.93 -1.96 -19.58
N PHE E 129 3.42 -1.01 -20.36
CA PHE E 129 4.16 -0.44 -21.49
C PHE E 129 5.14 0.60 -20.97
N HIS E 130 5.70 1.40 -21.87
CA HIS E 130 6.56 2.52 -21.48
C HIS E 130 6.48 3.60 -22.54
N ASP E 131 5.91 4.75 -22.18
CA ASP E 131 5.82 5.92 -23.06
C ASP E 131 5.98 7.21 -22.24
N VAL E 132 7.23 7.64 -22.09
CA VAL E 132 7.52 8.83 -21.28
C VAL E 132 7.49 10.10 -22.12
N THR E 133 8.02 10.06 -23.34
CA THR E 133 7.90 11.15 -24.29
C THR E 133 7.25 10.72 -25.59
N GLN E 134 7.60 9.55 -26.10
CA GLN E 134 6.91 8.90 -27.21
C GLN E 134 6.97 7.40 -26.96
N GLU E 135 6.05 6.68 -27.58
CA GLU E 135 5.97 5.23 -27.34
C GLU E 135 7.27 4.57 -27.76
N ASN E 136 7.92 3.91 -26.80
CA ASN E 136 9.25 3.35 -27.01
C ASN E 136 9.22 2.07 -27.82
N ILE E 137 9.16 2.18 -29.15
CA ILE E 137 9.22 1.04 -30.05
C ILE E 137 10.13 1.38 -31.21
N LEU E 138 11.12 0.53 -31.47
CA LEU E 138 12.00 0.64 -32.62
C LEU E 138 11.59 -0.39 -33.68
N LEU E 139 11.83 -0.05 -34.95
CA LEU E 139 11.41 -0.93 -36.03
C LEU E 139 12.39 -0.75 -37.19
N PHE E 140 13.22 -1.77 -37.42
CA PHE E 140 14.13 -1.82 -38.56
C PHE E 140 13.55 -2.69 -39.67
N ILE E 141 13.85 -2.34 -40.91
CA ILE E 141 13.47 -3.11 -42.08
C ILE E 141 14.70 -3.28 -42.96
N PHE E 142 15.02 -4.53 -43.30
CA PHE E 142 16.17 -4.82 -44.13
C PHE E 142 15.73 -5.00 -45.59
N ARG E 143 16.72 -5.20 -46.47
CA ARG E 143 16.41 -5.33 -47.90
C ARG E 143 15.61 -6.58 -48.19
N ASP E 144 15.95 -7.70 -47.54
CA ASP E 144 15.28 -8.97 -47.81
C ASP E 144 13.89 -9.06 -47.19
N GLY E 145 13.43 -8.02 -46.50
CA GLY E 145 12.12 -8.00 -45.91
C GLY E 145 12.07 -8.29 -44.43
N ASP E 146 13.21 -8.58 -43.80
CA ASP E 146 13.23 -8.86 -42.38
C ASP E 146 12.87 -7.61 -41.58
N VAL E 147 12.12 -7.81 -40.50
CA VAL E 147 11.70 -6.73 -39.62
C VAL E 147 12.32 -6.97 -38.25
N LEU E 148 12.51 -5.88 -37.50
CA LEU E 148 13.12 -5.96 -36.17
C LEU E 148 12.37 -4.99 -35.25
N VAL E 149 11.48 -5.53 -34.43
CA VAL E 149 10.78 -4.75 -33.42
C VAL E 149 11.46 -4.99 -32.08
N SER E 150 11.89 -3.91 -31.43
CA SER E 150 12.64 -3.98 -30.18
C SER E 150 11.96 -3.15 -29.11
N MET E 151 10.65 -3.37 -28.96
CA MET E 151 9.86 -2.63 -27.99
C MET E 151 10.31 -2.92 -26.57
N ARG E 152 9.99 -2.00 -25.66
CA ARG E 152 10.43 -2.07 -24.28
C ARG E 152 9.24 -2.35 -23.37
N LEU E 153 9.40 -3.32 -22.47
CA LEU E 153 8.36 -3.71 -21.54
C LEU E 153 8.87 -3.54 -20.11
N SER E 154 7.94 -3.70 -19.16
CA SER E 154 8.23 -3.62 -17.73
C SER E 154 7.58 -4.80 -17.03
N ILE E 155 7.81 -6.00 -17.56
CA ILE E 155 7.09 -7.19 -17.14
C ILE E 155 7.28 -7.45 -15.65
N THR E 156 6.22 -7.92 -14.99
CA THR E 156 6.25 -8.30 -13.57
C THR E 156 5.88 -9.78 -13.49
N LEU E 157 6.90 -10.64 -13.57
CA LEU E 157 6.72 -12.08 -13.55
C LEU E 157 6.44 -12.58 -12.13
N SER E 158 6.08 -13.85 -12.04
CA SER E 158 5.87 -14.53 -10.77
C SER E 158 6.56 -15.88 -10.82
N CYS E 159 7.38 -16.17 -9.81
CA CYS E 159 8.09 -17.44 -9.74
C CYS E 159 7.87 -18.06 -8.36
N PRO E 160 7.38 -19.30 -8.30
CA PRO E 160 7.16 -19.94 -6.99
C PRO E 160 8.49 -20.29 -6.34
N LEU E 161 8.70 -19.77 -5.14
CA LEU E 161 9.95 -19.99 -4.42
C LEU E 161 9.94 -21.33 -3.70
N ASP E 162 11.13 -21.79 -3.34
CA ASP E 162 11.31 -22.98 -2.51
C ASP E 162 12.07 -22.54 -1.27
N LEU E 163 11.36 -22.37 -0.16
CA LEU E 163 11.91 -21.76 1.04
C LEU E 163 12.55 -22.78 1.99
N THR E 164 12.64 -24.04 1.59
CA THR E 164 13.50 -24.97 2.31
C THR E 164 14.93 -24.47 2.23
N LEU E 165 15.71 -24.66 3.29
CA LEU E 165 17.06 -24.05 3.29
C LEU E 165 16.83 -22.58 2.94
N PHE E 166 16.09 -21.84 3.78
CA PHE E 166 15.72 -20.50 3.35
C PHE E 166 16.90 -19.53 3.25
N PRO E 167 17.74 -19.35 4.28
CA PRO E 167 18.80 -18.33 4.17
C PRO E 167 19.95 -18.74 3.27
N MET E 168 19.93 -19.94 2.69
CA MET E 168 21.04 -20.44 1.88
C MET E 168 20.51 -21.14 0.63
N ASP E 169 19.46 -20.60 0.04
CA ASP E 169 18.77 -21.23 -1.08
C ASP E 169 19.22 -20.64 -2.41
N THR E 170 18.93 -21.38 -3.49
CA THR E 170 19.21 -20.95 -4.86
C THR E 170 17.92 -21.15 -5.66
N GLN E 171 17.12 -20.10 -5.78
CA GLN E 171 15.87 -20.18 -6.49
C GLN E 171 16.09 -20.12 -8.01
N ARG E 172 15.11 -20.64 -8.74
CA ARG E 172 15.13 -20.63 -10.20
C ARG E 172 13.83 -19.99 -10.67
N CYS E 173 13.91 -18.73 -11.12
CA CYS E 173 12.75 -17.97 -11.53
C CYS E 173 12.73 -17.86 -13.05
N LYS E 174 11.57 -18.13 -13.64
CA LYS E 174 11.43 -18.31 -15.07
C LYS E 174 10.92 -17.06 -15.77
N MET E 175 10.99 -17.09 -17.11
CA MET E 175 10.45 -16.05 -17.97
C MET E 175 9.92 -16.74 -19.23
N GLN E 176 8.63 -17.04 -19.24
CA GLN E 176 8.02 -17.78 -20.32
C GLN E 176 7.43 -16.83 -21.36
N LEU E 177 7.85 -16.99 -22.61
CA LEU E 177 7.31 -16.25 -23.74
C LEU E 177 6.59 -17.24 -24.66
N GLU E 178 5.34 -16.95 -24.98
CA GLU E 178 4.57 -17.85 -25.82
C GLU E 178 3.55 -17.06 -26.62
N SER E 179 3.13 -17.65 -27.74
CA SER E 179 2.10 -17.05 -28.58
C SER E 179 0.72 -17.36 -28.02
N PHE E 180 -0.26 -16.58 -28.47
CA PHE E 180 -1.63 -16.72 -27.98
C PHE E 180 -2.61 -17.11 -29.06
N GLY E 181 -2.68 -16.34 -30.15
CA GLY E 181 -3.71 -16.52 -31.15
C GLY E 181 -3.35 -17.36 -32.35
N TYR E 182 -2.12 -17.87 -32.42
CA TYR E 182 -1.69 -18.71 -33.52
C TYR E 182 -1.14 -20.01 -32.99
N THR E 183 -1.50 -21.11 -33.64
CA THR E 183 -0.99 -22.42 -33.25
C THR E 183 0.43 -22.59 -33.77
N THR E 184 0.98 -23.80 -33.58
CA THR E 184 2.31 -24.09 -34.09
C THR E 184 2.35 -24.07 -35.62
N ASP E 185 1.20 -24.29 -36.27
CA ASP E 185 1.15 -24.28 -37.73
C ASP E 185 1.37 -22.89 -38.30
N ASP E 186 1.24 -21.85 -37.50
CA ASP E 186 1.37 -20.47 -37.98
C ASP E 186 2.53 -19.72 -37.35
N LEU E 187 2.80 -19.89 -36.06
CA LEU E 187 3.80 -19.12 -35.35
C LEU E 187 4.64 -20.04 -34.48
N ARG E 188 5.95 -19.77 -34.43
CA ARG E 188 6.86 -20.49 -33.57
C ARG E 188 8.02 -19.59 -33.18
N PHE E 189 8.53 -19.76 -31.98
CA PHE E 189 9.57 -18.90 -31.42
C PHE E 189 10.85 -19.70 -31.24
N ILE E 190 11.96 -19.16 -31.74
CA ILE E 190 13.27 -19.78 -31.64
C ILE E 190 14.24 -18.75 -31.08
N TRP E 191 15.02 -19.15 -30.08
CA TRP E 191 16.00 -18.24 -29.51
C TRP E 191 17.10 -17.92 -30.51
N GLN E 192 17.66 -16.72 -30.40
CA GLN E 192 18.73 -16.30 -31.29
C GLN E 192 19.97 -17.15 -31.09
N SER E 193 20.67 -17.43 -32.20
CA SER E 193 21.86 -18.29 -32.13
C SER E 193 23.01 -17.63 -31.40
N GLY E 194 22.95 -16.33 -31.15
CA GLY E 194 24.00 -15.63 -30.44
C GLY E 194 23.78 -15.63 -28.94
N ASP E 195 23.58 -14.45 -28.36
CA ASP E 195 23.30 -14.33 -26.93
C ASP E 195 21.85 -13.89 -26.75
N PRO E 196 20.92 -14.80 -26.46
CA PRO E 196 19.52 -14.40 -26.25
C PRO E 196 19.31 -13.47 -25.08
N VAL E 197 20.19 -13.50 -24.08
CA VAL E 197 20.12 -12.61 -22.92
C VAL E 197 21.42 -11.83 -22.86
N GLN E 198 21.32 -10.51 -22.74
CA GLN E 198 22.47 -9.62 -22.87
C GLN E 198 22.56 -8.66 -21.69
N LEU E 199 22.40 -9.20 -20.48
CA LEU E 199 22.62 -8.39 -19.28
C LEU E 199 24.12 -8.14 -19.08
N GLU E 200 24.45 -6.98 -18.54
CA GLU E 200 25.84 -6.61 -18.32
C GLU E 200 26.17 -6.42 -16.85
N LYS E 201 25.37 -5.65 -16.11
CA LYS E 201 25.58 -5.43 -14.68
C LYS E 201 24.23 -5.31 -14.03
N ILE E 202 24.00 -6.07 -12.96
CA ILE E 202 22.70 -6.08 -12.31
C ILE E 202 22.83 -5.70 -10.85
N ALA E 203 23.56 -6.51 -10.08
CA ALA E 203 23.88 -6.23 -8.67
C ALA E 203 22.61 -6.06 -7.84
N LEU E 204 21.87 -7.17 -7.70
CA LEU E 204 20.67 -7.15 -6.89
C LEU E 204 21.03 -6.81 -5.44
N PRO E 205 20.11 -6.19 -4.70
CA PRO E 205 20.43 -5.81 -3.30
C PRO E 205 20.76 -7.00 -2.41
N GLN E 206 20.15 -8.17 -2.64
CA GLN E 206 20.38 -9.32 -1.79
C GLN E 206 20.64 -10.61 -2.56
N PHE E 207 20.70 -10.55 -3.89
CA PHE E 207 20.95 -11.72 -4.73
C PHE E 207 22.10 -11.43 -5.67
N ASP E 208 22.50 -12.45 -6.43
CA ASP E 208 23.53 -12.29 -7.45
C ASP E 208 23.40 -13.39 -8.50
N ILE E 209 23.21 -12.99 -9.76
CA ILE E 209 23.08 -13.92 -10.87
C ILE E 209 24.35 -13.86 -11.71
N LYS E 210 24.92 -15.03 -12.00
CA LYS E 210 26.13 -15.12 -12.81
C LYS E 210 25.89 -15.86 -14.12
N LYS E 211 25.42 -17.10 -14.07
CA LYS E 211 25.17 -17.92 -15.24
C LYS E 211 23.75 -18.46 -15.19
N GLU E 212 23.09 -18.46 -16.34
CA GLU E 212 21.73 -18.96 -16.46
C GLU E 212 21.64 -19.87 -17.68
N ASP E 213 20.69 -20.79 -17.66
CA ASP E 213 20.46 -21.71 -18.76
C ASP E 213 19.17 -21.34 -19.50
N ILE E 214 19.20 -21.52 -20.82
CA ILE E 214 18.08 -21.15 -21.68
C ILE E 214 17.39 -22.47 -22.04
N GLU E 215 17.55 -23.46 -21.17
CA GLU E 215 17.01 -24.80 -21.40
C GLU E 215 15.48 -24.75 -21.46
N TYR E 216 14.86 -25.90 -21.78
CA TYR E 216 13.44 -25.96 -22.10
C TYR E 216 13.12 -24.98 -23.22
N GLY E 217 14.13 -24.75 -24.07
CA GLY E 217 13.90 -23.85 -25.22
C GLY E 217 12.51 -24.15 -25.72
N ASN E 218 12.29 -25.38 -26.17
CA ASN E 218 10.92 -25.77 -26.56
C ASN E 218 10.11 -25.88 -25.26
N CYS E 219 8.92 -25.31 -25.24
CA CYS E 219 8.08 -25.31 -24.02
C CYS E 219 6.64 -25.46 -24.52
N THR E 220 6.49 -25.71 -25.82
CA THR E 220 5.14 -25.74 -26.38
C THR E 220 4.09 -26.38 -25.46
N LYS E 221 3.05 -25.62 -25.15
CA LYS E 221 1.95 -26.09 -24.33
C LYS E 221 0.82 -26.61 -25.22
N TYR E 222 -0.01 -27.47 -24.64
CA TYR E 222 -1.16 -28.05 -25.35
C TYR E 222 -2.39 -27.85 -24.49
N TYR E 223 -3.05 -26.70 -24.66
CA TYR E 223 -4.33 -26.47 -24.01
C TYR E 223 -5.37 -27.38 -24.64
N LYS E 224 -6.23 -27.96 -23.79
CA LYS E 224 -7.15 -28.99 -24.26
C LYS E 224 -8.14 -28.44 -25.28
N GLY E 225 -8.28 -29.17 -26.38
CA GLY E 225 -9.25 -28.80 -27.40
C GLY E 225 -8.92 -27.55 -28.17
N THR E 226 -7.68 -27.12 -28.18
CA THR E 226 -7.33 -25.92 -28.95
C THR E 226 -6.17 -26.13 -29.90
N GLY E 227 -5.14 -26.88 -29.50
CA GLY E 227 -4.00 -27.16 -30.34
C GLY E 227 -2.70 -26.92 -29.61
N TYR E 228 -1.61 -26.84 -30.39
CA TYR E 228 -0.27 -26.66 -29.87
C TYR E 228 0.14 -25.21 -30.03
N TYR E 229 0.61 -24.60 -28.93
CA TYR E 229 1.04 -23.22 -28.92
C TYR E 229 2.53 -23.14 -28.60
N THR E 230 3.27 -22.39 -29.41
CA THR E 230 4.71 -22.27 -29.21
C THR E 230 5.01 -21.58 -27.89
N CYS E 231 6.12 -21.99 -27.27
CA CYS E 231 6.54 -21.46 -25.98
C CYS E 231 8.05 -21.56 -25.89
N VAL E 232 8.67 -20.52 -25.31
CA VAL E 232 10.09 -20.51 -25.02
C VAL E 232 10.26 -20.09 -23.57
N GLU E 233 11.40 -20.47 -22.99
CA GLU E 233 11.56 -20.35 -21.55
C GLU E 233 13.00 -20.01 -21.20
N VAL E 234 13.17 -19.08 -20.28
CA VAL E 234 14.48 -18.70 -19.73
C VAL E 234 14.44 -18.94 -18.23
N ILE E 235 15.44 -19.65 -17.72
CA ILE E 235 15.54 -19.96 -16.31
C ILE E 235 16.76 -19.26 -15.74
N PHE E 236 16.56 -18.46 -14.70
CA PHE E 236 17.65 -17.81 -13.98
C PHE E 236 18.02 -18.62 -12.74
N THR E 237 19.09 -18.20 -12.08
CA THR E 237 19.57 -18.84 -10.86
C THR E 237 19.85 -17.72 -9.85
N LEU E 238 18.82 -17.36 -9.08
CA LEU E 238 18.93 -16.27 -8.11
C LEU E 238 19.52 -16.81 -6.81
N ARG E 239 20.84 -16.90 -6.78
CA ARG E 239 21.54 -17.27 -5.55
C ARG E 239 21.40 -16.16 -4.51
N ARG E 240 21.21 -16.55 -3.26
CA ARG E 240 20.96 -15.61 -2.18
C ARG E 240 22.19 -15.50 -1.28
N GLN E 241 22.56 -14.26 -0.95
CA GLN E 241 23.72 -14.01 -0.10
C GLN E 241 23.34 -14.16 1.36
N VAL E 242 24.22 -14.82 2.12
CA VAL E 242 23.93 -15.12 3.52
C VAL E 242 24.19 -13.93 4.43
N GLY E 243 25.04 -12.98 4.01
CA GLY E 243 25.53 -11.90 4.84
C GLY E 243 24.55 -11.25 5.79
N PHE E 244 23.41 -10.79 5.28
CA PHE E 244 22.45 -10.09 6.14
C PHE E 244 21.92 -11.00 7.24
N TYR E 245 21.49 -12.21 6.87
CA TYR E 245 20.92 -13.11 7.87
C TYR E 245 21.99 -13.59 8.86
N MET E 246 23.21 -13.82 8.37
CA MET E 246 24.30 -14.14 9.30
C MET E 246 24.58 -12.99 10.24
N MET E 247 24.29 -11.76 9.81
CA MET E 247 24.35 -10.60 10.68
C MET E 247 23.02 -10.33 11.38
N GLY E 248 21.94 -10.96 10.92
CA GLY E 248 20.62 -10.64 11.44
C GLY E 248 20.18 -11.44 12.65
N VAL E 249 20.27 -12.77 12.56
CA VAL E 249 19.81 -13.65 13.62
C VAL E 249 20.96 -14.45 14.24
N TYR E 250 21.96 -14.83 13.44
CA TYR E 250 23.03 -15.68 13.92
C TYR E 250 23.75 -15.04 15.10
N ALA E 251 24.20 -13.80 14.94
CA ALA E 251 24.93 -13.13 16.02
C ALA E 251 24.08 -12.90 17.25
N PRO E 252 22.87 -12.32 17.18
CA PRO E 252 22.08 -12.15 18.41
C PRO E 252 21.75 -13.47 19.09
N THR E 253 21.39 -14.49 18.33
CA THR E 253 21.03 -15.77 18.93
C THR E 253 22.23 -16.43 19.60
N LEU E 254 23.39 -16.40 18.94
CA LEU E 254 24.60 -16.93 19.56
C LEU E 254 24.95 -16.15 20.83
N LEU E 255 24.77 -14.83 20.79
CA LEU E 255 25.04 -14.02 21.98
C LEU E 255 24.12 -14.42 23.14
N ILE E 256 22.85 -14.65 22.85
CA ILE E 256 21.91 -15.03 23.91
C ILE E 256 22.27 -16.39 24.48
N VAL E 257 22.67 -17.33 23.62
CA VAL E 257 23.07 -18.66 24.10
C VAL E 257 24.30 -18.56 24.99
N VAL E 258 25.28 -17.75 24.59
CA VAL E 258 26.47 -17.57 25.43
C VAL E 258 26.10 -16.88 26.74
N LEU E 259 25.11 -15.99 26.70
CA LEU E 259 24.60 -15.38 27.93
C LEU E 259 24.02 -16.43 28.87
N SER E 260 23.27 -17.38 28.32
CA SER E 260 22.76 -18.48 29.16
C SER E 260 23.89 -19.32 29.71
N TRP E 261 24.95 -19.53 28.92
CA TRP E 261 26.10 -20.27 29.42
C TRP E 261 26.74 -19.57 30.62
N LEU E 262 26.98 -18.27 30.51
CA LEU E 262 27.55 -17.55 31.64
C LEU E 262 26.57 -17.49 32.80
N SER E 263 25.28 -17.61 32.51
CA SER E 263 24.31 -17.79 33.59
C SER E 263 24.56 -19.10 34.34
N PHE E 264 24.90 -20.17 33.61
CA PHE E 264 25.41 -21.36 34.27
C PHE E 264 26.63 -21.04 35.12
N TRP E 265 27.54 -20.22 34.59
CA TRP E 265 28.86 -20.08 35.21
C TRP E 265 28.78 -19.62 36.66
N ILE E 266 27.93 -18.64 36.96
CA ILE E 266 27.95 -18.03 38.29
C ILE E 266 27.55 -19.04 39.36
N ASN E 267 26.42 -19.72 39.15
CA ASN E 267 25.82 -20.64 40.12
C ASN E 267 25.79 -20.04 41.54
N PRO E 268 25.11 -18.90 41.74
CA PRO E 268 25.03 -18.33 43.08
C PRO E 268 23.97 -19.01 43.96
N ASP E 269 23.15 -19.89 43.38
CA ASP E 269 22.00 -20.47 44.07
C ASP E 269 21.05 -19.38 44.56
N ALA E 270 21.07 -18.23 43.90
CA ALA E 270 20.15 -17.14 44.18
C ALA E 270 19.10 -17.12 43.08
N SER E 271 17.87 -17.47 43.43
CA SER E 271 16.82 -17.62 42.42
C SER E 271 16.53 -16.31 41.71
N ALA E 272 16.44 -15.21 42.47
CA ALA E 272 16.10 -13.92 41.90
C ALA E 272 17.15 -13.43 40.90
N ALA E 273 18.35 -14.00 40.95
CA ALA E 273 19.40 -13.63 40.01
C ALA E 273 19.66 -14.69 38.94
N ARG E 274 19.19 -15.92 39.15
CA ARG E 274 19.46 -17.00 38.20
C ARG E 274 18.28 -17.31 37.29
N VAL E 275 17.04 -17.23 37.80
CA VAL E 275 15.86 -17.45 36.96
C VAL E 275 15.73 -16.39 35.86
N PRO E 276 15.86 -15.08 36.15
CA PRO E 276 15.61 -14.09 35.09
C PRO E 276 16.50 -14.23 33.88
N LEU E 277 17.72 -14.77 34.02
CA LEU E 277 18.57 -14.95 32.85
C LEU E 277 17.96 -15.95 31.88
N GLY E 278 17.55 -17.11 32.38
CA GLY E 278 16.87 -18.07 31.52
C GLY E 278 15.56 -17.56 30.97
N ILE E 279 14.81 -16.82 31.80
CA ILE E 279 13.55 -16.24 31.35
C ILE E 279 13.80 -15.30 30.18
N PHE E 280 14.79 -14.41 30.32
CA PHE E 280 15.07 -13.45 29.25
C PHE E 280 15.58 -14.16 28.00
N SER E 281 16.39 -15.20 28.17
CA SER E 281 16.87 -15.94 27.01
C SER E 281 15.69 -16.54 26.23
N VAL E 282 14.79 -17.24 26.93
CA VAL E 282 13.65 -17.86 26.26
C VAL E 282 12.77 -16.81 25.60
N LEU E 283 12.47 -15.73 26.32
CA LEU E 283 11.58 -14.71 25.78
C LEU E 283 12.20 -14.00 24.58
N SER E 284 13.49 -13.69 24.65
CA SER E 284 14.16 -13.06 23.52
C SER E 284 14.16 -13.97 22.30
N LEU E 285 14.41 -15.26 22.50
CA LEU E 285 14.36 -16.19 21.36
C LEU E 285 12.97 -16.24 20.76
N ALA E 286 11.93 -16.32 21.59
CA ALA E 286 10.57 -16.40 21.08
C ALA E 286 10.21 -15.13 20.30
N SER E 287 10.49 -13.96 20.88
CA SER E 287 10.15 -12.70 20.23
C SER E 287 10.93 -12.53 18.93
N GLU E 288 12.21 -12.88 18.93
CA GLU E 288 13.01 -12.77 17.72
C GLU E 288 12.49 -13.69 16.63
N CYS E 289 12.12 -14.92 16.99
CA CYS E 289 11.57 -15.85 16.01
C CYS E 289 10.28 -15.31 15.41
N THR E 290 9.38 -14.81 16.26
CA THR E 290 8.12 -14.27 15.75
C THR E 290 8.36 -13.08 14.83
N THR E 291 9.23 -12.15 15.25
CA THR E 291 9.47 -10.95 14.46
C THR E 291 10.11 -11.30 13.11
N LEU E 292 11.09 -12.19 13.11
CA LEU E 292 11.76 -12.54 11.85
C LEU E 292 10.92 -13.42 10.96
N ALA E 293 9.93 -14.13 11.52
CA ALA E 293 9.03 -14.92 10.70
C ALA E 293 7.78 -14.14 10.27
N ALA E 294 7.57 -12.94 10.81
CA ALA E 294 6.43 -12.13 10.44
C ALA E 294 6.56 -11.46 9.09
N GLU E 295 7.61 -11.75 8.32
CA GLU E 295 7.82 -11.15 7.01
C GLU E 295 7.76 -12.14 5.86
N LEU E 296 8.25 -13.37 6.07
CA LEU E 296 8.25 -14.36 5.01
C LEU E 296 6.84 -14.83 4.69
N PRO E 297 6.60 -15.34 3.49
CA PRO E 297 5.27 -15.86 3.16
C PRO E 297 4.92 -17.06 4.02
N LYS E 298 3.62 -17.25 4.23
CA LYS E 298 3.12 -18.27 5.16
C LYS E 298 3.19 -19.67 4.52
N VAL E 299 4.41 -20.08 4.20
CA VAL E 299 4.63 -21.43 3.72
C VAL E 299 4.52 -22.41 4.88
N SER E 300 4.13 -23.64 4.59
CA SER E 300 3.91 -24.67 5.62
C SER E 300 4.91 -25.80 5.42
N TYR E 301 6.11 -25.60 5.97
CA TYR E 301 7.14 -26.63 6.09
C TYR E 301 8.32 -26.06 6.86
N VAL E 302 9.11 -26.91 7.51
CA VAL E 302 10.22 -26.43 8.32
C VAL E 302 11.32 -25.91 7.41
N LYS E 303 11.82 -24.72 7.72
CA LYS E 303 12.94 -24.12 7.02
C LYS E 303 14.15 -24.03 7.94
N ALA E 304 15.30 -23.68 7.36
CA ALA E 304 16.54 -23.64 8.12
C ALA E 304 16.47 -22.62 9.26
N LEU E 305 15.89 -21.45 8.97
CA LEU E 305 15.78 -20.42 10.00
C LEU E 305 14.91 -20.88 11.16
N ASP E 306 13.77 -21.52 10.84
CA ASP E 306 12.90 -22.02 11.89
C ASP E 306 13.57 -23.13 12.69
N VAL E 307 14.32 -24.00 12.01
CA VAL E 307 15.02 -25.08 12.72
C VAL E 307 16.04 -24.50 13.69
N TRP E 308 16.82 -23.52 13.22
CA TRP E 308 17.82 -22.88 14.09
C TRP E 308 17.16 -22.21 15.28
N LEU E 309 16.09 -21.45 15.04
CA LEU E 309 15.43 -20.75 16.14
C LEU E 309 14.85 -21.73 17.14
N ILE E 310 14.21 -22.80 16.66
CA ILE E 310 13.63 -23.79 17.55
C ILE E 310 14.71 -24.47 18.38
N ALA E 311 15.82 -24.84 17.74
CA ALA E 311 16.88 -25.53 18.47
C ALA E 311 17.49 -24.63 19.55
N CYS E 312 17.76 -23.37 19.22
CA CYS E 312 18.35 -22.48 20.21
C CYS E 312 17.37 -22.18 21.35
N LEU E 313 16.09 -22.00 21.02
CA LEU E 313 15.09 -21.80 22.06
C LEU E 313 14.98 -23.03 22.96
N LEU E 314 15.08 -24.22 22.36
CA LEU E 314 15.08 -25.45 23.15
C LEU E 314 16.30 -25.53 24.06
N PHE E 315 17.46 -25.08 23.57
CA PHE E 315 18.64 -25.04 24.43
C PHE E 315 18.45 -24.11 25.62
N GLY E 316 17.86 -22.93 25.38
CA GLY E 316 17.57 -22.05 26.49
C GLY E 316 16.60 -22.65 27.49
N PHE E 317 15.55 -23.30 26.99
CA PHE E 317 14.59 -23.96 27.88
C PHE E 317 15.24 -25.10 28.65
N ALA E 318 16.14 -25.84 28.00
CA ALA E 318 16.87 -26.90 28.69
C ALA E 318 17.80 -26.32 29.75
N SER E 319 18.36 -25.14 29.51
CA SER E 319 19.13 -24.46 30.55
C SER E 319 18.26 -24.17 31.77
N LEU E 320 17.04 -23.66 31.52
CA LEU E 320 16.16 -23.36 32.64
C LEU E 320 15.73 -24.63 33.37
N VAL E 321 15.49 -25.72 32.62
CA VAL E 321 15.14 -26.99 33.25
C VAL E 321 16.32 -27.53 34.07
N GLU E 322 17.54 -27.32 33.59
CA GLU E 322 18.72 -27.69 34.36
C GLU E 322 18.76 -26.93 35.68
N TYR E 323 18.48 -25.63 35.64
CA TYR E 323 18.44 -24.88 36.89
C TYR E 323 17.35 -25.41 37.81
N ALA E 324 16.19 -25.75 37.25
CA ALA E 324 15.10 -26.28 38.06
C ALA E 324 15.50 -27.60 38.72
N VAL E 325 16.17 -28.48 37.99
CA VAL E 325 16.58 -29.75 38.58
C VAL E 325 17.67 -29.54 39.62
N VAL E 326 18.55 -28.55 39.42
CA VAL E 326 19.52 -28.21 40.46
C VAL E 326 18.81 -27.76 41.73
N GLN E 327 17.78 -26.92 41.58
CA GLN E 327 17.03 -26.45 42.75
C GLN E 327 16.35 -27.61 43.47
N VAL E 328 15.68 -28.49 42.73
CA VAL E 328 14.93 -29.55 43.38
C VAL E 328 15.87 -30.56 44.02
N MET E 329 17.04 -30.82 43.42
CA MET E 329 17.98 -31.74 44.03
C MET E 329 18.67 -31.12 45.24
N LEU E 330 18.87 -29.80 45.19
CA LEU E 330 19.52 -29.09 46.32
C LEU E 330 18.46 -28.70 47.35
N ASN E 331 17.19 -28.64 46.93
CA ASN E 331 16.07 -28.32 47.85
C ASN E 331 15.06 -29.49 47.82
N THR E 651 26.92 -36.49 46.35
CA THR E 651 25.93 -35.88 45.47
C THR E 651 25.52 -34.50 45.97
N ALA E 652 25.79 -33.48 45.16
CA ALA E 652 25.47 -32.11 45.51
C ALA E 652 25.27 -31.31 44.25
N ALA E 653 24.78 -30.08 44.41
CA ALA E 653 24.51 -29.22 43.25
C ALA E 653 25.79 -28.84 42.52
N LYS E 654 26.92 -28.87 43.20
CA LYS E 654 28.19 -28.53 42.55
C LYS E 654 28.52 -29.50 41.42
N ARG E 655 28.30 -30.80 41.66
CA ARG E 655 28.62 -31.79 40.63
C ARG E 655 27.76 -31.59 39.38
N ILE E 656 26.45 -31.41 39.57
CA ILE E 656 25.57 -31.26 38.42
C ILE E 656 25.83 -29.95 37.69
N ASP E 657 26.12 -28.89 38.44
CA ASP E 657 26.44 -27.62 37.79
C ASP E 657 27.74 -27.72 37.00
N LEU E 658 28.75 -28.41 37.54
CA LEU E 658 30.00 -28.60 36.80
C LEU E 658 29.76 -29.41 35.54
N TYR E 659 28.94 -30.47 35.63
CA TYR E 659 28.61 -31.25 34.45
C TYR E 659 27.92 -30.41 33.39
N ALA E 660 26.95 -29.58 33.79
CA ALA E 660 26.25 -28.73 32.85
C ALA E 660 27.19 -27.75 32.18
N ARG E 661 28.02 -27.07 32.98
CA ARG E 661 28.97 -26.11 32.43
C ARG E 661 29.95 -26.80 31.48
N ALA E 662 30.26 -28.07 31.72
CA ALA E 662 31.12 -28.81 30.81
C ALA E 662 30.41 -29.23 29.53
N LEU E 663 29.13 -29.60 29.61
CA LEU E 663 28.49 -30.30 28.49
C LEU E 663 27.65 -29.41 27.58
N PHE E 664 26.97 -28.38 28.09
CA PHE E 664 26.18 -27.54 27.17
C PHE E 664 27.01 -26.85 26.09
N PRO E 665 28.16 -26.24 26.37
CA PRO E 665 28.96 -25.71 25.26
C PRO E 665 29.34 -26.76 24.24
N PHE E 666 29.70 -27.96 24.71
CA PHE E 666 30.07 -29.04 23.79
C PHE E 666 28.87 -29.47 22.94
N CYS E 667 27.70 -29.63 23.58
CA CYS E 667 26.51 -30.04 22.83
C CYS E 667 26.11 -28.99 21.81
N PHE E 668 26.19 -27.71 22.19
CA PHE E 668 25.85 -26.65 21.25
C PHE E 668 26.82 -26.61 20.08
N LEU E 669 28.13 -26.79 20.35
CA LEU E 669 29.09 -26.82 19.25
C LEU E 669 28.83 -27.99 18.33
N PHE E 670 28.50 -29.16 18.90
CA PHE E 670 28.18 -30.34 18.09
C PHE E 670 26.97 -30.07 17.21
N PHE E 671 25.91 -29.49 17.78
CA PHE E 671 24.73 -29.17 16.99
C PHE E 671 25.04 -28.17 15.90
N ASN E 672 25.86 -27.16 16.22
CA ASN E 672 26.20 -26.15 15.22
C ASN E 672 26.96 -26.77 14.05
N VAL E 673 27.92 -27.65 14.36
CA VAL E 673 28.67 -28.31 13.29
C VAL E 673 27.74 -29.15 12.42
N ILE E 674 26.86 -29.93 13.06
CA ILE E 674 25.93 -30.76 12.29
C ILE E 674 25.03 -29.90 11.42
N TYR E 675 24.50 -28.80 11.97
CA TYR E 675 23.58 -27.95 11.23
C TYR E 675 24.27 -27.32 10.03
N TRP E 676 25.45 -26.73 10.24
CA TRP E 676 26.14 -26.08 9.12
C TRP E 676 26.57 -27.10 8.07
N SER E 677 27.04 -28.27 8.49
CA SER E 677 27.43 -29.29 7.52
C SER E 677 26.23 -29.78 6.72
N ILE E 678 25.08 -29.96 7.35
CA ILE E 678 23.91 -30.44 6.63
C ILE E 678 23.38 -29.38 5.67
N TYR E 679 23.28 -28.13 6.12
CA TYR E 679 22.66 -27.09 5.32
C TYR E 679 23.64 -26.31 4.44
N LEU E 680 24.90 -26.71 4.42
CA LEU E 680 25.87 -26.11 3.50
C LEU E 680 26.53 -27.18 2.64
N GLY F . 17.67 1.00 -28.50
CA GLY F . 16.69 -0.05 -28.86
C GLY F . 17.37 -1.36 -29.16
O GLY F . 16.72 -2.38 -28.91
OXT GLY F . 18.50 -1.37 -29.63
C1 NAG G . 24.58 18.33 -35.09
C2 NAG G . 25.33 17.03 -35.32
C3 NAG G . 26.28 17.19 -36.50
C4 NAG G . 25.50 17.69 -37.70
C5 NAG G . 24.75 18.97 -37.38
C6 NAG G . 23.89 19.38 -38.56
C7 NAG G . 27.10 15.97 -34.00
C8 NAG G . 28.27 16.64 -33.35
N2 NAG G . 26.00 16.70 -34.07
O3 NAG G . 26.87 15.94 -36.84
O4 NAG G . 26.42 17.95 -38.76
O5 NAG G . 23.90 18.77 -36.26
O6 NAG G . 22.83 18.43 -38.74
O7 NAG G . 27.15 14.83 -34.42
C1 DD9 H . 30.22 11.49 22.97
C2 DD9 H . 30.78 12.25 21.78
C3 DD9 H . 29.76 12.53 20.71
C4 DD9 H . 30.31 13.28 19.52
C5 DD9 H . 29.29 13.56 18.44
C6 DD9 H . 29.83 14.31 17.25
C7 DD9 H . 28.81 14.59 16.18
C8 DD9 H . 29.35 15.34 14.98
C9 DD9 H . 28.34 15.64 13.90
H1 DD9 H . 30.92 11.35 23.63
H1A DD9 H . 29.87 10.64 22.67
H1B DD9 H . 29.50 12.02 23.37
H2 DD9 H . 31.52 11.72 21.40
H2A DD9 H . 31.15 13.10 22.09
H3 DD9 H . 29.03 13.05 21.10
H3A DD9 H . 29.39 11.68 20.40
H4 DD9 H . 31.04 12.77 19.13
H4A DD9 H . 30.68 14.14 19.83
H5 DD9 H . 28.55 14.08 18.83
H5A DD9 H . 28.91 12.71 18.13
H6 DD9 H . 30.57 13.80 16.87
H6A DD9 H . 30.20 15.17 17.56
H7 DD9 H . 28.08 15.12 16.57
H7A DD9 H . 28.44 13.75 15.87
H8 DD9 H . 30.09 14.82 14.60
H8A DD9 H . 29.73 16.20 15.30
H9 DD9 H . 28.27 16.59 13.77
H9A DD9 H . 27.47 15.28 14.14
H9B DD9 H . 28.64 15.23 13.07
C20 HP6 I . 34.48 16.68 13.53
C21 HP6 I . 34.77 15.42 14.31
C22 HP6 I . 34.89 15.63 15.79
C23 HP6 I . 35.18 14.37 16.58
C24 HP6 I . 35.29 14.59 18.07
C25 HP6 I . 35.58 13.34 18.85
C26 HP6 I . 35.71 13.54 20.35
H201 HP6 I . 34.42 16.47 12.58
H202 HP6 I . 35.21 17.32 13.67
H203 HP6 I . 33.64 17.07 13.84
H211 HP6 I . 35.61 15.03 13.97
H212 HP6 I . 34.05 14.77 14.13
H221 HP6 I . 34.06 16.03 16.12
H222 HP6 I . 35.62 16.28 15.96
H231 HP6 I . 36.01 13.98 16.25
H232 HP6 I . 34.45 13.72 16.41
H241 HP6 I . 34.46 14.98 18.39
H242 HP6 I . 36.02 15.24 18.23
H251 HP6 I . 36.41 12.94 18.53
H252 HP6 I . 34.86 12.70 18.70
H261 HP6 I . 35.03 13.00 20.81
H262 HP6 I . 35.58 14.48 20.58
H263 HP6 I . 36.59 13.26 20.64
C1 HEX J . 30.95 10.20 32.75
C2 HEX J . 32.22 9.60 33.32
C3 HEX J . 32.11 9.23 34.77
C4 HEX J . 33.37 8.64 35.37
C5 HEX J . 33.25 8.28 36.83
C6 HEX J . 34.50 7.68 37.43
H11 HEX J . 31.09 10.41 31.81
H12 HEX J . 30.72 11.00 33.24
H13 HEX J . 30.22 9.55 32.83
H21 HEX J . 32.95 10.25 33.21
H22 HEX J . 32.45 8.80 32.81
H31 HEX J . 31.37 8.59 34.88
H32 HEX J . 31.87 10.04 35.29
H41 HEX J . 34.10 9.29 35.26
H42 HEX J . 33.61 7.84 34.86
H51 HEX J . 32.52 7.63 36.93
H52 HEX J . 33.01 9.08 37.33
H61 HEX J . 34.80 8.23 38.17
H62 HEX J . 35.21 7.62 36.76
H63 HEX J . 34.31 6.78 37.76
C20 HP6 K . 27.57 7.24 36.32
C21 HP6 K . 27.53 6.97 37.81
C22 HP6 K . 28.23 8.02 38.64
C23 HP6 K . 28.19 7.77 40.12
C24 HP6 K . 28.91 8.81 40.95
C25 HP6 K . 28.87 8.58 42.43
C26 HP6 K . 29.58 9.62 43.27
H201 HP6 K . 27.10 6.53 35.86
H202 HP6 K . 28.50 7.26 36.03
H203 HP6 K . 27.14 8.09 36.14
H211 HP6 K . 27.94 6.10 38.00
H212 HP6 K . 26.59 6.92 38.10
H221 HP6 K . 27.82 8.89 38.46
H222 HP6 K . 29.17 8.07 38.35
H231 HP6 K . 28.61 6.90 40.31
H232 HP6 K . 27.26 7.73 40.41
H241 HP6 K . 28.50 9.69 40.76
H242 HP6 K . 29.84 8.86 40.66
H251 HP6 K . 29.27 7.70 42.62
H252 HP6 K . 27.93 8.53 42.72
H261 HP6 K . 28.94 10.02 43.89
H262 HP6 K . 29.95 10.31 42.70
H263 HP6 K . 30.29 9.20 43.78
C20 HP6 L . 36.00 -0.03 8.32
C21 HP6 L . 36.22 -0.78 9.60
C22 HP6 L . 36.40 0.10 10.81
C23 HP6 L . 36.62 -0.64 12.10
C24 HP6 L . 36.81 0.25 13.31
C25 HP6 L . 37.02 -0.49 14.60
C26 HP6 L . 37.22 0.39 15.83
H201 HP6 L . 35.89 -0.66 7.59
H202 HP6 L . 36.76 0.54 8.14
H203 HP6 L . 35.20 0.52 8.40
H211 HP6 L . 37.02 -1.35 9.50
H212 HP6 L . 35.45 -1.38 9.76
H221 HP6 L . 35.61 0.66 10.91
H222 HP6 L . 37.17 0.69 10.65
H231 HP6 L . 37.43 -1.21 12.01
H232 HP6 L . 35.86 -1.23 12.26
H241 HP6 L . 36.01 0.82 13.40
H242 HP6 L . 37.57 0.84 13.14
H251 HP6 L . 37.83 -1.06 14.50
H252 HP6 L . 36.26 -1.08 14.76
H261 HP6 L . 36.52 0.19 16.48
H262 HP6 L . 37.15 1.33 15.57
H263 HP6 L . 38.08 0.23 16.21
C1 HEX M . 34.44 -6.06 9.62
C2 HEX M . 34.56 -6.63 11.02
C3 HEX M . 34.11 -5.69 12.10
C4 HEX M . 34.22 -6.24 13.50
C5 HEX M . 33.76 -5.30 14.58
C6 HEX M . 33.87 -5.84 15.99
H11 HEX M . 34.74 -6.72 8.98
H12 HEX M . 34.98 -5.26 9.55
H13 HEX M . 33.51 -5.84 9.44
H21 HEX M . 35.50 -6.87 11.19
H22 HEX M . 34.02 -7.46 11.07
H31 HEX M . 33.16 -5.45 11.93
H32 HEX M . 34.64 -4.86 12.05
H41 HEX M . 35.16 -6.48 13.66
H42 HEX M . 33.69 -7.06 13.56
H51 HEX M . 32.82 -5.06 14.41
H52 HEX M . 34.29 -4.47 14.52
H61 HEX M . 34.46 -5.27 16.51
H62 HEX M . 34.24 -6.74 15.97
H63 HEX M . 32.99 -5.85 16.40
C1 HEX N . 36.88 -3.41 26.88
C2 HEX N . 37.84 -4.17 27.77
C3 HEX N . 37.51 -4.07 29.24
C4 HEX N . 38.48 -4.82 30.13
C5 HEX N . 38.15 -4.71 31.61
C6 HEX N . 39.09 -5.47 32.53
H11 HEX N . 37.14 -3.52 25.95
H12 HEX N . 36.89 -2.47 27.12
H13 HEX N . 35.98 -3.76 27.00
H21 HEX N . 38.75 -3.82 27.62
H22 HEX N . 37.84 -5.12 27.50
H31 HEX N . 36.62 -4.41 29.39
H32 HEX N . 37.52 -3.12 29.50
H41 HEX N . 39.38 -4.47 29.99
H42 HEX N . 38.47 -5.77 29.88
H51 HEX N . 37.24 -5.07 31.75
H52 HEX N . 38.15 -3.76 31.86
H61 HEX N . 39.51 -4.83 33.14
H62 HEX N . 39.79 -5.90 32.01
H63 HEX N . 38.60 -6.13 33.03
C1 HEX O . 35.53 -9.63 31.46
C2 HEX O . 36.89 -10.22 31.76
C3 HEX O . 36.95 -10.93 33.08
C4 HEX O . 38.30 -11.52 33.40
C5 HEX O . 38.37 -12.24 34.73
C6 HEX O . 39.72 -12.84 35.07
H11 HEX O . 35.55 -9.19 30.58
H12 HEX O . 35.29 -8.99 32.14
H13 HEX O . 34.86 -10.35 31.43
H21 HEX O . 37.55 -9.50 31.76
H22 HEX O . 37.13 -10.85 31.05
H31 HEX O . 36.29 -11.65 33.08
H32 HEX O . 36.71 -10.31 33.79
H41 HEX O . 38.97 -10.80 33.40
H42 HEX O . 38.54 -12.16 32.69
H51 HEX O . 37.70 -12.96 34.72
H52 HEX O . 38.12 -11.61 35.44
H61 HEX O . 40.05 -12.45 35.90
H62 HEX O . 40.36 -12.66 34.35
H63 HEX O . 39.63 -13.80 35.18
C1 HEX P . 34.58 -17.18 34.01
C2 HEX P . 35.98 -17.77 34.09
C3 HEX P . 36.46 -17.97 35.50
C4 HEX P . 37.85 -18.55 35.60
C5 HEX P . 38.35 -18.75 37.02
C6 HEX P . 39.74 -19.33 37.13
H11 HEX P . 34.33 -17.08 33.07
H12 HEX P . 34.57 -16.31 34.45
H13 HEX P . 33.95 -17.78 34.45
H21 HEX P . 36.60 -17.17 33.63
H22 HEX P . 35.98 -18.63 33.63
H31 HEX P . 35.84 -18.56 35.97
H32 HEX P . 36.45 -17.10 35.97
H41 HEX P . 38.48 -17.96 35.14
H42 HEX P . 37.86 -19.41 35.14
H51 HEX P . 37.71 -19.34 37.48
H52 HEX P . 38.33 -17.88 37.47
H61 HEX P . 40.31 -18.71 37.62
H62 HEX P . 40.11 -19.50 36.26
H63 HEX P . 39.69 -20.18 37.63
C1 UND Q . 18.52 15.18 23.72
C2 UND Q . 19.29 15.90 22.62
C3 UND Q . 18.65 17.19 22.18
C4 UND Q . 19.46 17.97 21.17
C5 UND Q . 19.51 17.37 19.80
C6 UND Q . 20.20 18.21 18.77
C7 UND Q . 20.25 17.61 17.39
C8 UND Q . 21.06 18.39 16.39
C9 UND Q . 20.41 19.69 15.95
C10 UND Q . 21.16 20.42 14.86
C11 UND Q . 20.55 21.73 14.42
H11 UND Q . 18.99 14.36 23.95
H12 UND Q . 17.62 14.97 23.40
H13 UND Q . 18.47 15.76 24.50
H21 UND Q . 19.36 15.29 21.84
H22 UND Q . 20.20 16.08 22.93
H31 UND Q . 18.49 17.75 22.97
H32 UND Q . 17.78 16.99 21.78
H41 UND Q . 20.37 18.05 21.52
H42 UND Q . 19.08 18.88 21.11
H51 UND Q . 18.58 17.20 19.50
H52 UND Q . 19.96 16.49 19.86
H61 UND Q . 21.13 18.38 19.07
H62 UND Q . 19.74 19.08 18.72
H71 UND Q . 19.33 17.52 17.05
H72 UND Q . 20.62 16.70 17.46
H81 UND Q . 21.21 17.84 15.60
H82 UND Q . 21.93 18.60 16.79
H91 UND Q . 20.35 20.29 16.73
H92 UND Q . 19.51 19.50 15.64
H101 UND Q . 21.22 19.82 14.08
H102 UND Q . 22.08 20.59 15.17
H111 UND Q . 21.17 22.45 14.57
H112 UND Q . 19.73 21.90 14.94
H113 UND Q . 20.33 21.68 13.48
N GLY R . -28.05 -5.36 -15.36
CA GLY R . -27.98 -4.46 -14.16
C GLY R . -29.34 -3.87 -13.79
O GLY R . -30.26 -4.60 -13.42
OXT GLY R . -29.55 -2.67 -13.84
C1 NAG S . -30.33 -22.55 -27.36
C2 NAG S . -30.73 -22.69 -28.81
C3 NAG S . -32.24 -22.54 -28.92
C4 NAG S . -33.01 -23.24 -27.79
C5 NAG S . -32.30 -23.27 -26.44
C6 NAG S . -32.87 -24.33 -25.51
C7 NAG S . -30.44 -21.32 -30.81
C8 NAG S . -30.02 -22.22 -31.92
N2 NAG S . -30.04 -21.68 -29.60
O3 NAG S . -32.68 -23.10 -30.15
O4 NAG S . -34.25 -22.56 -27.64
O5 NAG S . -30.93 -23.60 -26.63
O6 NAG S . -33.17 -25.51 -26.26
O7 NAG S . -31.10 -20.31 -31.00
C1 UND T . 1.05 -31.61 23.05
C2 UND T . 0.98 -31.95 21.58
C3 UND T . 0.39 -30.86 20.73
C4 UND T . 0.42 -31.13 19.25
C5 UND T . -0.54 -32.20 18.80
C6 UND T . -0.59 -32.38 17.30
C7 UND T . -1.54 -33.46 16.84
C8 UND T . -1.51 -33.72 15.35
C9 UND T . -2.10 -32.63 14.51
C10 UND T . -2.19 -32.96 13.02
C11 UND T . -2.76 -31.86 12.16
H11 UND T . 1.45 -32.35 23.54
H12 UND T . 0.16 -31.44 23.39
H13 UND T . 1.61 -30.82 23.17
H21 UND T . 0.45 -32.77 21.47
H22 UND T . 1.89 -32.15 21.26
H31 UND T . 0.87 -30.02 20.91
H32 UND T . -0.54 -30.73 21.01
H41 UND T . 1.34 -31.40 19.01
H42 UND T . 0.22 -30.30 18.78
H51 UND T . -1.43 -31.98 19.11
H52 UND T . -0.28 -33.05 19.20
H61 UND T . 0.31 -32.60 16.97
H62 UND T . -0.85 -31.53 16.88
H71 UND T . -2.46 -33.19 17.08
H72 UND T . -1.34 -34.29 17.32
H81 UND T . -1.99 -34.56 15.17
H82 UND T . -0.58 -33.86 15.08
H91 UND T . -1.56 -31.82 14.61
H92 UND T . -3.01 -32.44 14.83
H101 UND T . -2.73 -33.77 12.92
H102 UND T . -1.28 -33.17 12.71
H111 UND T . -2.10 -31.59 11.50
H112 UND T . -3.00 -31.09 12.71
H113 UND T . -3.55 -32.19 11.71
C1 UND U . -2.94 -35.97 22.29
C2 UND U . -3.28 -36.58 20.95
C3 UND U . -3.21 -35.59 19.81
C4 UND U . -3.41 -36.20 18.45
C5 UND U . -4.83 -36.65 18.17
C6 UND U . -5.06 -37.13 16.77
C7 UND U . -6.48 -37.58 16.49
C8 UND U . -6.68 -38.19 15.12
C9 UND U . -6.61 -37.21 13.98
C10 UND U . -6.94 -37.79 12.63
C11 UND U . -6.87 -36.81 11.47
H11 UND U . -3.01 -36.66 22.98
H12 UND U . -3.57 -35.26 22.49
H13 UND U . -2.04 -35.61 22.28
H21 UND U . -4.18 -36.96 20.99
H22 UND U . -2.65 -37.31 20.77
H31 UND U . -2.35 -35.14 19.83
H32 UND U . -3.90 -34.90 19.96
H41 UND U . -2.82 -36.97 18.36
H42 UND U . -3.15 -35.55 17.77
H51 UND U . -5.44 -35.90 18.35
H52 UND U . -5.06 -37.37 18.79
H61 UND U . -4.46 -37.88 16.58
H62 UND U . -4.83 -36.41 16.13
H71 UND U . -7.07 -36.80 16.57
H72 UND U . -6.74 -38.24 17.16
H81 UND U . -7.55 -38.64 15.10
H82 UND U . -5.99 -38.87 14.98
H91 UND U . -5.70 -36.82 13.94
H92 UND U . -7.24 -36.47 14.17
H101 UND U . -7.86 -38.16 12.67
H102 UND U . -6.33 -38.54 12.45
H111 UND U . -6.21 -37.13 10.82
H112 UND U . -6.61 -35.93 11.80
H113 UND U . -7.73 -36.75 11.04
C1 DD9 V . -12.83 -27.72 27.04
C2 DD9 V . -12.80 -27.07 25.68
C3 DD9 V . -14.17 -26.81 25.10
C4 DD9 V . -14.14 -26.16 23.73
C5 DD9 V . -15.51 -25.90 23.15
C6 DD9 V . -15.50 -25.25 21.79
C7 DD9 V . -16.87 -24.99 21.22
C8 DD9 V . -16.86 -24.34 19.85
C9 DD9 V . -18.22 -24.07 19.26
H1 DD9 V . -11.93 -27.87 27.36
H1A DD9 V . -13.30 -28.57 26.98
H1B DD9 V . -13.30 -27.14 27.66
H2 DD9 V . -12.31 -27.66 25.06
H2A DD9 V . -12.31 -26.22 25.75
H3 DD9 V . -14.66 -26.23 25.71
H3A DD9 V . -14.65 -27.65 25.04
H4 DD9 V . -13.65 -26.74 23.12
H4A DD9 V . -13.66 -25.31 23.80
H5 DD9 V . -16.01 -25.32 23.77
H5A DD9 V . -16.00 -26.74 23.10
H6 DD9 V . -15.01 -25.83 21.18
H6A DD9 V . -15.02 -24.40 21.86
H7 DD9 V . -17.36 -24.41 21.84
H7A DD9 V . -17.35 -25.84 21.16
H8 DD9 V . -16.36 -24.92 19.24
H8A DD9 V . -16.37 -23.49 19.92
H9 DD9 V . -18.33 -23.11 19.10
H9A DD9 V . -18.92 -24.37 19.88
H9B DD9 V . -18.31 -24.55 18.42
C20 HP6 W . -20.39 -19.74 22.78
C21 HP6 W . -19.38 -20.84 23.00
C22 HP6 W . -18.48 -20.61 24.19
C23 HP6 W . -17.47 -21.70 24.42
C24 HP6 W . -16.57 -21.48 25.61
C25 HP6 W . -15.57 -22.57 25.85
C26 HP6 W . -14.65 -22.36 27.04
H201 HP6 W . -20.94 -19.94 22.01
H202 HP6 W . -19.93 -18.89 22.64
H203 HP6 W . -20.96 -19.66 23.56
H211 HP6 W . -18.82 -20.92 22.20
H212 HP6 W . -19.86 -21.69 23.12
H221 HP6 W . -19.04 -20.52 24.99
H222 HP6 W . -18.00 -19.76 24.06
H231 HP6 W . -16.91 -21.80 23.62
H232 HP6 W . -17.95 -22.55 24.54
H241 HP6 W . -17.13 -21.39 26.41
H242 HP6 W . -16.10 -20.63 25.49
H251 HP6 W . -15.00 -22.66 25.04
H252 HP6 W . -16.04 -23.42 25.97
H261 HP6 W . -14.75 -23.09 27.67
H262 HP6 W . -14.88 -21.52 27.48
H263 HP6 W . -13.72 -22.33 26.74
C1 HEX X . -6.39 -26.01 36.08
C2 HEX X . -5.66 -26.95 37.02
C3 HEX X . -6.36 -27.12 38.34
C4 HEX X . -5.64 -28.05 39.30
C5 HEX X . -6.34 -28.23 40.62
C6 HEX X . -5.64 -29.16 41.60
H11 HEX X . -5.90 -25.94 35.24
H12 HEX X . -6.47 -25.13 36.48
H13 HEX X . -7.28 -26.37 35.89
H21 HEX X . -4.76 -26.59 37.17
H22 HEX X . -5.57 -27.82 36.58
H31 HEX X . -7.26 -27.47 38.18
H32 HEX X . -6.45 -26.24 38.76
H41 HEX X . -4.74 -27.69 39.46
H42 HEX X . -5.55 -28.93 38.86
H51 HEX X . -7.24 -28.58 40.46
H52 HEX X . -6.44 -27.35 41.05
H61 HEX X . -5.41 -28.67 42.40
H62 HEX X . -4.82 -29.50 41.19
H63 HEX X . -6.23 -29.91 41.81
C1 NBU Y . -7.48 -23.42 40.58
C2 NBU Y . -6.99 -22.04 40.95
C3 NBU Y . -6.11 -22.02 42.17
C4 NBU Y . -6.80 -22.29 43.49
H11 NBU Y . -8.04 -23.37 39.78
H12 NBU Y . -8.00 -23.79 41.31
H13 NBU Y . -6.72 -24.00 40.39
H21 NBU Y . -7.77 -21.46 41.11
H22 NBU Y . -6.49 -21.67 40.19
H31 NBU Y . -5.68 -21.13 42.21
H32 NBU Y . -5.39 -22.68 42.04
H41 NBU Y . -6.41 -23.09 43.89
H42 NBU Y . -7.75 -22.44 43.33
H43 NBU Y . -6.69 -21.53 44.08
C1 DD9 Z . 14.41 -35.87 40.09
C2 DD9 Z . 14.56 -34.85 39.00
C3 DD9 Z . 13.25 -34.31 38.49
C4 DD9 Z . 13.39 -33.28 37.39
C5 DD9 Z . 12.08 -32.73 36.89
C6 DD9 Z . 12.20 -31.71 35.79
C7 DD9 Z . 10.90 -31.16 35.29
C8 DD9 Z . 11.02 -30.13 34.19
C9 DD9 Z . 9.72 -29.58 33.67
H1 DD9 Z . 15.28 -36.19 40.37
H1A DD9 Z . 13.89 -36.63 39.76
H1B DD9 Z . 13.95 -35.47 40.85
H2 DD9 Z . 15.05 -35.26 38.25
H2A DD9 Z . 15.10 -34.10 39.34
H3 DD9 Z . 12.76 -33.90 39.24
H3A DD9 Z . 12.71 -35.06 38.16
H4 DD9 Z . 13.87 -33.68 36.64
H4A DD9 Z . 13.93 -32.53 37.73
H5 DD9 Z . 11.59 -32.33 37.64
H5A DD9 Z . 11.53 -33.48 36.55
H6 DD9 Z . 12.70 -32.10 35.04
H6A DD9 Z . 12.75 -30.96 36.13
H7 DD9 Z . 10.41 -30.76 36.03
H7A DD9 Z . 10.36 -31.91 34.95
H8 DD9 Z . 11.52 -30.54 33.44
H8A DD9 Z . 11.57 -29.39 34.53
H9 DD9 Z . 9.69 -28.62 33.81
H9A DD9 Z . 8.97 -29.99 34.14
H9B DD9 Z . 9.64 -29.76 32.72
C1 NBU AA . -19.16 -31.55 22.87
C2 NBU AA . -18.73 -30.37 23.72
C3 NBU AA . -17.60 -30.67 24.66
C4 NBU AA . -17.94 -31.57 25.83
H11 NBU AA . -19.89 -31.28 22.29
H12 NBU AA . -19.46 -32.27 23.46
H13 NBU AA . -18.41 -31.86 22.34
H21 NBU AA . -19.50 -30.05 24.24
H22 NBU AA . -18.45 -29.65 23.12
H31 NBU AA . -17.25 -29.82 25.01
H32 NBU AA . -16.87 -31.09 24.14
H41 NBU AA . -17.40 -32.38 25.80
H42 NBU AA . -18.89 -31.82 25.79
H43 NBU AA . -17.76 -31.10 26.66
C1 UND BA . 9.55 -28.80 18.13
C2 UND BA . 9.26 -29.17 16.70
C3 UND BA . 8.54 -28.09 15.93
C4 UND BA . 8.36 -28.39 14.46
C5 UND BA . 7.36 -29.47 14.16
C6 UND BA . 7.08 -29.68 12.70
C7 UND BA . 6.08 -30.77 12.39
C8 UND BA . 5.91 -31.07 10.93
C9 UND BA . 5.18 -29.98 10.16
C10 UND BA . 4.89 -30.34 8.72
C11 UND BA . 4.17 -29.26 7.93
H11 UND BA . 10.01 -29.53 18.58
H12 UND BA . 8.71 -28.62 18.60
H13 UND BA . 10.10 -28.00 18.16
H21 UND BA . 8.73 -29.99 16.68
H22 UND BA . 10.11 -29.36 16.25
H31 UND BA . 9.04 -27.25 16.02
H32 UND BA . 7.65 -27.96 16.34
H41 UND BA . 9.23 -28.66 14.09
H42 UND BA . 8.09 -27.57 14.01
H51 UND BA . 6.51 -29.25 14.61
H52 UND BA . 7.68 -30.32 14.54
H61 UND BA . 7.93 -29.91 12.25
H62 UND BA . 6.76 -28.84 12.32
H71 UND BA . 5.21 -30.51 12.77
H72 UND BA . 6.36 -31.59 12.86
H81 UND BA . 5.41 -31.91 10.84
H82 UND BA . 6.79 -31.20 10.53
H91 UND BA . 5.73 -29.18 10.17
H92 UND BA . 4.34 -29.79 10.62
H101 UND BA . 4.33 -31.15 8.71
H102 UND BA . 5.74 -30.56 8.27
H111 UND BA . 4.73 -29.00 7.17
H112 UND BA . 4.02 -28.49 8.50
H113 UND BA . 3.33 -29.60 7.60
C1 UND CA . 6.53 -30.51 21.97
C2 UND CA . 6.50 -31.24 20.65
C3 UND CA . 5.82 -30.47 19.55
C4 UND CA . 5.89 -31.14 18.20
C5 UND CA . 5.02 -32.36 18.06
C6 UND CA . 4.99 -32.95 16.68
C7 UND CA . 4.12 -34.19 16.54
C8 UND CA . 4.18 -34.84 15.19
C9 UND CA . 3.50 -34.07 14.09
C10 UND CA . 3.45 -34.80 12.76
C11 UND CA . 2.80 -34.02 11.63
H11 UND CA . 6.99 -31.05 22.64
H12 UND CA . 5.62 -30.32 22.26
H13 UND CA . 7.03 -29.67 21.86
H21 UND CA . 6.02 -32.10 20.78
H22 UND CA . 7.42 -31.45 20.37
H31 UND CA . 6.23 -29.59 19.49
H32 UND CA . 4.88 -30.35 19.79
H41 UND CA . 6.82 -31.39 18.02
H42 UND CA . 5.61 -30.49 17.51
H51 UND CA . 4.10 -32.13 18.33
H52 UND CA . 5.34 -33.05 18.69
H61 UND CA . 5.89 -33.19 16.41
H62 UND CA . 4.66 -32.27 16.06
H71 UND CA . 3.19 -33.93 16.72
H72 UND CA . 4.38 -34.83 17.23
H81 UND CA . 3.77 -35.73 15.25
H82 UND CA . 5.12 -34.97 14.95
H91 UND CA . 3.98 -33.22 13.96
H92 UND CA . 2.59 -33.86 14.36
H101 UND CA . 2.98 -35.64 12.88
H102 UND CA . 4.38 -35.02 12.49
H111 UND CA . 3.43 -33.90 10.91
H112 UND CA . 2.49 -33.16 11.95
H113 UND CA . 2.03 -34.53 11.30
C1 D10 DA . -17.08 -16.95 25.50
C2 D10 DA . -18.39 -16.39 24.96
C3 D10 DA . -18.20 -15.38 23.87
C4 D10 DA . -19.49 -14.87 23.27
C5 D10 DA . -19.31 -13.91 22.12
C6 D10 DA . -20.58 -13.22 21.65
C7 D10 DA . -21.66 -14.14 21.11
C8 D10 DA . -21.27 -14.92 19.86
C9 D10 DA . -22.41 -15.65 19.21
C10 D10 DA . -22.02 -16.50 18.01
H11 D10 DA . -17.28 -17.58 26.23
H12 D10 DA . -16.54 -16.21 25.85
H13 D10 DA . -16.61 -17.40 24.79
H21 D10 DA . -18.88 -15.97 25.70
H22 D10 DA . -18.93 -17.14 24.62
H31 D10 DA . -17.67 -15.79 23.15
H32 D10 DA . -17.69 -14.62 24.22
H41 D10 DA . -20.01 -14.42 23.97
H42 D10 DA . -20.02 -15.64 22.96
H51 D10 DA . -18.91 -14.39 21.37
H52 D10 DA . -18.67 -13.22 22.40
H61 D10 DA . -20.34 -12.57 20.96
H62 D10 DA . -20.95 -12.72 22.41
H71 D10 DA . -22.44 -13.59 20.89
H72 D10 DA . -21.92 -14.77 21.81
H81 D10 DA . -20.58 -15.57 20.12
H82 D10 DA . -20.88 -14.30 19.22
H91 D10 DA . -23.08 -15.00 18.92
H92 D10 DA . -22.84 -16.23 19.88
H101 D10 DA . -22.18 -17.44 18.21
H102 D10 DA . -21.07 -16.38 17.81
H103 D10 DA . -22.55 -16.24 17.25
C1 DD9 EA . -19.80 -12.79 33.38
C2 DD9 EA . -19.64 -12.67 31.88
C3 DD9 EA . -20.91 -12.86 31.11
C4 DD9 EA . -20.77 -12.75 29.62
C5 DD9 EA . -22.06 -12.93 28.85
C6 DD9 EA . -21.90 -12.81 27.36
C7 DD9 EA . -23.20 -13.00 26.59
C8 DD9 EA . -23.05 -12.88 25.09
C9 DD9 EA . -24.33 -13.07 24.30
H1 DD9 EA . -18.94 -12.67 33.81
H1A DD9 EA . -20.14 -13.68 33.60
H1B DD9 EA . -20.42 -12.12 33.69
H2 DD9 EA . -18.98 -13.34 31.58
H2A DD9 EA . -19.27 -11.78 31.67
H3 DD9 EA . -21.56 -12.19 31.42
H3A DD9 EA . -21.28 -13.75 31.32
H4 DD9 EA . -20.12 -13.41 29.30
H4A DD9 EA . -20.40 -11.86 29.41
H5 DD9 EA . -22.71 -12.27 29.16
H5A DD9 EA . -22.41 -13.82 29.06
H6 DD9 EA . -21.26 -13.48 27.05
H6A DD9 EA . -21.55 -11.93 27.14
H7 DD9 EA . -23.84 -12.33 26.90
H7A DD9 EA . -23.56 -13.89 26.80
H8 DD9 EA . -22.40 -13.56 24.78
H8A DD9 EA . -22.68 -11.99 24.88
H9 DD9 EA . -24.53 -12.26 23.80
H9A DD9 EA . -25.07 -13.25 24.91
H9B DD9 EA . -24.24 -13.82 23.69
N GLY FA . -20.08 21.40 -9.92
CA GLY FA . -21.29 22.29 -9.95
C GLY FA . -21.29 23.24 -11.14
O GLY FA . -21.34 22.83 -12.28
OXT GLY FA . -21.24 24.46 -10.96
C1 NAG GA . -41.84 15.59 -13.95
C2 NAG GA . -41.62 16.96 -13.31
C3 NAG GA . -42.55 18.01 -13.89
C4 NAG GA . -42.38 18.08 -15.39
C5 NAG GA . -42.58 16.69 -15.99
C6 NAG GA . -42.27 16.69 -17.48
C7 NAG GA . -42.76 16.25 -11.25
C8 NAG GA . -43.86 17.13 -10.73
N2 NAG GA . -41.76 16.88 -11.86
O3 NAG GA . -42.25 19.28 -13.31
O4 NAG GA . -43.34 19.00 -15.91
O5 NAG GA . -41.71 15.76 -15.37
O6 NAG GA . -42.94 17.75 -18.14
O7 NAG GA . -42.79 15.04 -11.12
C1 HEX HA . -24.74 -7.05 25.98
C2 HEX HA . -23.45 -7.16 26.77
C3 HEX HA . -23.66 -7.30 28.25
C4 HEX HA . -22.38 -7.42 29.04
C5 HEX HA . -22.58 -7.56 30.53
C6 HEX HA . -21.32 -7.68 31.34
H11 HEX HA . -24.54 -6.96 25.03
H12 HEX HA . -25.24 -6.27 26.28
H13 HEX HA . -25.28 -7.86 26.12
H21 HEX HA . -22.91 -6.36 26.59
H22 HEX HA . -22.95 -7.94 26.43
H31 HEX HA . -24.20 -8.11 28.41
H32 HEX HA . -24.17 -6.53 28.57
H41 HEX HA . -21.84 -6.62 28.88
H42 HEX HA . -21.88 -8.19 28.72
H51 HEX HA . -23.13 -8.36 30.69
H52 HEX HA . -23.09 -6.79 30.85
H61 HEX HA . -21.27 -6.95 31.98
H62 HEX HA . -20.53 -7.64 30.76
H63 HEX HA . -21.31 -8.52 31.82
C1 HEX IA . -29.24 -3.83 30.15
C2 HEX IA . -27.92 -4.39 30.63
C3 HEX IA . -27.78 -4.39 32.13
C4 HEX IA . -26.46 -4.95 32.63
C5 HEX IA . -26.33 -4.95 34.14
C6 HEX IA . -25.02 -5.50 34.66
H11 HEX IA . -29.26 -3.86 29.17
H12 HEX IA . -29.33 -2.92 30.45
H13 HEX IA . -29.97 -4.38 30.51
H21 HEX IA . -27.19 -3.86 30.26
H22 HEX IA . -27.82 -5.31 30.31
H31 HEX IA . -28.51 -4.92 32.52
H32 HEX IA . -27.87 -3.48 32.46
H41 HEX IA . -25.74 -4.42 32.26
H42 HEX IA . -26.37 -5.86 32.31
H51 HEX IA . -27.07 -5.48 34.52
H52 HEX IA . -26.43 -4.03 34.46
H61 HEX IA . -24.56 -4.82 35.18
H62 HEX IA . -24.45 -5.78 33.92
H63 HEX IA . -25.20 -6.27 35.23
C1 NBU JA . -16.31 -12.25 43.39
C2 NBU JA . -14.90 -11.75 43.60
C3 NBU JA . -13.88 -12.85 43.67
C4 NBU JA . -13.92 -13.70 44.93
H11 NBU JA . -16.92 -11.48 43.35
H12 NBU JA . -16.57 -12.82 44.14
H13 NBU JA . -16.37 -12.75 42.57
H21 NBU JA . -14.87 -11.22 44.42
H22 NBU JA . -14.67 -11.16 42.86
H31 NBU JA . -12.99 -12.44 43.61
H32 NBU JA . -14.00 -13.44 42.90
H41 NBU JA . -14.09 -14.63 44.69
H42 NBU JA . -14.63 -13.39 45.52
H43 NBU JA . -13.07 -13.64 45.39
C1 D10 KA . -18.61 6.71 35.09
C2 D10 KA . -18.41 7.20 33.68
C3 D10 KA . -18.92 8.59 33.45
C4 D10 KA . -18.67 9.13 32.06
C5 D10 KA . -19.12 10.56 31.86
C6 D10 KA . -19.07 11.05 30.41
C7 D10 KA . -17.70 11.06 29.77
C8 D10 KA . -16.70 11.99 30.43
C9 D10 KA . -15.42 12.17 29.66
C10 D10 KA . -14.37 13.03 30.33
H11 D10 KA . -18.28 5.79 35.16
H12 D10 KA . -19.56 6.73 35.31
H13 D10 KA . -18.12 7.28 35.71
H21 D10 KA . -18.87 6.59 33.06
H22 D10 KA . -17.46 7.17 33.46
H31 D10 KA . -18.49 9.20 34.09
H32 D10 KA . -19.89 8.62 33.63
H41 D10 KA . -19.14 8.56 31.41
H42 D10 KA . -17.71 9.07 31.87
H51 D10 KA . -18.56 11.15 32.41
H52 D10 KA . -20.04 10.65 32.18
H61 D10 KA . -19.44 11.95 30.39
H62 D10 KA . -19.66 10.47 29.88
H71 D10 KA . -17.80 11.33 28.84
H72 D10 KA . -17.33 10.16 29.77
H81 D10 KA . -16.49 11.64 31.32
H82 D10 KA . -17.12 12.87 30.55
H91 D10 KA . -15.63 12.57 28.79
H92 D10 KA . -15.03 11.29 29.49
H101 D10 KA . -13.59 12.49 30.54
H102 D10 KA . -14.74 13.40 31.15
H103 D10 KA . -14.10 13.75 29.74
C1 NBU LA . -14.63 9.66 34.35
C2 NBU LA . -13.79 10.43 33.37
C3 NBU LA . -12.57 9.68 32.92
C4 NBU LA . -11.82 9.05 34.06
H11 NBU LA . -15.66 10.05 34.33
H12 NBU LA . -14.21 9.79 35.35
H13 NBU LA . -14.63 8.60 34.09
H21 NBU LA . -13.48 11.37 33.82
H22 NBU LA . -14.40 10.67 32.49
H31 NBU LA . -11.91 10.35 32.39
H32 NBU LA . -12.89 8.89 32.23
H41 NBU LA . -12.27 8.09 34.32
H42 NBU LA . -11.84 9.72 34.92
H43 NBU LA . -10.78 8.88 33.76
C1 NBU MA . -29.57 -11.87 30.74
C2 NBU MA . -28.62 -10.84 30.18
C3 NBU MA . -27.20 -11.33 30.08
C4 NBU MA . -26.47 -11.51 31.40
H11 NBU MA . -30.47 -11.49 30.77
H12 NBU MA . -29.29 -12.12 31.64
H13 NBU MA . -29.58 -12.66 30.17
H21 NBU MA . -28.64 -10.04 30.75
H22 NBU MA . -28.92 -10.58 29.28
H31 NBU MA . -26.69 -10.69 29.53
H32 NBU MA . -27.20 -12.19 29.61
H41 NBU MA . -26.20 -12.44 31.50
H42 NBU MA . -27.06 -11.26 32.13
H43 NBU MA . -25.68 -10.94 31.41
C1 HEX NA . -33.09 -0.82 34.56
C2 HEX NA . -33.49 -0.76 33.10
C3 HEX NA . -33.95 -2.09 32.55
C4 HEX NA . -34.35 -2.06 31.10
C5 HEX NA . -34.80 -3.39 30.56
C6 HEX NA . -35.22 -3.38 29.09
H11 HEX NA . -32.80 0.07 34.85
H12 HEX NA . -32.35 -1.44 34.68
H13 HEX NA . -33.84 -1.11 35.09
H21 HEX NA . -32.73 -0.45 32.57
H22 HEX NA . -34.22 -0.12 33.00
H31 HEX NA . -34.71 -2.40 33.09
H32 HEX NA . -33.22 -2.74 32.67
H41 HEX NA . -33.59 -1.75 30.56
H42 HEX NA . -35.08 -1.41 31.00
H51 HEX NA . -35.56 -3.70 31.09
H52 HEX NA . -34.07 -4.04 30.67
H61 HEX NA . -34.65 -3.99 28.59
H62 HEX NA . -35.12 -2.47 28.73
H63 HEX NA . -36.15 -3.65 29.02
N GLY OA . 5.46 25.40 -19.05
CA GLY OA . 6.54 26.23 -18.42
C GLY OA . 7.83 26.21 -19.21
O GLY OA . 7.89 26.67 -20.35
OXT GLY OA . 8.86 25.75 -18.72
C1 NAG PA . -7.27 42.74 -18.01
C2 NAG PA . -5.91 43.17 -17.49
C3 NAG PA . -5.58 44.56 -18.04
C4 NAG PA . -5.67 44.53 -19.57
C5 NAG PA . -7.04 44.04 -19.99
C6 NAG PA . -7.09 43.90 -21.50
C7 NAG PA . -4.93 43.60 -15.29
C8 NAG PA . -3.68 42.77 -15.24
N2 NAG PA . -5.91 43.12 -16.04
O3 NAG PA . -4.26 44.94 -17.63
O4 NAG PA . -5.54 45.83 -20.15
O5 NAG PA . -7.30 42.77 -19.43
O6 NAG PA . -8.36 43.35 -21.88
O7 NAG PA . -5.03 44.64 -14.67
C20 HP6 QA . -3.23 29.73 26.47
C21 HP6 QA . -2.86 28.51 27.29
C22 HP6 QA . -2.11 28.85 28.55
C23 HP6 QA . -1.74 27.64 29.38
C24 HP6 QA . -0.98 27.99 30.64
C25 HP6 QA . -0.61 26.79 31.48
C26 HP6 QA . 0.16 27.12 32.75
H201 HP6 QA . -3.72 29.44 25.66
H202 HP6 QA . -2.42 30.19 26.20
H203 HP6 QA . -3.80 30.32 26.99
H211 HP6 QA . -2.32 27.91 26.73
H212 HP6 QA . -3.68 28.03 27.53
H221 HP6 QA . -2.65 29.45 29.09
H222 HP6 QA . -1.29 29.33 28.30
H231 HP6 QA . -1.18 27.04 28.83
H232 HP6 QA . -2.55 27.17 29.63
H241 HP6 QA . -1.53 28.59 31.19
H242 HP6 QA . -0.15 28.47 30.40
H251 HP6 QA . -0.05 26.19 30.93
H252 HP6 QA . -1.42 26.31 31.73
H261 HP6 QA . -0.34 26.79 33.52
H262 HP6 QA . 0.28 28.08 32.83
H263 HP6 QA . 1.03 26.68 32.73
C20 HP6 RA . -3.57 23.86 26.30
C21 HP6 RA . -3.27 22.55 26.99
C22 HP6 RA . -2.71 22.73 28.39
C23 HP6 RA . -2.40 21.43 29.10
C24 HP6 RA . -1.83 21.61 30.49
C25 HP6 RA . -1.52 20.32 31.21
C26 HP6 RA . -0.96 20.48 32.60
H201 HP6 RA . -3.93 23.67 25.42
H202 HP6 RA . -2.75 24.38 26.22
H203 HP6 RA . -4.22 24.36 26.81
H211 HP6 RA . -2.63 22.04 26.46
H212 HP6 RA . -4.09 22.02 27.06
H221 HP6 RA . -3.35 23.23 28.93
H222 HP6 RA . -1.88 23.25 28.33
H231 HP6 RA . -1.76 20.92 28.56
H232 HP6 RA . -3.22 20.91 29.16
H241 HP6 RA . -2.47 22.12 31.02
H242 HP6 RA . -1.01 22.14 30.43
H251 HP6 RA . -0.89 19.81 30.67
H252 HP6 RA . -2.36 19.79 31.26
H261 HP6 RA . -1.54 20.04 33.24
H262 HP6 RA . -0.88 21.42 32.83
H263 HP6 RA . -0.08 20.07 32.65
C1 NBU SA . -8.34 20.23 30.20
C2 NBU SA . -6.83 20.36 30.27
C3 NBU SA . -6.11 19.04 30.24
C4 NBU SA . -6.24 18.19 31.50
H11 NBU SA . -8.73 21.12 30.22
H12 NBU SA . -8.65 19.72 30.97
H13 NBU SA . -8.59 19.78 29.38
H21 NBU SA . -6.59 20.83 31.10
H22 NBU SA . -6.52 20.90 29.52
H31 NBU SA . -5.15 19.21 30.10
H32 NBU SA . -6.44 18.52 29.48
H41 NBU SA . -6.66 17.34 31.27
H42 NBU SA . -6.81 18.66 32.16
H43 NBU SA . -5.37 18.03 31.88
C1 HEX TA . -11.07 17.59 25.35
C2 HEX TA . -9.93 16.66 25.72
C3 HEX TA . -10.06 16.07 27.09
C4 HEX TA . -8.93 15.15 27.48
C5 HEX TA . -9.06 14.53 28.86
C6 HEX TA . -7.93 13.61 29.26
H11 HEX TA . -10.93 17.94 24.45
H12 HEX TA . -11.12 18.32 25.98
H13 HEX TA . -11.91 17.08 25.36
H21 HEX TA . -9.09 17.17 25.67
H22 HEX TA . -9.88 15.94 25.06
H31 HEX TA . -10.90 15.57 27.14
H32 HEX TA . -10.12 16.78 27.75
H41 HEX TA . -8.09 15.64 27.44
H42 HEX TA . -8.87 14.42 26.82
H51 HEX TA . -9.91 14.04 28.89
H52 HEX TA . -9.12 15.27 29.51
H61 HEX TA . -7.50 13.96 30.06
H62 HEX TA . -7.28 13.55 28.55
H63 HEX TA . -8.30 12.72 29.44
C1 HEX UA . 13.29 26.20 22.13
C2 HEX UA . 13.88 25.37 23.25
C3 HEX UA . 12.94 25.18 24.41
C4 HEX UA . 13.51 24.36 25.55
C5 HEX UA . 12.57 24.17 26.71
C6 HEX UA . 13.13 23.34 27.85
H11 HEX UA . 13.95 26.29 21.41
H12 HEX UA . 13.05 27.08 22.46
H13 HEX UA . 12.50 25.75 21.78
H21 HEX UA . 14.69 25.82 23.57
H22 HEX UA . 14.13 24.50 22.91
H31 HEX UA . 12.13 24.75 24.09
H32 HEX UA . 12.69 26.06 24.76
H41 HEX UA . 14.33 24.80 25.87
H42 HEX UA . 13.77 23.48 25.20
H51 HEX UA . 11.76 23.73 26.38
H52 HEX UA . 12.32 25.05 27.05
H61 HEX UA . 13.14 23.88 28.67
H62 HEX UA . 14.05 23.06 27.65
H63 HEX UA . 12.58 22.56 27.99
C1 NBU VA . 17.62 21.73 23.57
C2 NBU VA . 17.05 21.80 22.18
C3 NBU VA . 18.08 21.68 21.11
C4 NBU VA . 19.23 22.63 21.31
H11 NBU VA . 16.86 21.39 24.27
H12 NBU VA . 17.97 22.72 23.87
H13 NBU VA . 18.45 21.03 23.58
H21 NBU VA . 16.52 22.74 22.06
H22 NBU VA . 16.31 20.99 22.06
H31 NBU VA . 17.62 21.88 20.15
H32 NBU VA . 18.45 20.66 21.09
H41 NBU VA . 19.96 22.18 21.99
H42 NBU VA . 18.86 23.56 21.73
H43 NBU VA . 19.70 22.83 20.34
C1 NBU WA . 35.92 -11.29 12.61
C2 NBU WA . 35.21 -12.17 13.62
C3 NBU WA . 34.44 -11.41 14.66
C4 NBU WA . 35.28 -10.66 15.68
H11 NBU WA . 36.40 -11.85 11.97
H12 NBU WA . 36.56 -10.72 13.07
H13 NBU WA . 35.28 -10.74 12.15
H21 NBU WA . 35.88 -12.74 14.07
H22 NBU WA . 34.59 -12.76 13.14
H31 NBU WA . 33.87 -12.04 15.14
H32 NBU WA . 33.87 -10.77 14.20
H41 NBU WA . 35.09 -9.71 15.64
H42 NBU WA . 36.23 -10.81 15.50
H43 NBU WA . 35.08 -11.00 16.57
N GLY XA . -4.52 -20.77 -26.23
CA GLY XA . -5.49 -19.75 -25.92
C GLY XA . -6.77 -20.29 -25.30
O GLY XA . -7.22 -21.38 -25.64
OXT GLY XA . -7.40 -19.64 -24.46
C1 NAG YA . 8.52 -28.30 -30.08
C2 NAG YA . 9.08 -28.25 -31.49
C3 NAG YA . 7.96 -28.22 -32.51
C4 NAG YA . 6.85 -29.20 -32.17
C5 NAG YA . 6.48 -29.16 -30.70
C6 NAG YA . 5.43 -30.20 -30.36
C7 NAG YA . 11.16 -27.00 -31.25
C8 NAG YA . 11.72 -25.62 -31.11
N2 NAG YA . 9.90 -27.07 -31.68
O3 NAG YA . 8.51 -28.54 -33.80
O4 NAG YA . 5.69 -28.87 -32.93
O5 NAG YA . 7.65 -29.40 -29.92
O6 NAG YA . 5.71 -31.41 -31.07
O7 NAG YA . 11.81 -28.00 -30.97
C1 D10 ZA . 16.82 -29.87 17.84
C2 D10 ZA . 15.94 -30.73 16.96
C3 D10 ZA . 15.07 -29.94 16.02
C4 D10 ZA . 14.25 -30.79 15.08
C5 D10 ZA . 13.43 -29.99 14.09
C6 D10 ZA . 12.43 -30.80 13.29
C7 D10 ZA . 13.02 -31.89 12.40
C8 D10 ZA . 13.93 -31.38 11.30
C9 D10 ZA . 14.34 -32.44 10.30
C10 D10 ZA . 15.32 -31.97 9.25
H11 D10 ZA . 17.34 -30.44 18.45
H12 D10 ZA . 16.27 -29.27 18.37
H13 D10 ZA . 17.43 -29.35 17.29
H21 D10 ZA . 15.36 -31.28 17.53
H22 D10 ZA . 16.51 -31.34 16.44
H31 D10 ZA . 15.65 -29.36 15.48
H32 D10 ZA . 14.48 -29.36 16.54
H41 D10 ZA . 13.63 -31.33 15.62
H42 D10 ZA . 14.83 -31.39 14.60
H51 D10 ZA . 14.05 -29.54 13.47
H52 D10 ZA . 12.94 -29.29 14.57
H61 D10 ZA . 11.91 -30.19 12.72
H62 D10 ZA . 11.80 -31.22 13.92
H71 D10 ZA . 12.28 -32.37 11.98
H72 D10 ZA . 13.51 -32.52 12.96
H81 D10 ZA . 14.74 -31.02 11.72
H82 D10 ZA . 13.49 -30.65 10.83
H91 D10 ZA . 13.52 -32.76 9.86
H92 D10 ZA . 14.74 -33.19 10.79
H101 D10 ZA . 16.16 -32.45 9.34
H102 D10 ZA . 15.48 -31.02 9.34
H103 D10 ZA . 14.95 -32.15 8.36
C1 UND AB . 28.24 -9.73 17.41
C2 UND AB . 28.95 -9.86 16.08
C3 UND AB . 28.40 -8.96 15.01
C4 UND AB . 29.19 -8.98 13.71
C5 UND AB . 29.03 -10.25 12.92
C6 UND AB . 29.71 -10.23 11.57
C7 UND AB . 29.56 -11.51 10.78
C8 UND AB . 30.34 -11.53 9.48
C9 UND AB . 29.78 -10.62 8.41
C10 UND AB . 30.48 -10.74 7.08
C11 UND AB . 29.96 -9.83 5.99
H11 UND AB . 28.63 -10.34 18.05
H12 UND AB . 27.30 -9.96 17.29
H13 UND AB . 28.32 -8.82 17.73
H21 UND AB . 28.89 -10.80 15.78
H22 UND AB . 29.90 -9.66 16.20
H31 UND AB . 28.38 -8.04 15.34
H32 UND AB . 27.47 -9.23 14.82
H41 UND AB . 30.13 -8.85 13.92
H42 UND AB . 28.89 -8.23 13.16
H51 UND AB . 28.08 -10.44 12.79
H52 UND AB . 29.40 -11.00 13.44
H61 UND AB . 30.66 -10.05 11.70
H62 UND AB . 29.33 -9.49 11.05
H71 UND AB . 28.60 -11.63 10.57
H72 UND AB . 29.84 -12.26 11.33
H81 UND AB . 30.35 -12.45 9.14
H82 UND AB . 31.27 -11.26 9.67
H91 UND AB . 29.86 -9.69 8.71
H92 UND AB . 28.84 -10.83 8.29
H101 UND AB . 30.41 -11.67 6.76
H102 UND AB . 31.45 -10.55 7.21
H111 UND AB . 30.67 -9.24 5.68
H112 UND AB . 29.23 -9.29 6.33
H113 UND AB . 29.64 -10.36 5.25
C1 OCT BB . 29.53 -17.33 3.45
C2 OCT BB . 29.84 -17.19 4.92
C3 OCT BB . 29.53 -18.44 5.72
C4 OCT BB . 29.84 -18.33 7.19
C5 OCT BB . 29.55 -19.58 7.97
C6 OCT BB . 29.72 -19.42 9.47
C7 OCT BB . 31.16 -19.31 9.92
C8 OCT BB . 31.37 -19.29 11.42
H11 OCT BB . 29.75 -16.50 2.99
H12 OCT BB . 28.58 -17.52 3.33
H13 OCT BB . 30.06 -18.05 3.06
H21 OCT BB . 29.31 -16.45 5.29
H22 OCT BB . 30.79 -16.97 5.02
H31 OCT BB . 30.05 -19.19 5.34
H32 OCT BB . 28.59 -18.65 5.60
H41 OCT BB . 29.31 -17.58 7.56
H42 OCT BB . 30.78 -18.10 7.29
H51 OCT BB . 30.14 -20.29 7.67
H52 OCT BB . 28.63 -19.86 7.80
H61 OCT BB . 29.32 -20.20 9.91
H62 OCT BB . 29.24 -18.61 9.76
H71 OCT BB . 31.54 -18.49 9.54
H72 OCT BB . 31.66 -20.07 9.55
H81 OCT BB . 31.94 -20.03 11.68
H82 OCT BB . 30.51 -19.36 11.87
H83 OCT BB . 31.79 -18.45 11.68
C1 OCT CB . 31.90 -23.81 14.04
C2 OCT CB . 32.09 -24.82 12.94
C3 OCT CB . 31.73 -24.31 11.57
C4 OCT CB . 31.92 -25.31 10.46
C5 OCT CB . 31.58 -24.79 9.09
C6 OCT CB . 31.62 -25.83 7.99
C7 OCT CB . 33.02 -26.27 7.62
C8 OCT CB . 33.10 -27.22 6.44
H11 OCT CB . 32.15 -24.19 14.90
H12 OCT CB . 30.97 -23.52 14.07
H13 OCT CB . 32.47 -23.03 13.86
H21 OCT CB . 31.53 -25.60 13.13
H22 OCT CB . 33.03 -25.12 12.94
H31 OCT CB . 32.30 -23.52 11.38
H32 OCT CB . 30.80 -24.01 11.58
H41 OCT CB . 31.36 -26.10 10.65
H42 OCT CB . 32.85 -25.62 10.46
H51 OCT CB . 32.20 -24.07 8.86
H52 OCT CB . 30.68 -24.40 9.11
H61 OCT CB . 31.19 -25.46 7.20
H62 OCT CB . 31.11 -26.62 8.29
H71 OCT CB . 33.43 -26.71 8.41
H72 OCT CB . 33.56 -25.48 7.43
H81 OCT CB . 33.65 -26.82 5.75
H82 OCT CB . 32.21 -27.39 6.09
H83 OCT CB . 33.50 -28.07 6.73
C1 HEX DB . 32.57 -20.19 27.47
C2 HEX DB . 33.75 -21.13 27.59
C3 HEX DB . 33.75 -21.94 28.85
C4 HEX DB . 34.93 -22.88 28.98
C5 HEX DB . 34.93 -23.70 30.26
C6 HEX DB . 36.11 -24.64 30.41
H11 HEX DB . 32.62 -19.69 26.63
H12 HEX DB . 32.56 -19.57 28.21
H13 HEX DB . 31.74 -20.72 27.48
H21 HEX DB . 34.58 -20.59 27.55
H22 HEX DB . 33.76 -21.73 26.82
H31 HEX DB . 32.92 -22.47 28.88
H32 HEX DB . 33.75 -21.33 29.62
H41 HEX DB . 35.75 -22.34 28.95
H42 HEX DB . 34.93 -23.48 28.22
H51 HEX DB . 34.10 -24.22 30.29
H52 HEX DB . 34.93 -23.08 31.02
H61 HEX DB . 36.60 -24.41 31.21
H62 HEX DB . 36.69 -24.57 29.64
H63 HEX DB . 35.78 -25.55 30.48
C1 HEX EB . 19.07 -31.58 30.83
C2 HEX EB . 20.49 -31.76 31.30
C3 HEX EB . 20.61 -32.64 32.52
C4 HEX EB . 22.03 -32.84 33.00
C5 HEX EB . 22.15 -33.72 34.22
C6 HEX EB . 23.58 -33.94 34.70
H11 HEX EB . 19.05 -31.00 30.05
H12 HEX EB . 18.54 -31.16 31.55
H13 HEX EB . 18.67 -32.44 30.62
H21 HEX EB . 20.88 -30.89 31.50
H22 HEX EB . 21.01 -32.17 30.57
H31 HEX EB . 20.22 -33.51 32.32
H32 HEX EB . 20.10 -32.24 33.25
H41 HEX EB . 22.43 -31.97 33.19
H42 HEX EB . 22.55 -33.25 32.26
H51 HEX EB . 21.75 -34.60 34.02
H52 HEX EB . 21.63 -33.31 34.94
H61 HEX EB . 23.66 -33.61 35.62
H62 HEX EB . 24.20 -33.46 34.13
H63 HEX EB . 23.79 -34.89 34.69
#